data_2MPU
#
_entry.id   2MPU
#
_entity_poly.entity_id   1
_entity_poly.type   'polypeptide(L)'
_entity_poly.pdbx_seq_one_letter_code
;MAESDGAEYRCFVGSLSWNTDDRGLEAAFSSFGEILDAKIINDRETGRSRGFGFVSFSNEQAMQDAIEGMNGKELDGRSI
VVNEAQSRGYGG
;
_entity_poly.pdbx_strand_id   A
#
# COMPACT_ATOMS: atom_id res chain seq x y z
N MET A 1 -6.79 -17.13 -15.03
CA MET A 1 -7.49 -16.27 -14.06
C MET A 1 -7.49 -14.83 -14.56
N ALA A 2 -8.59 -14.11 -14.35
CA ALA A 2 -8.80 -12.75 -14.85
C ALA A 2 -8.34 -11.71 -13.81
N GLU A 3 -7.15 -11.15 -14.04
CA GLU A 3 -6.67 -9.93 -13.37
C GLU A 3 -7.31 -8.70 -14.03
N SER A 4 -8.42 -8.23 -13.46
CA SER A 4 -9.14 -6.99 -13.85
C SER A 4 -9.03 -5.90 -12.77
N ASP A 5 -9.60 -4.70 -12.99
CA ASP A 5 -9.73 -3.67 -11.93
C ASP A 5 -10.74 -4.07 -10.83
N GLY A 6 -11.62 -5.04 -11.11
CA GLY A 6 -12.52 -5.66 -10.13
C GLY A 6 -11.92 -6.86 -9.39
N ALA A 7 -10.83 -7.45 -9.91
CA ALA A 7 -10.24 -8.71 -9.46
C ALA A 7 -8.70 -8.67 -9.43
N GLU A 8 -8.15 -7.69 -8.71
CA GLU A 8 -6.70 -7.47 -8.49
C GLU A 8 -6.37 -7.36 -6.99
N TYR A 9 -5.07 -7.42 -6.66
CA TYR A 9 -4.57 -7.45 -5.29
C TYR A 9 -3.90 -6.10 -4.96
N ARG A 10 -4.75 -5.09 -4.67
CA ARG A 10 -4.39 -3.68 -4.45
C ARG A 10 -4.96 -3.21 -3.11
N CYS A 11 -4.11 -2.65 -2.24
CA CYS A 11 -4.49 -2.21 -0.90
C CYS A 11 -3.81 -0.89 -0.49
N PHE A 12 -4.42 -0.17 0.44
CA PHE A 12 -4.00 1.14 0.95
C PHE A 12 -2.98 1.01 2.08
N VAL A 13 -2.05 1.96 2.15
CA VAL A 13 -0.98 2.04 3.14
C VAL A 13 -0.86 3.50 3.61
N GLY A 14 -1.25 3.77 4.86
CA GLY A 14 -1.07 5.07 5.52
C GLY A 14 0.10 5.07 6.50
N SER A 15 0.95 6.11 6.47
CA SER A 15 2.06 6.38 7.43
C SER A 15 2.97 7.52 6.98
N LEU A 16 3.12 7.67 5.66
CA LEU A 16 4.20 8.41 4.99
C LEU A 16 4.25 9.89 5.36
N SER A 17 5.39 10.49 5.04
CA SER A 17 5.81 11.83 5.46
C SER A 17 6.63 12.52 4.36
N TRP A 18 7.00 13.78 4.57
CA TRP A 18 8.04 14.48 3.80
C TRP A 18 9.40 13.75 3.68
N ASN A 19 9.65 12.72 4.50
CA ASN A 19 10.82 11.83 4.40
C ASN A 19 10.51 10.48 3.72
N THR A 20 9.30 9.93 3.83
CA THR A 20 8.93 8.61 3.26
C THR A 20 8.37 8.67 1.84
N ASP A 21 8.64 7.65 1.03
CA ASP A 21 8.09 7.48 -0.32
C ASP A 21 7.66 6.04 -0.61
N ASP A 22 7.15 5.77 -1.83
CA ASP A 22 6.71 4.44 -2.26
C ASP A 22 7.80 3.36 -2.11
N ARG A 23 9.08 3.72 -2.29
CA ARG A 23 10.23 2.82 -2.11
C ARG A 23 10.29 2.26 -0.69
N GLY A 24 9.98 3.08 0.33
CA GLY A 24 10.02 2.72 1.74
C GLY A 24 8.91 1.76 2.16
N LEU A 25 7.70 1.88 1.60
CA LEU A 25 6.63 0.90 1.84
C LEU A 25 6.81 -0.36 0.98
N GLU A 26 7.30 -0.24 -0.26
CA GLU A 26 7.69 -1.39 -1.08
C GLU A 26 8.71 -2.27 -0.33
N ALA A 27 9.73 -1.68 0.30
CA ALA A 27 10.75 -2.40 1.07
C ALA A 27 10.24 -3.06 2.36
N ALA A 28 9.08 -2.64 2.89
CA ALA A 28 8.40 -3.28 4.00
C ALA A 28 7.43 -4.42 3.58
N PHE A 29 6.94 -4.39 2.34
CA PHE A 29 5.99 -5.39 1.78
C PHE A 29 6.65 -6.42 0.83
N SER A 30 7.83 -6.12 0.26
CA SER A 30 8.54 -6.99 -0.70
C SER A 30 8.90 -8.37 -0.12
N SER A 31 8.99 -8.46 1.20
CA SER A 31 9.21 -9.68 1.99
C SER A 31 8.04 -10.66 2.00
N PHE A 32 6.84 -10.25 1.55
CA PHE A 32 5.67 -11.12 1.39
C PHE A 32 5.52 -11.67 -0.04
N GLY A 33 5.80 -10.86 -1.07
CA GLY A 33 5.68 -11.27 -2.47
C GLY A 33 6.15 -10.22 -3.50
N GLU A 34 6.07 -10.58 -4.78
CA GLU A 34 6.50 -9.77 -5.93
C GLU A 34 5.53 -8.59 -6.17
N ILE A 35 6.03 -7.37 -6.01
CA ILE A 35 5.27 -6.12 -6.15
C ILE A 35 5.05 -5.75 -7.63
N LEU A 36 3.85 -5.27 -7.94
CA LEU A 36 3.48 -4.62 -9.21
C LEU A 36 3.67 -3.11 -9.15
N ASP A 37 3.20 -2.45 -8.08
CA ASP A 37 3.33 -1.00 -7.90
C ASP A 37 3.38 -0.62 -6.42
N ALA A 38 3.91 0.57 -6.15
CA ALA A 38 3.49 1.36 -5.02
C ALA A 38 3.32 2.82 -5.46
N LYS A 39 2.39 3.54 -4.82
CA LYS A 39 2.08 4.96 -5.06
C LYS A 39 2.33 5.74 -3.78
N ILE A 40 2.93 6.92 -3.91
CA ILE A 40 2.98 7.96 -2.87
C ILE A 40 2.42 9.27 -3.44
N ILE A 41 1.52 9.91 -2.68
CA ILE A 41 0.78 11.10 -3.14
C ILE A 41 0.92 12.31 -2.19
N ASN A 42 1.04 13.48 -2.83
CA ASN A 42 1.24 14.82 -2.28
C ASN A 42 0.58 15.85 -3.20
N ASP A 43 0.39 17.11 -2.78
CA ASP A 43 0.27 18.22 -3.74
C ASP A 43 1.65 18.75 -4.14
N ARG A 44 2.08 18.50 -5.39
CA ARG A 44 3.37 18.91 -5.95
C ARG A 44 3.52 20.43 -6.15
N GLU A 45 2.41 21.17 -6.16
CA GLU A 45 2.43 22.63 -6.14
C GLU A 45 2.74 23.13 -4.73
N THR A 46 1.98 22.65 -3.74
CA THR A 46 2.02 23.16 -2.37
C THR A 46 3.18 22.56 -1.54
N GLY A 47 3.75 21.43 -1.97
CA GLY A 47 4.82 20.73 -1.26
C GLY A 47 4.31 19.98 -0.01
N ARG A 48 3.08 19.46 -0.09
CA ARG A 48 2.32 18.93 1.06
C ARG A 48 1.95 17.45 0.84
N SER A 49 2.46 16.54 1.66
CA SER A 49 2.16 15.10 1.53
C SER A 49 0.73 14.75 2.00
N ARG A 50 0.06 13.85 1.26
CA ARG A 50 -1.12 13.11 1.74
C ARG A 50 -0.71 12.06 2.78
N GLY A 51 0.53 11.57 2.66
CA GLY A 51 1.16 10.66 3.61
C GLY A 51 0.63 9.23 3.55
N PHE A 52 0.12 8.83 2.40
CA PHE A 52 -0.39 7.50 2.11
C PHE A 52 -0.23 7.17 0.62
N GLY A 53 -0.68 5.98 0.26
CA GLY A 53 -0.97 5.60 -1.12
C GLY A 53 -1.43 4.16 -1.21
N PHE A 54 -1.19 3.52 -2.35
CA PHE A 54 -1.48 2.10 -2.54
C PHE A 54 -0.22 1.25 -2.74
N VAL A 55 -0.34 -0.04 -2.44
CA VAL A 55 0.62 -1.10 -2.74
C VAL A 55 -0.11 -2.25 -3.45
N SER A 56 0.52 -2.91 -4.43
CA SER A 56 -0.10 -4.01 -5.18
C SER A 56 0.83 -5.20 -5.41
N PHE A 57 0.28 -6.41 -5.32
CA PHE A 57 0.99 -7.68 -5.44
C PHE A 57 0.62 -8.45 -6.71
N SER A 58 1.55 -9.28 -7.17
CA SER A 58 1.35 -10.26 -8.25
C SER A 58 0.54 -11.50 -7.82
N ASN A 59 0.34 -11.70 -6.51
CA ASN A 59 -0.26 -12.89 -5.90
C ASN A 59 -1.20 -12.49 -4.75
N GLU A 60 -2.25 -13.29 -4.49
CA GLU A 60 -3.22 -12.96 -3.44
C GLU A 60 -2.76 -13.37 -2.03
N GLN A 61 -2.06 -14.50 -1.90
CA GLN A 61 -1.53 -15.01 -0.62
C GLN A 61 -0.61 -13.99 0.05
N ALA A 62 0.27 -13.33 -0.73
CA ALA A 62 1.13 -12.25 -0.26
C ALA A 62 0.33 -11.05 0.27
N MET A 63 -0.73 -10.63 -0.42
CA MET A 63 -1.59 -9.52 0.02
C MET A 63 -2.32 -9.87 1.33
N GLN A 64 -2.87 -11.07 1.45
CA GLN A 64 -3.69 -11.44 2.60
C GLN A 64 -2.86 -11.77 3.86
N ASP A 65 -1.72 -12.46 3.73
CA ASP A 65 -0.80 -12.69 4.85
C ASP A 65 -0.13 -11.38 5.30
N ALA A 66 0.06 -10.40 4.40
CA ALA A 66 0.48 -9.06 4.78
C ALA A 66 -0.61 -8.36 5.60
N ILE A 67 -1.80 -8.12 5.04
CA ILE A 67 -2.89 -7.37 5.70
C ILE A 67 -3.24 -7.92 7.10
N GLU A 68 -3.38 -9.24 7.27
CA GLU A 68 -3.69 -9.84 8.59
C GLU A 68 -2.56 -9.66 9.63
N GLY A 69 -1.32 -9.41 9.19
CA GLY A 69 -0.17 -9.08 10.06
C GLY A 69 0.14 -7.58 10.20
N MET A 70 -0.22 -6.76 9.21
CA MET A 70 0.20 -5.35 9.04
C MET A 70 -0.52 -4.36 9.96
N ASN A 71 -1.74 -4.66 10.40
CA ASN A 71 -2.52 -3.75 11.26
C ASN A 71 -1.69 -3.29 12.49
N GLY A 72 -1.40 -1.99 12.55
CA GLY A 72 -0.72 -1.35 13.69
C GLY A 72 0.82 -1.45 13.72
N LYS A 73 1.47 -1.97 12.66
CA LYS A 73 2.94 -1.98 12.54
C LYS A 73 3.53 -0.57 12.37
N GLU A 74 4.84 -0.42 12.49
CA GLU A 74 5.54 0.88 12.43
C GLU A 74 6.54 0.95 11.25
N LEU A 75 6.31 1.86 10.30
CA LEU A 75 7.13 2.11 9.09
C LEU A 75 7.72 3.52 9.12
N ASP A 76 9.00 3.64 8.80
CA ASP A 76 9.77 4.90 8.76
C ASP A 76 9.55 5.85 9.97
N GLY A 77 9.31 5.28 11.15
CA GLY A 77 9.03 6.00 12.40
C GLY A 77 7.57 6.47 12.57
N ARG A 78 6.60 5.89 11.85
CA ARG A 78 5.16 6.21 11.90
C ARG A 78 4.30 4.93 12.02
N SER A 79 3.18 4.99 12.75
CA SER A 79 2.27 3.84 12.90
C SER A 79 1.29 3.71 11.72
N ILE A 80 1.12 2.50 11.18
CA ILE A 80 0.39 2.24 9.92
C ILE A 80 -1.07 1.79 10.11
N VAL A 81 -1.84 1.89 9.02
CA VAL A 81 -3.16 1.25 8.84
C VAL A 81 -3.22 0.59 7.47
N VAL A 82 -3.85 -0.59 7.38
CA VAL A 82 -4.04 -1.37 6.14
C VAL A 82 -5.52 -1.66 5.85
N ASN A 83 -5.97 -1.45 4.61
CA ASN A 83 -7.21 -2.05 4.08
C ASN A 83 -7.19 -2.17 2.55
N GLU A 84 -8.08 -2.97 1.96
CA GLU A 84 -8.20 -3.11 0.50
C GLU A 84 -8.56 -1.78 -0.20
N ALA A 85 -8.15 -1.64 -1.47
CA ALA A 85 -8.31 -0.42 -2.27
C ALA A 85 -8.91 -0.66 -3.67
N GLN A 86 -9.57 -1.81 -3.85
CA GLN A 86 -10.09 -2.28 -5.15
C GLN A 86 -11.41 -1.60 -5.53
N SER A 87 -12.40 -1.54 -4.63
CA SER A 87 -13.73 -0.98 -4.98
C SER A 87 -13.70 0.55 -5.07
N ARG A 88 -12.94 1.23 -4.19
CA ARG A 88 -12.71 2.69 -4.27
C ARG A 88 -11.88 3.10 -5.50
N GLY A 89 -10.97 2.23 -5.94
CA GLY A 89 -10.22 2.38 -7.19
C GLY A 89 -11.07 2.14 -8.44
N TYR A 90 -11.95 1.14 -8.42
CA TYR A 90 -12.91 0.82 -9.49
C TYR A 90 -14.05 1.84 -9.60
N GLY A 91 -14.50 2.43 -8.49
CA GLY A 91 -15.50 3.50 -8.43
C GLY A 91 -16.96 3.08 -8.69
N GLY A 92 -17.21 1.78 -8.90
CA GLY A 92 -18.53 1.21 -9.24
C GLY A 92 -19.52 1.27 -8.08
N MET A 1 -10.68 -11.78 -1.37
CA MET A 1 -12.13 -12.02 -1.27
C MET A 1 -12.60 -12.93 -2.41
N ALA A 2 -13.11 -12.38 -3.51
CA ALA A 2 -13.33 -13.08 -4.77
C ALA A 2 -12.88 -12.19 -5.94
N GLU A 3 -11.61 -12.32 -6.32
CA GLU A 3 -10.98 -11.44 -7.32
C GLU A 3 -11.28 -11.90 -8.76
N SER A 4 -12.46 -11.53 -9.24
CA SER A 4 -12.97 -11.77 -10.60
C SER A 4 -12.36 -10.77 -11.61
N ASP A 5 -12.78 -10.82 -12.88
CA ASP A 5 -12.16 -10.08 -13.99
C ASP A 5 -12.20 -8.53 -13.86
N GLY A 6 -13.04 -8.00 -12.97
CA GLY A 6 -13.10 -6.57 -12.62
C GLY A 6 -12.10 -6.10 -11.55
N ALA A 7 -11.43 -7.02 -10.84
CA ALA A 7 -10.62 -6.73 -9.64
C ALA A 7 -9.13 -7.07 -9.83
N GLU A 8 -8.27 -6.48 -8.99
CA GLU A 8 -6.84 -6.80 -8.89
C GLU A 8 -6.35 -6.85 -7.43
N TYR A 9 -5.18 -7.44 -7.18
CA TYR A 9 -4.59 -7.55 -5.83
C TYR A 9 -3.95 -6.20 -5.39
N ARG A 10 -4.76 -5.23 -4.92
CA ARG A 10 -4.27 -3.91 -4.44
C ARG A 10 -4.86 -3.46 -3.09
N CYS A 11 -4.06 -2.76 -2.28
CA CYS A 11 -4.43 -2.28 -0.93
C CYS A 11 -3.98 -0.82 -0.66
N PHE A 12 -4.62 -0.18 0.30
CA PHE A 12 -4.32 1.16 0.84
C PHE A 12 -3.37 1.08 2.06
N VAL A 13 -2.55 2.12 2.25
CA VAL A 13 -1.61 2.29 3.37
C VAL A 13 -1.55 3.75 3.81
N GLY A 14 -1.89 4.05 5.07
CA GLY A 14 -1.67 5.36 5.68
C GLY A 14 -0.46 5.35 6.62
N SER A 15 0.55 6.20 6.37
CA SER A 15 1.76 6.35 7.22
C SER A 15 2.72 7.44 6.74
N LEU A 16 2.84 7.67 5.43
CA LEU A 16 3.93 8.45 4.81
C LEU A 16 4.09 9.87 5.38
N SER A 17 5.32 10.38 5.33
CA SER A 17 5.76 11.69 5.83
C SER A 17 6.58 12.45 4.76
N TRP A 18 7.04 13.67 5.05
CA TRP A 18 8.10 14.34 4.28
C TRP A 18 9.35 13.47 3.99
N ASN A 19 9.62 12.45 4.81
CA ASN A 19 10.76 11.54 4.68
C ASN A 19 10.45 10.30 3.80
N THR A 20 9.21 9.81 3.84
CA THR A 20 8.80 8.52 3.25
C THR A 20 8.34 8.63 1.79
N ASP A 21 8.49 7.54 1.04
CA ASP A 21 7.86 7.34 -0.26
C ASP A 21 7.39 5.88 -0.47
N ASP A 22 6.94 5.56 -1.69
CA ASP A 22 6.61 4.19 -2.12
C ASP A 22 7.76 3.18 -1.86
N ARG A 23 9.02 3.63 -2.00
CA ARG A 23 10.22 2.77 -1.98
C ARG A 23 10.52 2.16 -0.62
N GLY A 24 10.37 2.92 0.47
CA GLY A 24 10.56 2.39 1.82
C GLY A 24 9.46 1.39 2.23
N LEU A 25 8.25 1.54 1.68
CA LEU A 25 7.19 0.54 1.82
C LEU A 25 7.41 -0.67 0.89
N GLU A 26 7.89 -0.46 -0.35
CA GLU A 26 8.20 -1.55 -1.28
C GLU A 26 9.17 -2.57 -0.64
N ALA A 27 10.22 -2.11 0.06
CA ALA A 27 11.13 -2.98 0.77
C ALA A 27 10.46 -3.73 1.94
N ALA A 28 9.66 -3.03 2.76
CA ALA A 28 8.97 -3.63 3.91
C ALA A 28 7.87 -4.64 3.51
N PHE A 29 7.23 -4.47 2.36
CA PHE A 29 6.23 -5.40 1.81
C PHE A 29 6.83 -6.51 0.94
N SER A 30 8.01 -6.32 0.34
CA SER A 30 8.64 -7.33 -0.53
C SER A 30 8.95 -8.66 0.18
N SER A 31 9.03 -8.64 1.52
CA SER A 31 9.17 -9.84 2.34
C SER A 31 8.00 -10.83 2.19
N PHE A 32 6.80 -10.35 1.85
CA PHE A 32 5.59 -11.16 1.65
C PHE A 32 5.39 -11.63 0.20
N GLY A 33 5.94 -10.90 -0.78
CA GLY A 33 5.91 -11.33 -2.19
C GLY A 33 6.37 -10.27 -3.20
N GLU A 34 6.18 -10.59 -4.49
CA GLU A 34 6.54 -9.75 -5.63
C GLU A 34 5.59 -8.55 -5.79
N ILE A 35 6.10 -7.33 -5.64
CA ILE A 35 5.37 -6.08 -5.89
C ILE A 35 5.29 -5.79 -7.40
N LEU A 36 4.10 -5.41 -7.85
CA LEU A 36 3.84 -4.88 -9.19
C LEU A 36 3.87 -3.35 -9.22
N ASP A 37 3.41 -2.66 -8.17
CA ASP A 37 3.35 -1.19 -8.12
C ASP A 37 3.15 -0.70 -6.68
N ALA A 38 3.53 0.55 -6.40
CA ALA A 38 3.01 1.30 -5.27
C ALA A 38 2.81 2.78 -5.63
N LYS A 39 1.80 3.44 -5.04
CA LYS A 39 1.55 4.88 -5.22
C LYS A 39 2.03 5.66 -4.02
N ILE A 40 2.73 6.75 -4.29
CA ILE A 40 3.07 7.81 -3.33
C ILE A 40 2.34 9.09 -3.74
N ILE A 41 1.75 9.81 -2.79
CA ILE A 41 1.24 11.17 -3.03
C ILE A 41 1.79 12.21 -2.04
N ASN A 42 2.43 13.24 -2.61
CA ASN A 42 3.05 14.39 -1.95
C ASN A 42 3.22 15.55 -2.96
N ASP A 43 3.23 16.80 -2.52
CA ASP A 43 4.04 17.83 -3.20
C ASP A 43 5.12 18.43 -2.28
N ARG A 44 6.39 18.14 -2.57
CA ARG A 44 7.57 18.71 -1.89
C ARG A 44 7.76 20.19 -2.19
N GLU A 45 7.39 20.62 -3.39
CA GLU A 45 7.48 22.02 -3.85
C GLU A 45 6.49 22.94 -3.09
N THR A 46 5.24 22.51 -2.90
CA THR A 46 4.18 23.30 -2.23
C THR A 46 3.83 22.82 -0.81
N GLY A 47 4.67 21.97 -0.20
CA GLY A 47 4.62 21.67 1.24
C GLY A 47 3.43 20.82 1.71
N ARG A 48 2.87 19.98 0.84
CA ARG A 48 1.65 19.19 1.09
C ARG A 48 1.90 17.68 1.01
N SER A 49 2.30 17.08 2.13
CA SER A 49 2.44 15.63 2.25
C SER A 49 1.09 15.00 2.60
N ARG A 50 0.43 14.36 1.61
CA ARG A 50 -0.87 13.69 1.82
C ARG A 50 -0.77 12.49 2.74
N GLY A 51 0.39 11.81 2.71
CA GLY A 51 0.82 10.87 3.74
C GLY A 51 0.17 9.48 3.70
N PHE A 52 -0.32 9.08 2.52
CA PHE A 52 -0.85 7.75 2.24
C PHE A 52 -0.42 7.28 0.85
N GLY A 53 -0.63 6.00 0.59
CA GLY A 53 -0.31 5.36 -0.69
C GLY A 53 -1.16 4.12 -0.96
N PHE A 54 -0.95 3.54 -2.14
CA PHE A 54 -1.44 2.22 -2.52
C PHE A 54 -0.29 1.23 -2.75
N VAL A 55 -0.54 -0.08 -2.66
CA VAL A 55 0.39 -1.17 -3.01
C VAL A 55 -0.35 -2.23 -3.82
N SER A 56 0.29 -2.78 -4.87
CA SER A 56 -0.25 -3.85 -5.72
C SER A 56 0.69 -5.06 -5.82
N PHE A 57 0.11 -6.26 -5.73
CA PHE A 57 0.78 -7.54 -5.54
C PHE A 57 0.63 -8.45 -6.77
N SER A 58 1.55 -9.41 -6.92
CA SER A 58 1.50 -10.44 -7.97
C SER A 58 0.59 -11.62 -7.60
N ASN A 59 0.39 -11.92 -6.31
CA ASN A 59 -0.31 -13.12 -5.82
C ASN A 59 -1.28 -12.84 -4.65
N GLU A 60 -2.32 -13.67 -4.53
CA GLU A 60 -3.49 -13.51 -3.65
C GLU A 60 -3.15 -13.64 -2.14
N GLN A 61 -2.30 -14.59 -1.76
CA GLN A 61 -1.85 -14.75 -0.36
C GLN A 61 -0.97 -13.59 0.11
N ALA A 62 -0.08 -13.08 -0.76
CA ALA A 62 0.89 -12.04 -0.40
C ALA A 62 0.20 -10.72 0.02
N MET A 63 -0.88 -10.36 -0.66
CA MET A 63 -1.74 -9.22 -0.28
C MET A 63 -2.38 -9.42 1.10
N GLN A 64 -2.88 -10.62 1.40
CA GLN A 64 -3.62 -10.91 2.63
C GLN A 64 -2.72 -11.00 3.85
N ASP A 65 -1.63 -11.78 3.79
CA ASP A 65 -0.73 -12.00 4.92
C ASP A 65 0.11 -10.77 5.25
N ALA A 66 0.32 -9.87 4.28
CA ALA A 66 0.88 -8.55 4.55
C ALA A 66 -0.09 -7.74 5.44
N ILE A 67 -1.31 -7.46 4.99
CA ILE A 67 -2.37 -6.77 5.76
C ILE A 67 -2.58 -7.42 7.15
N GLU A 68 -2.62 -8.75 7.21
CA GLU A 68 -2.82 -9.52 8.46
C GLU A 68 -1.67 -9.35 9.48
N GLY A 69 -0.46 -8.98 9.05
CA GLY A 69 0.66 -8.58 9.92
C GLY A 69 0.82 -7.05 10.09
N MET A 70 0.47 -6.26 9.07
CA MET A 70 0.70 -4.80 8.99
C MET A 70 -0.11 -3.98 9.99
N ASN A 71 -1.28 -4.46 10.40
CA ASN A 71 -2.21 -3.71 11.26
C ASN A 71 -1.55 -3.24 12.58
N GLY A 72 -1.24 -1.93 12.65
CA GLY A 72 -0.65 -1.28 13.82
C GLY A 72 0.88 -1.32 13.93
N LYS A 73 1.62 -1.79 12.91
CA LYS A 73 3.10 -1.74 12.89
C LYS A 73 3.66 -0.31 12.79
N GLU A 74 4.88 -0.12 13.26
CA GLU A 74 5.72 1.05 12.95
C GLU A 74 6.49 0.84 11.64
N LEU A 75 6.28 1.70 10.63
CA LEU A 75 7.02 1.77 9.36
C LEU A 75 7.50 3.22 9.14
N ASP A 76 8.78 3.41 8.80
CA ASP A 76 9.46 4.71 8.76
C ASP A 76 9.41 5.49 10.10
N GLY A 77 9.16 4.79 11.22
CA GLY A 77 8.88 5.38 12.54
C GLY A 77 7.46 5.93 12.72
N ARG A 78 6.57 5.73 11.74
CA ARG A 78 5.14 6.14 11.74
C ARG A 78 4.24 4.92 11.89
N SER A 79 3.07 5.07 12.49
CA SER A 79 2.12 3.96 12.66
C SER A 79 1.30 3.73 11.38
N ILE A 80 1.18 2.47 10.95
CA ILE A 80 0.49 2.10 9.71
C ILE A 80 -0.91 1.53 9.95
N VAL A 81 -1.80 1.78 8.99
CA VAL A 81 -3.18 1.24 8.91
C VAL A 81 -3.37 0.63 7.52
N VAL A 82 -4.04 -0.53 7.46
CA VAL A 82 -4.11 -1.37 6.24
C VAL A 82 -5.53 -1.86 5.91
N ASN A 83 -5.95 -1.69 4.65
CA ASN A 83 -7.17 -2.29 4.08
C ASN A 83 -7.08 -2.46 2.56
N GLU A 84 -7.87 -3.35 1.97
CA GLU A 84 -7.99 -3.47 0.50
C GLU A 84 -8.51 -2.18 -0.16
N ALA A 85 -8.11 -1.96 -1.42
CA ALA A 85 -8.41 -0.78 -2.22
C ALA A 85 -8.96 -1.12 -3.63
N GLN A 86 -9.56 -2.30 -3.80
CA GLN A 86 -10.00 -2.81 -5.11
C GLN A 86 -11.03 -1.86 -5.78
N SER A 87 -11.81 -1.12 -4.99
CA SER A 87 -12.75 -0.10 -5.45
C SER A 87 -12.09 1.06 -6.19
N ARG A 88 -10.85 1.45 -5.84
CA ARG A 88 -10.17 2.65 -6.37
C ARG A 88 -9.54 2.50 -7.76
N GLY A 89 -9.63 1.31 -8.37
CA GLY A 89 -8.76 0.89 -9.47
C GLY A 89 -8.86 1.68 -10.77
N TYR A 90 -9.96 2.40 -11.03
CA TYR A 90 -10.21 3.07 -12.32
C TYR A 90 -9.93 4.58 -12.32
N GLY A 91 -9.97 5.25 -11.17
CA GLY A 91 -9.77 6.71 -11.08
C GLY A 91 -8.34 7.16 -11.38
N GLY A 92 -7.37 6.53 -10.70
CA GLY A 92 -5.93 6.82 -10.78
C GLY A 92 -5.12 6.08 -9.73
N MET A 1 -10.59 -13.30 -0.28
CA MET A 1 -10.26 -13.06 -1.70
C MET A 1 -10.36 -14.35 -2.51
N ALA A 2 -11.04 -14.29 -3.65
CA ALA A 2 -10.81 -15.16 -4.80
C ALA A 2 -10.87 -14.30 -6.06
N GLU A 3 -9.72 -13.78 -6.50
CA GLU A 3 -9.62 -12.73 -7.51
C GLU A 3 -9.08 -13.27 -8.85
N SER A 4 -10.01 -13.40 -9.80
CA SER A 4 -9.83 -13.82 -11.19
C SER A 4 -9.14 -12.75 -12.06
N ASP A 5 -8.97 -12.98 -13.38
CA ASP A 5 -8.02 -12.22 -14.21
C ASP A 5 -8.34 -10.72 -14.33
N GLY A 6 -9.63 -10.33 -14.34
CA GLY A 6 -10.05 -8.91 -14.38
C GLY A 6 -9.94 -8.17 -13.04
N ALA A 7 -9.83 -8.91 -11.93
CA ALA A 7 -9.73 -8.39 -10.57
C ALA A 7 -8.26 -8.25 -10.11
N GLU A 8 -8.06 -7.53 -8.99
CA GLU A 8 -6.72 -7.14 -8.53
C GLU A 8 -6.53 -7.23 -7.00
N TYR A 9 -5.29 -7.44 -6.57
CA TYR A 9 -4.93 -7.63 -5.16
C TYR A 9 -4.09 -6.41 -4.71
N ARG A 10 -4.81 -5.32 -4.43
CA ARG A 10 -4.25 -4.02 -4.02
C ARG A 10 -4.93 -3.44 -2.78
N CYS A 11 -4.23 -2.58 -2.05
CA CYS A 11 -4.69 -2.00 -0.78
C CYS A 11 -4.18 -0.57 -0.53
N PHE A 12 -4.89 0.18 0.31
CA PHE A 12 -4.45 1.43 0.92
C PHE A 12 -3.40 1.19 2.01
N VAL A 13 -2.47 2.14 2.15
CA VAL A 13 -1.57 2.32 3.30
C VAL A 13 -1.49 3.81 3.66
N GLY A 14 -1.36 4.13 4.95
CA GLY A 14 -1.09 5.51 5.39
C GLY A 14 -0.27 5.57 6.68
N SER A 15 0.85 6.28 6.61
CA SER A 15 1.91 6.40 7.64
C SER A 15 3.03 7.38 7.28
N LEU A 16 3.22 7.67 5.98
CA LEU A 16 4.41 8.34 5.44
C LEU A 16 4.56 9.78 5.93
N SER A 17 5.78 10.29 5.79
CA SER A 17 6.20 11.66 6.07
C SER A 17 6.62 12.37 4.77
N TRP A 18 6.97 13.66 4.85
CA TRP A 18 7.65 14.39 3.78
C TRP A 18 8.90 13.68 3.25
N ASN A 19 9.56 12.83 4.05
CA ASN A 19 10.75 12.06 3.64
C ASN A 19 10.46 10.59 3.27
N THR A 20 9.44 9.93 3.84
CA THR A 20 9.07 8.56 3.39
C THR A 20 8.42 8.57 2.01
N ASP A 21 8.61 7.50 1.24
CA ASP A 21 8.07 7.37 -0.12
C ASP A 21 7.74 5.93 -0.53
N ASP A 22 7.27 5.72 -1.78
CA ASP A 22 6.85 4.41 -2.29
C ASP A 22 7.98 3.35 -2.23
N ARG A 23 9.23 3.76 -2.43
CA ARG A 23 10.38 2.85 -2.40
C ARG A 23 10.63 2.25 -1.01
N GLY A 24 10.32 3.01 0.06
CA GLY A 24 10.40 2.54 1.45
C GLY A 24 9.33 1.50 1.78
N LEU A 25 8.09 1.74 1.34
CA LEU A 25 7.01 0.73 1.37
C LEU A 25 7.40 -0.53 0.59
N GLU A 26 7.85 -0.38 -0.67
CA GLU A 26 8.23 -1.48 -1.55
C GLU A 26 9.30 -2.39 -0.91
N ALA A 27 10.34 -1.82 -0.30
CA ALA A 27 11.45 -2.61 0.23
C ALA A 27 11.09 -3.44 1.48
N ALA A 28 10.11 -3.00 2.27
CA ALA A 28 9.53 -3.80 3.34
C ALA A 28 8.60 -4.89 2.77
N PHE A 29 7.71 -4.52 1.84
CA PHE A 29 6.70 -5.45 1.32
C PHE A 29 7.25 -6.48 0.33
N SER A 30 8.41 -6.22 -0.30
CA SER A 30 9.11 -7.22 -1.14
C SER A 30 9.56 -8.47 -0.33
N SER A 31 9.68 -8.34 0.99
CA SER A 31 9.98 -9.48 1.89
C SER A 31 8.78 -10.45 2.05
N PHE A 32 7.54 -9.98 1.81
CA PHE A 32 6.36 -10.84 1.78
C PHE A 32 6.24 -11.58 0.44
N GLY A 33 6.47 -10.88 -0.68
CA GLY A 33 6.47 -11.50 -2.01
C GLY A 33 6.71 -10.56 -3.20
N GLU A 34 6.31 -10.99 -4.40
CA GLU A 34 6.36 -10.17 -5.63
C GLU A 34 5.42 -8.94 -5.54
N ILE A 35 5.95 -7.77 -5.91
CA ILE A 35 5.22 -6.49 -5.99
C ILE A 35 5.02 -6.08 -7.45
N LEU A 36 3.83 -5.56 -7.77
CA LEU A 36 3.50 -4.91 -9.05
C LEU A 36 3.62 -3.38 -8.98
N ASP A 37 3.36 -2.77 -7.81
CA ASP A 37 3.38 -1.30 -7.62
C ASP A 37 3.42 -0.95 -6.14
N ALA A 38 3.94 0.25 -5.81
CA ALA A 38 3.31 1.05 -4.79
C ALA A 38 3.22 2.53 -5.21
N LYS A 39 2.20 3.24 -4.72
CA LYS A 39 1.95 4.68 -4.95
C LYS A 39 2.37 5.48 -3.72
N ILE A 40 2.89 6.69 -3.94
CA ILE A 40 2.96 7.75 -2.92
C ILE A 40 2.28 9.03 -3.44
N ILE A 41 1.56 9.75 -2.58
CA ILE A 41 0.75 10.92 -2.97
C ILE A 41 1.07 12.20 -2.17
N ASN A 42 1.00 13.34 -2.84
CA ASN A 42 1.19 14.71 -2.34
C ASN A 42 0.18 15.64 -3.06
N ASP A 43 -0.31 16.72 -2.42
CA ASP A 43 -1.05 17.78 -3.12
C ASP A 43 -0.34 19.15 -3.05
N ARG A 44 0.40 19.49 -4.11
CA ARG A 44 1.10 20.78 -4.29
C ARG A 44 0.13 21.98 -4.39
N GLU A 45 -1.10 21.75 -4.85
CA GLU A 45 -2.20 22.72 -4.81
C GLU A 45 -2.51 23.17 -3.37
N THR A 46 -2.53 22.23 -2.42
CA THR A 46 -2.83 22.48 -0.99
C THR A 46 -1.57 22.50 -0.11
N GLY A 47 -0.38 22.49 -0.74
CA GLY A 47 0.93 22.54 -0.09
C GLY A 47 1.27 21.35 0.81
N ARG A 48 0.64 20.19 0.61
CA ARG A 48 0.56 19.11 1.62
C ARG A 48 1.24 17.81 1.18
N SER A 49 2.06 17.23 2.06
CA SER A 49 2.31 15.80 2.08
C SER A 49 0.99 15.07 2.38
N ARG A 50 0.49 14.21 1.48
CA ARG A 50 -0.73 13.40 1.73
C ARG A 50 -0.40 12.15 2.54
N GLY A 51 0.86 11.69 2.52
CA GLY A 51 1.41 10.74 3.49
C GLY A 51 0.82 9.32 3.44
N PHE A 52 0.12 9.01 2.36
CA PHE A 52 -0.60 7.76 2.10
C PHE A 52 -0.15 7.21 0.74
N GLY A 53 -0.54 5.98 0.47
CA GLY A 53 -0.18 5.24 -0.72
C GLY A 53 -1.13 4.09 -1.06
N PHE A 54 -0.84 3.43 -2.16
CA PHE A 54 -1.36 2.11 -2.50
C PHE A 54 -0.23 1.08 -2.59
N VAL A 55 -0.53 -0.21 -2.43
CA VAL A 55 0.38 -1.33 -2.73
C VAL A 55 -0.38 -2.39 -3.52
N SER A 56 0.24 -2.99 -4.54
CA SER A 56 -0.33 -4.10 -5.33
C SER A 56 0.67 -5.26 -5.47
N PHE A 57 0.20 -6.49 -5.25
CA PHE A 57 1.00 -7.72 -5.24
C PHE A 57 0.70 -8.60 -6.47
N SER A 58 1.65 -9.47 -6.85
CA SER A 58 1.46 -10.41 -7.97
C SER A 58 0.75 -11.72 -7.59
N ASN A 59 0.66 -12.08 -6.30
CA ASN A 59 0.06 -13.34 -5.83
C ASN A 59 -0.92 -13.10 -4.66
N GLU A 60 -1.98 -13.92 -4.62
CA GLU A 60 -3.20 -13.66 -3.83
C GLU A 60 -3.03 -13.96 -2.32
N GLN A 61 -2.34 -15.06 -1.96
CA GLN A 61 -2.15 -15.45 -0.55
C GLN A 61 -1.15 -14.53 0.17
N ALA A 62 -0.11 -14.08 -0.55
CA ALA A 62 0.92 -13.16 -0.05
C ALA A 62 0.33 -11.79 0.34
N MET A 63 -0.60 -11.26 -0.47
CA MET A 63 -1.30 -10.00 -0.20
C MET A 63 -2.07 -10.04 1.13
N GLN A 64 -2.81 -11.12 1.40
CA GLN A 64 -3.61 -11.26 2.62
C GLN A 64 -2.74 -11.49 3.86
N ASP A 65 -1.62 -12.21 3.70
CA ASP A 65 -0.64 -12.40 4.77
C ASP A 65 0.09 -11.10 5.12
N ALA A 66 0.26 -10.21 4.13
CA ALA A 66 0.72 -8.85 4.38
C ALA A 66 -0.34 -8.04 5.13
N ILE A 67 -1.61 -8.00 4.69
CA ILE A 67 -2.72 -7.29 5.37
C ILE A 67 -2.88 -7.71 6.85
N GLU A 68 -2.73 -8.99 7.19
CA GLU A 68 -2.74 -9.41 8.61
C GLU A 68 -1.47 -9.01 9.39
N GLY A 69 -0.33 -8.84 8.71
CA GLY A 69 0.93 -8.36 9.30
C GLY A 69 1.04 -6.83 9.42
N MET A 70 0.47 -6.07 8.48
CA MET A 70 0.55 -4.61 8.37
C MET A 70 -0.20 -3.87 9.48
N ASN A 71 -1.40 -4.36 9.84
CA ASN A 71 -2.30 -3.67 10.77
C ASN A 71 -1.62 -3.31 12.10
N GLY A 72 -1.44 -2.01 12.34
CA GLY A 72 -0.87 -1.44 13.56
C GLY A 72 0.67 -1.36 13.63
N LYS A 73 1.41 -1.69 12.55
CA LYS A 73 2.88 -1.58 12.53
C LYS A 73 3.37 -0.13 12.54
N GLU A 74 4.52 0.09 13.19
CA GLU A 74 5.27 1.34 13.14
C GLU A 74 6.22 1.31 11.94
N LEU A 75 5.73 1.70 10.76
CA LEU A 75 6.47 1.68 9.50
C LEU A 75 7.10 3.05 9.24
N ASP A 76 8.41 3.10 8.98
CA ASP A 76 9.24 4.31 9.11
C ASP A 76 9.15 4.96 10.51
N GLY A 77 8.78 4.15 11.51
CA GLY A 77 8.48 4.55 12.90
C GLY A 77 7.02 5.00 13.14
N ARG A 78 6.18 5.11 12.11
CA ARG A 78 4.83 5.72 12.19
C ARG A 78 3.73 4.67 12.10
N SER A 79 2.72 4.76 12.96
CA SER A 79 1.62 3.78 13.04
C SER A 79 0.78 3.75 11.75
N ILE A 80 0.75 2.60 11.10
CA ILE A 80 0.08 2.37 9.81
C ILE A 80 -1.35 1.83 9.98
N VAL A 81 -2.16 1.95 8.92
CA VAL A 81 -3.52 1.38 8.81
C VAL A 81 -3.68 0.78 7.41
N VAL A 82 -4.44 -0.31 7.30
CA VAL A 82 -4.69 -1.05 6.05
C VAL A 82 -6.18 -1.26 5.74
N ASN A 83 -6.55 -1.17 4.46
CA ASN A 83 -7.71 -1.87 3.87
C ASN A 83 -7.55 -2.03 2.35
N GLU A 84 -8.29 -2.95 1.75
CA GLU A 84 -8.30 -3.22 0.31
C GLU A 84 -8.70 -2.00 -0.55
N ALA A 85 -8.21 -1.97 -1.79
CA ALA A 85 -8.39 -0.88 -2.76
C ALA A 85 -8.88 -1.35 -4.14
N GLN A 86 -9.59 -2.48 -4.21
CA GLN A 86 -10.26 -2.92 -5.45
C GLN A 86 -11.77 -2.56 -5.48
N SER A 87 -12.37 -2.40 -4.31
CA SER A 87 -13.70 -1.78 -4.09
C SER A 87 -13.89 -0.43 -4.80
N ARG A 88 -12.81 0.38 -4.92
CA ARG A 88 -12.79 1.68 -5.59
C ARG A 88 -12.69 1.61 -7.13
N GLY A 89 -12.47 0.42 -7.71
CA GLY A 89 -12.54 0.17 -9.16
C GLY A 89 -13.92 0.43 -9.78
N TYR A 90 -14.94 0.57 -8.93
CA TYR A 90 -16.29 1.05 -9.24
C TYR A 90 -16.52 2.42 -8.56
N GLY A 91 -17.41 3.25 -9.12
CA GLY A 91 -17.58 4.66 -8.73
C GLY A 91 -16.69 5.62 -9.55
N GLY A 92 -17.06 6.90 -9.57
CA GLY A 92 -16.43 7.96 -10.39
C GLY A 92 -17.40 9.08 -10.72
N MET A 1 -10.95 -14.82 -2.55
CA MET A 1 -11.61 -14.02 -3.60
C MET A 1 -11.37 -14.65 -4.96
N ALA A 2 -11.92 -14.07 -6.04
CA ALA A 2 -11.61 -14.45 -7.43
C ALA A 2 -11.38 -13.21 -8.31
N GLU A 3 -10.12 -12.92 -8.67
CA GLU A 3 -9.71 -11.73 -9.43
C GLU A 3 -9.59 -12.07 -10.92
N SER A 4 -10.58 -11.63 -11.69
CA SER A 4 -10.62 -11.63 -13.17
C SER A 4 -9.42 -10.89 -13.79
N ASP A 5 -9.26 -10.95 -15.12
CA ASP A 5 -8.10 -10.33 -15.80
C ASP A 5 -8.03 -8.81 -15.65
N GLY A 6 -9.18 -8.14 -15.56
CA GLY A 6 -9.34 -6.71 -15.29
C GLY A 6 -9.23 -6.31 -13.80
N ALA A 7 -9.23 -7.28 -12.88
CA ALA A 7 -9.16 -7.06 -11.44
C ALA A 7 -7.73 -7.18 -10.88
N GLU A 8 -7.48 -6.61 -9.70
CA GLU A 8 -6.13 -6.43 -9.14
C GLU A 8 -6.04 -6.69 -7.61
N TYR A 9 -4.89 -7.15 -7.13
CA TYR A 9 -4.64 -7.35 -5.70
C TYR A 9 -4.02 -6.08 -5.08
N ARG A 10 -4.86 -5.04 -4.89
CA ARG A 10 -4.42 -3.70 -4.47
C ARG A 10 -4.95 -3.33 -3.08
N CYS A 11 -4.11 -2.73 -2.23
CA CYS A 11 -4.49 -2.25 -0.90
C CYS A 11 -3.98 -0.82 -0.61
N PHE A 12 -4.64 -0.14 0.32
CA PHE A 12 -4.25 1.15 0.91
C PHE A 12 -3.11 0.98 1.93
N VAL A 13 -2.30 2.03 2.07
CA VAL A 13 -1.27 2.19 3.11
C VAL A 13 -1.21 3.65 3.58
N GLY A 14 -1.46 3.91 4.87
CA GLY A 14 -1.29 5.23 5.50
C GLY A 14 -0.26 5.22 6.63
N SER A 15 0.76 6.09 6.54
CA SER A 15 1.85 6.25 7.54
C SER A 15 2.88 7.32 7.17
N LEU A 16 3.03 7.63 5.87
CA LEU A 16 4.19 8.32 5.29
C LEU A 16 4.37 9.75 5.82
N SER A 17 5.59 10.22 5.67
CA SER A 17 6.10 11.52 6.13
C SER A 17 6.75 12.28 4.96
N TRP A 18 7.09 13.56 5.12
CA TRP A 18 7.74 14.34 4.03
C TRP A 18 9.01 13.70 3.46
N ASN A 19 9.79 13.00 4.29
CA ASN A 19 11.01 12.29 3.89
C ASN A 19 10.74 10.93 3.20
N THR A 20 9.65 10.23 3.58
CA THR A 20 9.27 8.91 3.04
C THR A 20 8.70 9.00 1.63
N ASP A 21 8.77 7.90 0.88
CA ASP A 21 7.98 7.72 -0.34
C ASP A 21 7.61 6.23 -0.60
N ASP A 22 7.14 5.89 -1.81
CA ASP A 22 6.84 4.49 -2.15
C ASP A 22 8.05 3.55 -1.90
N ARG A 23 9.29 4.03 -2.05
CA ARG A 23 10.51 3.21 -1.89
C ARG A 23 10.53 2.48 -0.54
N GLY A 24 10.20 3.18 0.54
CA GLY A 24 10.25 2.65 1.91
C GLY A 24 9.13 1.67 2.26
N LEU A 25 7.90 1.89 1.77
CA LEU A 25 6.82 0.90 1.94
C LEU A 25 6.99 -0.31 1.00
N GLU A 26 7.44 -0.08 -0.24
CA GLU A 26 7.73 -1.12 -1.23
C GLU A 26 8.78 -2.09 -0.69
N ALA A 27 9.85 -1.60 -0.05
CA ALA A 27 10.88 -2.45 0.54
C ALA A 27 10.37 -3.28 1.73
N ALA A 28 9.48 -2.72 2.56
CA ALA A 28 8.87 -3.47 3.67
C ALA A 28 7.92 -4.57 3.17
N PHE A 29 7.08 -4.26 2.17
CA PHE A 29 6.12 -5.20 1.57
C PHE A 29 6.79 -6.25 0.66
N SER A 30 7.91 -5.93 0.02
CA SER A 30 8.67 -6.85 -0.84
C SER A 30 9.19 -8.09 -0.09
N SER A 31 9.28 -8.02 1.24
CA SER A 31 9.66 -9.16 2.09
C SER A 31 8.52 -10.15 2.36
N PHE A 32 7.26 -9.75 2.10
CA PHE A 32 6.06 -10.61 2.24
C PHE A 32 5.75 -11.42 0.98
N GLY A 33 6.15 -10.94 -0.21
CA GLY A 33 5.98 -11.64 -1.49
C GLY A 33 6.41 -10.80 -2.70
N GLU A 34 6.15 -11.31 -3.91
CA GLU A 34 6.46 -10.63 -5.17
C GLU A 34 5.60 -9.36 -5.35
N ILE A 35 6.28 -8.22 -5.36
CA ILE A 35 5.73 -6.86 -5.42
C ILE A 35 5.52 -6.38 -6.88
N LEU A 36 4.47 -5.60 -7.12
CA LEU A 36 4.01 -5.20 -8.47
C LEU A 36 4.18 -3.69 -8.75
N ASP A 37 3.60 -2.84 -7.90
CA ASP A 37 3.67 -1.36 -7.96
C ASP A 37 3.24 -0.75 -6.62
N ALA A 38 3.69 0.47 -6.29
CA ALA A 38 3.16 1.27 -5.18
C ALA A 38 3.05 2.78 -5.52
N LYS A 39 2.04 3.45 -4.95
CA LYS A 39 1.75 4.90 -5.08
C LYS A 39 2.21 5.64 -3.83
N ILE A 40 2.58 6.91 -4.00
CA ILE A 40 2.70 7.93 -2.95
C ILE A 40 1.98 9.19 -3.42
N ILE A 41 1.34 9.95 -2.51
CA ILE A 41 0.63 11.18 -2.86
C ILE A 41 0.94 12.39 -1.97
N ASN A 42 1.10 13.53 -2.64
CA ASN A 42 1.45 14.86 -2.13
C ASN A 42 1.01 15.94 -3.14
N ASP A 43 1.30 17.21 -2.84
CA ASP A 43 1.52 18.25 -3.85
C ASP A 43 2.92 18.88 -3.67
N ARG A 44 3.75 18.90 -4.72
CA ARG A 44 5.02 19.65 -4.75
C ARG A 44 4.85 21.15 -5.01
N GLU A 45 3.70 21.60 -5.52
CA GLU A 45 3.42 23.01 -5.79
C GLU A 45 3.09 23.75 -4.48
N THR A 46 2.08 23.28 -3.74
CA THR A 46 1.73 23.79 -2.40
C THR A 46 2.49 23.10 -1.25
N GLY A 47 3.42 22.19 -1.56
CA GLY A 47 4.46 21.70 -0.64
C GLY A 47 3.97 20.78 0.50
N ARG A 48 2.91 20.01 0.26
CA ARG A 48 2.17 19.23 1.28
C ARG A 48 2.20 17.72 1.00
N SER A 49 2.69 16.92 1.94
CA SER A 49 2.49 15.46 1.89
C SER A 49 1.06 15.10 2.29
N ARG A 50 0.46 14.11 1.64
CA ARG A 50 -0.82 13.51 2.09
C ARG A 50 -0.57 12.31 3.03
N GLY A 51 0.57 11.65 2.88
CA GLY A 51 1.12 10.67 3.84
C GLY A 51 0.60 9.25 3.64
N PHE A 52 0.08 8.93 2.46
CA PHE A 52 -0.49 7.62 2.14
C PHE A 52 -0.23 7.23 0.68
N GLY A 53 -0.57 5.99 0.36
CA GLY A 53 -0.39 5.36 -0.93
C GLY A 53 -1.30 4.17 -1.17
N PHE A 54 -1.11 3.53 -2.32
CA PHE A 54 -1.58 2.18 -2.62
C PHE A 54 -0.38 1.24 -2.84
N VAL A 55 -0.59 -0.07 -2.75
CA VAL A 55 0.42 -1.11 -3.04
C VAL A 55 -0.25 -2.37 -3.60
N SER A 56 0.47 -3.13 -4.44
CA SER A 56 -0.09 -4.28 -5.20
C SER A 56 0.88 -5.47 -5.34
N PHE A 57 0.32 -6.67 -5.50
CA PHE A 57 1.02 -7.98 -5.49
C PHE A 57 0.74 -8.84 -6.74
N SER A 58 1.53 -9.91 -6.95
CA SER A 58 1.28 -10.95 -7.97
C SER A 58 0.20 -11.99 -7.59
N ASN A 59 -0.13 -12.13 -6.30
CA ASN A 59 -1.09 -13.10 -5.77
C ASN A 59 -1.86 -12.60 -4.52
N GLU A 60 -2.98 -13.27 -4.23
CA GLU A 60 -3.81 -13.09 -3.04
C GLU A 60 -3.08 -13.45 -1.73
N GLN A 61 -2.20 -14.45 -1.77
CA GLN A 61 -1.62 -15.05 -0.56
C GLN A 61 -0.71 -14.07 0.21
N ALA A 62 0.24 -13.42 -0.49
CA ALA A 62 1.08 -12.38 0.10
C ALA A 62 0.27 -11.14 0.52
N MET A 63 -0.81 -10.80 -0.21
CA MET A 63 -1.71 -9.70 0.15
C MET A 63 -2.41 -9.98 1.49
N GLN A 64 -3.02 -11.16 1.68
CA GLN A 64 -3.73 -11.50 2.91
C GLN A 64 -2.78 -11.73 4.09
N ASP A 65 -1.60 -12.31 3.83
CA ASP A 65 -0.52 -12.45 4.81
C ASP A 65 0.07 -11.09 5.24
N ALA A 66 0.08 -10.12 4.33
CA ALA A 66 0.44 -8.74 4.67
C ALA A 66 -0.66 -8.10 5.54
N ILE A 67 -1.91 -8.01 5.09
CA ILE A 67 -3.03 -7.38 5.84
C ILE A 67 -3.18 -7.96 7.26
N GLU A 68 -2.99 -9.27 7.45
CA GLU A 68 -2.96 -9.96 8.75
C GLU A 68 -1.93 -9.35 9.73
N GLY A 69 -0.71 -9.07 9.26
CA GLY A 69 0.37 -8.47 10.05
C GLY A 69 0.43 -6.94 10.01
N MET A 70 -0.11 -6.30 8.98
CA MET A 70 0.12 -4.88 8.67
C MET A 70 -0.62 -3.91 9.58
N ASN A 71 -1.81 -4.24 10.09
CA ASN A 71 -2.55 -3.30 10.96
C ASN A 71 -1.70 -2.86 12.17
N GLY A 72 -1.25 -1.59 12.18
CA GLY A 72 -0.41 -0.99 13.22
C GLY A 72 1.09 -1.32 13.16
N LYS A 73 1.59 -2.00 12.12
CA LYS A 73 3.04 -2.34 12.02
C LYS A 73 3.87 -1.05 11.88
N GLU A 74 5.03 -0.99 12.55
CA GLU A 74 5.89 0.18 12.52
C GLU A 74 6.80 0.20 11.27
N LEU A 75 6.40 0.95 10.24
CA LEU A 75 7.14 1.17 8.99
C LEU A 75 7.63 2.62 8.92
N ASP A 76 8.88 2.83 8.52
CA ASP A 76 9.55 4.16 8.51
C ASP A 76 9.44 4.91 9.86
N GLY A 77 9.36 4.17 10.99
CA GLY A 77 9.17 4.73 12.34
C GLY A 77 7.75 5.22 12.65
N ARG A 78 6.74 4.81 11.86
CA ARG A 78 5.32 5.17 12.01
C ARG A 78 4.41 3.95 11.94
N SER A 79 3.31 3.94 12.69
CA SER A 79 2.29 2.89 12.61
C SER A 79 1.52 2.96 11.30
N ILE A 80 1.45 1.84 10.57
CA ILE A 80 0.79 1.77 9.26
C ILE A 80 -0.67 1.29 9.36
N VAL A 81 -1.52 1.85 8.49
CA VAL A 81 -2.96 1.58 8.41
C VAL A 81 -3.27 0.96 7.05
N VAL A 82 -4.06 -0.11 7.03
CA VAL A 82 -4.28 -0.95 5.84
C VAL A 82 -5.76 -1.28 5.59
N ASN A 83 -6.17 -1.29 4.31
CA ASN A 83 -7.43 -1.89 3.84
C ASN A 83 -7.32 -2.28 2.36
N GLU A 84 -8.17 -3.19 1.87
CA GLU A 84 -8.30 -3.46 0.45
C GLU A 84 -8.72 -2.20 -0.33
N ALA A 85 -8.24 -2.04 -1.57
CA ALA A 85 -8.50 -0.86 -2.40
C ALA A 85 -9.21 -1.17 -3.72
N GLN A 86 -9.54 -2.44 -4.02
CA GLN A 86 -10.16 -2.82 -5.30
C GLN A 86 -11.62 -2.31 -5.41
N SER A 87 -12.29 -2.09 -4.28
CA SER A 87 -13.62 -1.42 -4.24
C SER A 87 -13.58 0.08 -4.58
N ARG A 88 -12.39 0.70 -4.51
CA ARG A 88 -12.16 2.16 -4.54
C ARG A 88 -11.82 2.71 -5.93
N GLY A 89 -12.08 1.96 -7.00
CA GLY A 89 -11.84 2.36 -8.38
C GLY A 89 -11.04 1.35 -9.22
N TYR A 90 -11.15 1.50 -10.54
CA TYR A 90 -10.53 0.61 -11.53
C TYR A 90 -9.94 1.34 -12.76
N GLY A 91 -10.09 2.67 -12.87
CA GLY A 91 -9.55 3.46 -13.98
C GLY A 91 -8.04 3.71 -13.91
N GLY A 92 -7.41 3.42 -12.77
CA GLY A 92 -5.98 3.61 -12.49
C GLY A 92 -5.64 3.06 -11.12
N MET A 1 -11.27 -11.83 2.02
CA MET A 1 -10.74 -11.01 0.90
C MET A 1 -10.47 -11.88 -0.33
N ALA A 2 -11.47 -12.62 -0.81
CA ALA A 2 -11.29 -13.46 -2.00
C ALA A 2 -11.38 -12.61 -3.28
N GLU A 3 -10.25 -12.07 -3.73
CA GLU A 3 -10.13 -11.27 -4.96
C GLU A 3 -9.86 -12.19 -6.16
N SER A 4 -10.93 -12.63 -6.83
CA SER A 4 -10.92 -13.48 -8.03
C SER A 4 -10.39 -12.73 -9.29
N ASP A 5 -10.34 -13.41 -10.45
CA ASP A 5 -9.74 -12.91 -11.71
C ASP A 5 -10.28 -11.55 -12.20
N GLY A 6 -11.58 -11.28 -12.00
CA GLY A 6 -12.21 -10.00 -12.33
C GLY A 6 -11.93 -8.86 -11.32
N ALA A 7 -11.45 -9.18 -10.11
CA ALA A 7 -11.18 -8.24 -9.03
C ALA A 7 -9.70 -7.79 -9.00
N GLU A 8 -9.28 -7.09 -7.93
CA GLU A 8 -7.93 -6.52 -7.78
C GLU A 8 -7.32 -6.80 -6.39
N TYR A 9 -6.12 -7.41 -6.36
CA TYR A 9 -5.34 -7.63 -5.12
C TYR A 9 -4.35 -6.47 -4.89
N ARG A 10 -4.91 -5.39 -4.35
CA ARG A 10 -4.22 -4.17 -3.90
C ARG A 10 -4.82 -3.65 -2.60
N CYS A 11 -4.04 -2.94 -1.80
CA CYS A 11 -4.49 -2.32 -0.55
C CYS A 11 -4.02 -0.87 -0.42
N PHE A 12 -4.76 -0.09 0.37
CA PHE A 12 -4.35 1.24 0.83
C PHE A 12 -3.28 1.13 1.91
N VAL A 13 -2.39 2.13 1.99
CA VAL A 13 -1.27 2.21 2.93
C VAL A 13 -1.17 3.63 3.46
N GLY A 14 -1.61 3.86 4.71
CA GLY A 14 -1.43 5.14 5.39
C GLY A 14 -0.36 5.08 6.47
N SER A 15 0.69 5.90 6.35
CA SER A 15 1.83 5.97 7.29
C SER A 15 2.89 7.05 6.96
N LEU A 16 2.94 7.56 5.72
CA LEU A 16 4.08 8.31 5.19
C LEU A 16 4.16 9.76 5.69
N SER A 17 5.33 10.36 5.45
CA SER A 17 5.69 11.75 5.76
C SER A 17 6.67 12.25 4.68
N TRP A 18 7.03 13.54 4.69
CA TRP A 18 7.80 14.18 3.60
C TRP A 18 9.14 13.51 3.25
N ASN A 19 9.79 12.79 4.18
CA ASN A 19 11.03 12.05 3.91
C ASN A 19 10.80 10.60 3.44
N THR A 20 9.68 9.96 3.77
CA THR A 20 9.29 8.63 3.25
C THR A 20 8.76 8.74 1.81
N ASP A 21 8.84 7.66 1.03
CA ASP A 21 8.14 7.57 -0.27
C ASP A 21 7.77 6.10 -0.62
N ASP A 22 7.35 5.86 -1.88
CA ASP A 22 6.96 4.52 -2.38
C ASP A 22 8.00 3.42 -2.12
N ARG A 23 9.30 3.75 -2.12
CA ARG A 23 10.37 2.75 -1.99
C ARG A 23 10.45 2.16 -0.59
N GLY A 24 10.08 2.94 0.43
CA GLY A 24 10.11 2.53 1.83
C GLY A 24 8.97 1.62 2.24
N LEU A 25 7.79 1.76 1.61
CA LEU A 25 6.73 0.74 1.69
C LEU A 25 7.05 -0.45 0.77
N GLU A 26 7.55 -0.24 -0.46
CA GLU A 26 7.89 -1.36 -1.36
C GLU A 26 8.91 -2.30 -0.73
N ALA A 27 10.01 -1.78 -0.16
CA ALA A 27 11.06 -2.64 0.41
C ALA A 27 10.58 -3.41 1.66
N ALA A 28 9.77 -2.76 2.51
CA ALA A 28 9.20 -3.37 3.72
C ALA A 28 8.10 -4.41 3.43
N PHE A 29 7.39 -4.30 2.29
CA PHE A 29 6.39 -5.27 1.84
C PHE A 29 6.98 -6.40 0.99
N SER A 30 8.13 -6.17 0.33
CA SER A 30 8.73 -7.12 -0.61
C SER A 30 9.09 -8.49 0.00
N SER A 31 9.23 -8.59 1.33
CA SER A 31 9.49 -9.89 2.00
C SER A 31 8.28 -10.83 2.02
N PHE A 32 7.06 -10.32 1.87
CA PHE A 32 5.84 -11.12 1.78
C PHE A 32 5.57 -11.61 0.35
N GLY A 33 5.97 -10.83 -0.67
CA GLY A 33 5.88 -11.20 -2.07
C GLY A 33 6.36 -10.13 -3.04
N GLU A 34 6.09 -10.34 -4.31
CA GLU A 34 6.56 -9.56 -5.44
C GLU A 34 5.53 -8.50 -5.85
N ILE A 35 5.99 -7.25 -5.97
CA ILE A 35 5.15 -6.04 -6.03
C ILE A 35 5.00 -5.53 -7.46
N LEU A 36 3.77 -5.14 -7.82
CA LEU A 36 3.43 -4.57 -9.13
C LEU A 36 3.07 -3.07 -9.05
N ASP A 37 2.80 -2.51 -7.86
CA ASP A 37 2.65 -1.07 -7.65
C ASP A 37 3.05 -0.67 -6.21
N ALA A 38 3.65 0.51 -6.05
CA ALA A 38 3.76 1.24 -4.80
C ALA A 38 3.55 2.74 -5.12
N LYS A 39 2.44 3.32 -4.64
CA LYS A 39 2.05 4.71 -4.87
C LYS A 39 2.34 5.56 -3.64
N ILE A 40 2.79 6.79 -3.86
CA ILE A 40 2.90 7.86 -2.85
C ILE A 40 2.33 9.16 -3.43
N ILE A 41 1.58 9.91 -2.61
CA ILE A 41 1.14 11.28 -2.93
C ILE A 41 1.79 12.33 -2.02
N ASN A 42 2.49 13.27 -2.66
CA ASN A 42 3.11 14.49 -2.11
C ASN A 42 3.05 15.58 -3.19
N ASP A 43 2.56 16.78 -2.85
CA ASP A 43 2.72 17.99 -3.68
C ASP A 43 3.62 19.02 -2.95
N ARG A 44 4.94 18.93 -3.18
CA ARG A 44 5.97 19.79 -2.55
C ARG A 44 5.70 21.28 -2.76
N GLU A 45 5.28 21.65 -3.97
CA GLU A 45 5.03 23.04 -4.39
C GLU A 45 3.86 23.68 -3.60
N THR A 46 2.88 22.86 -3.19
CA THR A 46 1.69 23.27 -2.41
C THR A 46 1.90 23.04 -0.90
N GLY A 47 2.98 22.37 -0.49
CA GLY A 47 3.26 22.03 0.91
C GLY A 47 2.36 20.92 1.47
N ARG A 48 1.91 20.00 0.59
CA ARG A 48 0.85 19.02 0.83
C ARG A 48 1.39 17.59 0.76
N SER A 49 1.98 17.12 1.86
CA SER A 49 2.33 15.72 2.06
C SER A 49 1.13 14.96 2.61
N ARG A 50 0.39 14.29 1.72
CA ARG A 50 -0.84 13.55 2.06
C ARG A 50 -0.53 12.32 2.93
N GLY A 51 0.64 11.72 2.77
CA GLY A 51 1.18 10.73 3.70
C GLY A 51 0.61 9.31 3.56
N PHE A 52 0.18 8.94 2.36
CA PHE A 52 -0.40 7.65 2.04
C PHE A 52 -0.23 7.29 0.56
N GLY A 53 -0.66 6.08 0.20
CA GLY A 53 -0.94 5.67 -1.17
C GLY A 53 -1.48 4.24 -1.27
N PHE A 54 -1.17 3.59 -2.38
CA PHE A 54 -1.57 2.20 -2.70
C PHE A 54 -0.37 1.26 -2.77
N VAL A 55 -0.61 -0.05 -2.61
CA VAL A 55 0.34 -1.11 -2.94
C VAL A 55 -0.38 -2.27 -3.65
N SER A 56 0.20 -2.87 -4.69
CA SER A 56 -0.39 -4.01 -5.42
C SER A 56 0.55 -5.22 -5.50
N PHE A 57 -0.04 -6.42 -5.40
CA PHE A 57 0.67 -7.69 -5.34
C PHE A 57 0.60 -8.46 -6.67
N SER A 58 1.42 -9.50 -6.78
CA SER A 58 1.34 -10.53 -7.82
C SER A 58 0.40 -11.68 -7.44
N ASN A 59 0.24 -11.99 -6.15
CA ASN A 59 -0.60 -13.09 -5.64
C ASN A 59 -1.40 -12.70 -4.38
N GLU A 60 -2.57 -13.31 -4.18
CA GLU A 60 -3.55 -12.92 -3.16
C GLU A 60 -3.22 -13.42 -1.75
N GLN A 61 -2.54 -14.56 -1.61
CA GLN A 61 -2.10 -15.07 -0.30
C GLN A 61 -0.92 -14.25 0.24
N ALA A 62 -0.02 -13.76 -0.63
CA ALA A 62 1.01 -12.79 -0.28
C ALA A 62 0.40 -11.47 0.24
N MET A 63 -0.64 -10.98 -0.45
CA MET A 63 -1.43 -9.81 -0.01
C MET A 63 -2.06 -10.02 1.38
N GLN A 64 -2.59 -11.23 1.67
CA GLN A 64 -3.25 -11.54 2.95
C GLN A 64 -2.26 -11.69 4.11
N ASP A 65 -1.15 -12.40 3.90
CA ASP A 65 -0.09 -12.54 4.91
C ASP A 65 0.59 -11.20 5.20
N ALA A 66 0.69 -10.30 4.21
CA ALA A 66 1.15 -8.94 4.40
C ALA A 66 0.16 -8.13 5.24
N ILE A 67 -1.10 -7.99 4.80
CA ILE A 67 -2.17 -7.25 5.52
C ILE A 67 -2.32 -7.72 6.99
N GLU A 68 -2.26 -9.04 7.25
CA GLU A 68 -2.21 -9.60 8.62
C GLU A 68 -1.05 -9.03 9.46
N GLY A 69 0.11 -8.82 8.84
CA GLY A 69 1.32 -8.21 9.39
C GLY A 69 1.44 -6.69 9.21
N MET A 70 0.42 -6.00 8.69
CA MET A 70 0.40 -4.53 8.53
C MET A 70 -0.64 -3.83 9.41
N ASN A 71 -1.79 -4.48 9.68
CA ASN A 71 -2.84 -3.93 10.54
C ASN A 71 -2.27 -3.59 11.94
N GLY A 72 -2.08 -2.30 12.20
CA GLY A 72 -1.61 -1.76 13.47
C GLY A 72 -0.11 -1.87 13.74
N LYS A 73 0.74 -2.13 12.74
CA LYS A 73 2.22 -2.09 12.89
C LYS A 73 2.74 -0.64 13.00
N GLU A 74 4.04 -0.51 13.24
CA GLU A 74 4.82 0.68 12.87
C GLU A 74 5.63 0.41 11.58
N LEU A 75 5.70 1.41 10.70
CA LEU A 75 6.50 1.39 9.45
C LEU A 75 7.15 2.76 9.25
N ASP A 76 8.43 2.81 8.89
CA ASP A 76 9.26 4.04 8.91
C ASP A 76 9.22 4.80 10.26
N GLY A 77 8.92 4.10 11.36
CA GLY A 77 8.72 4.64 12.72
C GLY A 77 7.33 5.24 12.99
N ARG A 78 6.39 5.18 12.05
CA ARG A 78 5.04 5.76 12.14
C ARG A 78 3.99 4.65 12.21
N SER A 79 2.88 4.84 12.92
CA SER A 79 1.75 3.88 12.88
C SER A 79 1.26 3.67 11.43
N ILE A 80 1.12 2.41 11.00
CA ILE A 80 0.54 2.03 9.70
C ILE A 80 -0.92 1.56 9.84
N VAL A 81 -1.74 1.89 8.84
CA VAL A 81 -3.12 1.43 8.66
C VAL A 81 -3.30 0.88 7.25
N VAL A 82 -4.06 -0.22 7.13
CA VAL A 82 -4.33 -0.93 5.87
C VAL A 82 -5.84 -1.13 5.62
N ASN A 83 -6.23 -1.19 4.34
CA ASN A 83 -7.53 -1.74 3.89
C ASN A 83 -7.49 -2.22 2.44
N GLU A 84 -8.39 -3.11 2.03
CA GLU A 84 -8.60 -3.52 0.64
C GLU A 84 -8.90 -2.31 -0.28
N ALA A 85 -8.50 -2.36 -1.57
CA ALA A 85 -8.61 -1.20 -2.47
C ALA A 85 -9.23 -1.48 -3.86
N GLN A 86 -9.93 -2.60 -4.09
CA GLN A 86 -10.66 -2.84 -5.35
C GLN A 86 -11.73 -1.77 -5.64
N SER A 87 -12.25 -1.04 -4.64
CA SER A 87 -13.10 0.16 -4.85
C SER A 87 -12.43 1.28 -5.67
N ARG A 88 -11.10 1.23 -5.79
CA ARG A 88 -10.23 2.13 -6.58
C ARG A 88 -9.47 1.39 -7.70
N GLY A 89 -9.96 0.22 -8.12
CA GLY A 89 -9.43 -0.53 -9.26
C GLY A 89 -9.82 0.03 -10.64
N TYR A 90 -9.47 -0.69 -11.70
CA TYR A 90 -9.80 -0.35 -13.10
C TYR A 90 -11.30 -0.11 -13.30
N GLY A 91 -11.65 0.91 -14.09
CA GLY A 91 -13.04 1.34 -14.32
C GLY A 91 -13.71 2.11 -13.15
N GLY A 92 -13.10 2.10 -11.94
CA GLY A 92 -13.56 2.83 -10.75
C GLY A 92 -13.11 4.29 -10.67
N MET A 1 1.16 -12.39 -13.24
CA MET A 1 -0.28 -12.23 -13.49
C MET A 1 -0.77 -10.89 -12.94
N ALA A 2 -0.83 -9.89 -13.81
CA ALA A 2 -1.44 -8.60 -13.52
C ALA A 2 -2.97 -8.73 -13.62
N GLU A 3 -3.58 -8.99 -12.46
CA GLU A 3 -5.03 -9.18 -12.27
C GLU A 3 -5.66 -7.94 -11.65
N SER A 4 -6.36 -7.16 -12.46
CA SER A 4 -7.54 -6.40 -12.02
C SER A 4 -8.68 -6.40 -13.06
N ASP A 5 -9.41 -7.50 -13.25
CA ASP A 5 -10.68 -7.49 -14.02
C ASP A 5 -11.88 -7.51 -13.08
N GLY A 6 -12.14 -8.67 -12.45
CA GLY A 6 -13.17 -8.84 -11.42
C GLY A 6 -12.60 -8.92 -10.00
N ALA A 7 -11.31 -9.21 -9.86
CA ALA A 7 -10.60 -9.41 -8.59
C ALA A 7 -9.14 -8.93 -8.69
N GLU A 8 -8.63 -8.32 -7.62
CA GLU A 8 -7.27 -7.77 -7.52
C GLU A 8 -6.63 -8.00 -6.15
N TYR A 9 -5.29 -8.00 -6.08
CA TYR A 9 -4.51 -8.01 -4.84
C TYR A 9 -3.79 -6.66 -4.66
N ARG A 10 -4.55 -5.67 -4.18
CA ARG A 10 -4.16 -4.26 -3.98
C ARG A 10 -4.79 -3.69 -2.71
N CYS A 11 -4.08 -2.80 -2.01
CA CYS A 11 -4.58 -2.12 -0.81
C CYS A 11 -4.12 -0.66 -0.69
N PHE A 12 -4.94 0.16 -0.04
CA PHE A 12 -4.57 1.47 0.48
C PHE A 12 -3.68 1.35 1.73
N VAL A 13 -2.68 2.24 1.85
CA VAL A 13 -1.62 2.23 2.87
C VAL A 13 -1.27 3.66 3.32
N GLY A 14 -0.93 3.87 4.58
CA GLY A 14 -0.38 5.16 5.02
C GLY A 14 0.34 5.16 6.36
N SER A 15 1.59 5.61 6.35
CA SER A 15 2.49 5.84 7.49
C SER A 15 3.66 6.77 7.13
N LEU A 16 3.48 7.60 6.10
CA LEU A 16 4.56 8.34 5.45
C LEU A 16 4.71 9.76 6.02
N SER A 17 5.81 10.38 5.62
CA SER A 17 6.20 11.79 5.87
C SER A 17 6.77 12.38 4.57
N TRP A 18 7.14 13.67 4.54
CA TRP A 18 7.91 14.26 3.43
C TRP A 18 9.20 13.48 3.05
N ASN A 19 9.74 12.66 3.96
CA ASN A 19 10.98 11.90 3.75
C ASN A 19 10.75 10.46 3.22
N THR A 20 9.64 9.80 3.58
CA THR A 20 9.24 8.48 3.04
C THR A 20 8.59 8.61 1.66
N ASP A 21 8.69 7.57 0.83
CA ASP A 21 7.90 7.48 -0.43
C ASP A 21 7.56 6.03 -0.85
N ASP A 22 7.22 5.81 -2.13
CA ASP A 22 6.96 4.47 -2.70
C ASP A 22 8.06 3.44 -2.38
N ARG A 23 9.33 3.84 -2.26
CA ARG A 23 10.43 2.94 -1.92
C ARG A 23 10.26 2.32 -0.52
N GLY A 24 9.72 3.08 0.43
CA GLY A 24 9.43 2.60 1.79
C GLY A 24 8.26 1.61 1.83
N LEU A 25 7.21 1.87 1.03
CA LEU A 25 6.09 0.94 0.83
C LEU A 25 6.51 -0.34 0.09
N GLU A 26 7.38 -0.22 -0.92
CA GLU A 26 7.95 -1.36 -1.65
C GLU A 26 8.74 -2.27 -0.70
N ALA A 27 9.58 -1.68 0.17
CA ALA A 27 10.32 -2.42 1.20
C ALA A 27 9.39 -3.11 2.23
N ALA A 28 8.28 -2.47 2.61
CA ALA A 28 7.37 -2.98 3.63
C ALA A 28 6.73 -4.35 3.29
N PHE A 29 6.46 -4.63 2.00
CA PHE A 29 5.96 -5.92 1.52
C PHE A 29 7.02 -6.81 0.83
N SER A 30 8.20 -6.31 0.47
CA SER A 30 9.17 -7.06 -0.37
C SER A 30 9.58 -8.45 0.16
N SER A 31 9.45 -8.72 1.47
CA SER A 31 9.71 -10.02 2.11
C SER A 31 8.54 -11.03 2.03
N PHE A 32 7.34 -10.61 1.63
CA PHE A 32 6.15 -11.46 1.48
C PHE A 32 5.99 -12.00 0.05
N GLY A 33 6.28 -11.18 -0.96
CA GLY A 33 6.21 -11.57 -2.37
C GLY A 33 6.70 -10.47 -3.30
N GLU A 34 6.32 -10.53 -4.58
CA GLU A 34 6.72 -9.53 -5.58
C GLU A 34 5.73 -8.37 -5.68
N ILE A 35 6.25 -7.14 -5.71
CA ILE A 35 5.49 -5.90 -5.90
C ILE A 35 5.09 -5.76 -7.37
N LEU A 36 3.84 -5.36 -7.62
CA LEU A 36 3.35 -4.91 -8.92
C LEU A 36 2.98 -3.42 -8.95
N ASP A 37 2.79 -2.73 -7.81
CA ASP A 37 2.65 -1.26 -7.76
C ASP A 37 3.09 -0.68 -6.39
N ALA A 38 3.63 0.55 -6.37
CA ALA A 38 3.66 1.41 -5.20
C ALA A 38 3.41 2.88 -5.62
N LYS A 39 2.59 3.59 -4.85
CA LYS A 39 2.12 4.98 -5.06
C LYS A 39 2.42 5.83 -3.83
N ILE A 40 2.82 7.08 -4.03
CA ILE A 40 2.89 8.12 -2.99
C ILE A 40 1.94 9.27 -3.35
N ILE A 41 1.21 9.84 -2.38
CA ILE A 41 0.49 11.11 -2.55
C ILE A 41 1.03 12.21 -1.61
N ASN A 42 1.55 13.28 -2.22
CA ASN A 42 2.03 14.50 -1.58
C ASN A 42 2.05 15.70 -2.55
N ASP A 43 2.03 16.92 -2.01
CA ASP A 43 2.74 18.07 -2.61
C ASP A 43 3.52 18.83 -1.53
N ARG A 44 4.84 19.02 -1.71
CA ARG A 44 5.66 19.78 -0.77
C ARG A 44 5.45 21.28 -0.92
N GLU A 45 5.31 21.73 -2.16
CA GLU A 45 5.19 23.14 -2.58
C GLU A 45 3.90 23.81 -2.08
N THR A 46 2.76 23.11 -2.15
CA THR A 46 1.48 23.50 -1.53
C THR A 46 1.25 22.88 -0.13
N GLY A 47 2.31 22.37 0.51
CA GLY A 47 2.33 22.02 1.94
C GLY A 47 1.51 20.78 2.36
N ARG A 48 1.03 19.99 1.40
CA ARG A 48 0.09 18.87 1.57
C ARG A 48 0.75 17.50 1.38
N SER A 49 1.59 17.09 2.32
CA SER A 49 1.97 15.68 2.46
C SER A 49 0.78 14.92 3.06
N ARG A 50 0.08 14.11 2.25
CA ARG A 50 -1.02 13.26 2.74
C ARG A 50 -0.48 12.11 3.59
N GLY A 51 0.73 11.65 3.29
CA GLY A 51 1.43 10.61 4.06
C GLY A 51 0.93 9.19 3.78
N PHE A 52 0.32 9.00 2.61
CA PHE A 52 -0.46 7.83 2.19
C PHE A 52 -0.09 7.41 0.76
N GLY A 53 -0.63 6.26 0.34
CA GLY A 53 -0.41 5.67 -0.97
C GLY A 53 -1.30 4.44 -1.24
N PHE A 54 -1.09 3.84 -2.40
CA PHE A 54 -1.53 2.48 -2.73
C PHE A 54 -0.32 1.55 -2.92
N VAL A 55 -0.52 0.25 -2.70
CA VAL A 55 0.45 -0.80 -3.03
C VAL A 55 -0.28 -2.02 -3.62
N SER A 56 0.33 -2.70 -4.60
CA SER A 56 -0.24 -3.93 -5.18
C SER A 56 0.78 -5.07 -5.22
N PHE A 57 0.26 -6.28 -5.00
CA PHE A 57 0.98 -7.52 -4.77
C PHE A 57 0.80 -8.46 -5.97
N SER A 58 1.28 -9.70 -5.84
CA SER A 58 1.24 -10.72 -6.90
C SER A 58 0.55 -12.04 -6.51
N ASN A 59 0.23 -12.29 -5.23
CA ASN A 59 -0.49 -13.49 -4.79
C ASN A 59 -1.48 -13.26 -3.63
N GLU A 60 -2.53 -14.07 -3.59
CA GLU A 60 -3.62 -14.01 -2.59
C GLU A 60 -3.17 -14.45 -1.19
N GLN A 61 -2.39 -15.53 -1.08
CA GLN A 61 -1.91 -16.04 0.22
C GLN A 61 -0.84 -15.10 0.83
N ALA A 62 -0.01 -14.50 -0.02
CA ALA A 62 0.94 -13.45 0.36
C ALA A 62 0.21 -12.19 0.86
N MET A 63 -0.85 -11.76 0.16
CA MET A 63 -1.70 -10.64 0.59
C MET A 63 -2.29 -10.88 1.98
N GLN A 64 -2.73 -12.09 2.31
CA GLN A 64 -3.35 -12.37 3.62
C GLN A 64 -2.34 -12.55 4.77
N ASP A 65 -1.13 -13.05 4.50
CA ASP A 65 -0.02 -13.03 5.47
C ASP A 65 0.43 -11.58 5.73
N ALA A 66 0.39 -10.73 4.71
CA ALA A 66 0.71 -9.31 4.84
C ALA A 66 -0.39 -8.51 5.57
N ILE A 67 -1.64 -8.50 5.08
CA ILE A 67 -2.74 -7.68 5.63
C ILE A 67 -3.02 -7.97 7.12
N GLU A 68 -2.92 -9.23 7.59
CA GLU A 68 -3.02 -9.53 9.03
C GLU A 68 -1.76 -9.11 9.84
N GLY A 69 -0.59 -9.04 9.20
CA GLY A 69 0.70 -8.62 9.80
C GLY A 69 1.06 -7.13 9.62
N MET A 70 0.30 -6.38 8.83
CA MET A 70 0.53 -4.97 8.52
C MET A 70 -0.20 -4.03 9.47
N ASN A 71 -1.45 -4.34 9.82
CA ASN A 71 -2.34 -3.36 10.44
C ASN A 71 -1.84 -2.94 11.83
N GLY A 72 -1.44 -1.67 11.95
CA GLY A 72 -0.89 -1.10 13.17
C GLY A 72 0.63 -1.27 13.38
N LYS A 73 1.38 -1.83 12.41
CA LYS A 73 2.85 -1.93 12.50
C LYS A 73 3.47 -0.54 12.65
N GLU A 74 4.40 -0.37 13.59
CA GLU A 74 5.25 0.83 13.63
C GLU A 74 6.32 0.73 12.54
N LEU A 75 6.17 1.54 11.50
CA LEU A 75 6.94 1.51 10.25
C LEU A 75 7.42 2.89 9.87
N ASP A 76 8.71 2.97 9.52
CA ASP A 76 9.45 4.22 9.26
C ASP A 76 9.33 5.29 10.39
N GLY A 77 8.96 4.89 11.61
CA GLY A 77 8.68 5.80 12.74
C GLY A 77 7.23 6.28 12.90
N ARG A 78 6.26 5.68 12.19
CA ARG A 78 4.81 6.01 12.25
C ARG A 78 3.96 4.74 12.32
N SER A 79 2.70 4.82 12.73
CA SER A 79 1.79 3.66 12.75
C SER A 79 1.06 3.50 11.41
N ILE A 80 1.18 2.33 10.76
CA ILE A 80 0.57 2.05 9.45
C ILE A 80 -0.86 1.51 9.56
N VAL A 81 -1.65 1.74 8.51
CA VAL A 81 -3.03 1.23 8.32
C VAL A 81 -3.09 0.51 6.97
N VAL A 82 -3.87 -0.56 6.90
CA VAL A 82 -4.10 -1.33 5.64
C VAL A 82 -5.58 -1.62 5.40
N ASN A 83 -6.06 -1.50 4.16
CA ASN A 83 -7.31 -2.12 3.70
C ASN A 83 -7.35 -2.32 2.16
N GLU A 84 -8.05 -3.37 1.72
CA GLU A 84 -8.22 -3.77 0.32
C GLU A 84 -8.84 -2.70 -0.58
N ALA A 85 -8.53 -2.77 -1.88
CA ALA A 85 -8.97 -1.82 -2.91
C ALA A 85 -9.86 -2.48 -4.00
N GLN A 86 -10.51 -3.61 -3.67
CA GLN A 86 -11.36 -4.41 -4.57
C GLN A 86 -12.83 -4.01 -4.50
N SER A 87 -13.35 -3.74 -3.30
CA SER A 87 -14.77 -3.45 -3.05
C SER A 87 -15.20 -2.06 -3.55
N ARG A 88 -14.32 -1.05 -3.45
CA ARG A 88 -14.55 0.32 -3.96
C ARG A 88 -14.62 0.36 -5.49
N GLY A 89 -13.94 -0.55 -6.18
CA GLY A 89 -13.84 -0.58 -7.66
C GLY A 89 -15.09 -1.06 -8.39
N TYR A 90 -16.16 -1.41 -7.67
CA TYR A 90 -17.44 -1.82 -8.29
C TYR A 90 -18.14 -0.64 -8.96
N GLY A 91 -18.79 -0.88 -10.11
CA GLY A 91 -19.36 0.17 -10.98
C GLY A 91 -18.37 0.88 -11.91
N GLY A 92 -17.06 0.57 -11.80
CA GLY A 92 -15.98 1.05 -12.68
C GLY A 92 -15.62 0.04 -13.77
N MET A 1 -8.78 -17.31 -14.17
CA MET A 1 -8.99 -16.10 -13.35
C MET A 1 -9.00 -14.84 -14.23
N ALA A 2 -9.62 -13.76 -13.75
CA ALA A 2 -9.49 -12.43 -14.33
C ALA A 2 -9.34 -11.36 -13.23
N GLU A 3 -8.19 -10.68 -13.16
CA GLU A 3 -7.91 -9.70 -12.11
C GLU A 3 -8.64 -8.35 -12.32
N SER A 4 -9.92 -8.35 -11.96
CA SER A 4 -10.84 -7.20 -11.93
C SER A 4 -11.46 -7.07 -10.53
N ASP A 5 -12.36 -6.10 -10.32
CA ASP A 5 -12.76 -5.62 -8.98
C ASP A 5 -13.22 -6.71 -7.98
N GLY A 6 -13.81 -7.82 -8.44
CA GLY A 6 -14.22 -8.94 -7.59
C GLY A 6 -13.04 -9.73 -6.99
N ALA A 7 -11.92 -9.83 -7.73
CA ALA A 7 -10.74 -10.61 -7.33
C ALA A 7 -9.42 -9.99 -7.85
N GLU A 8 -9.00 -8.87 -7.25
CA GLU A 8 -7.71 -8.21 -7.50
C GLU A 8 -6.89 -8.05 -6.20
N TYR A 9 -5.56 -7.91 -6.31
CA TYR A 9 -4.67 -7.95 -5.14
C TYR A 9 -4.01 -6.59 -4.93
N ARG A 10 -4.81 -5.65 -4.40
CA ARG A 10 -4.47 -4.22 -4.19
C ARG A 10 -5.05 -3.71 -2.86
N CYS A 11 -4.28 -2.94 -2.10
CA CYS A 11 -4.69 -2.37 -0.81
C CYS A 11 -4.06 -0.99 -0.52
N PHE A 12 -4.71 -0.23 0.36
CA PHE A 12 -4.38 1.14 0.77
C PHE A 12 -3.53 1.18 2.05
N VAL A 13 -2.66 2.19 2.20
CA VAL A 13 -1.78 2.41 3.36
C VAL A 13 -1.77 3.85 3.82
N GLY A 14 -1.93 4.06 5.13
CA GLY A 14 -1.56 5.31 5.83
C GLY A 14 -0.28 5.10 6.67
N SER A 15 0.66 6.05 6.61
CA SER A 15 1.88 6.13 7.48
C SER A 15 2.91 7.19 7.05
N LEU A 16 2.82 7.74 5.83
CA LEU A 16 3.94 8.47 5.24
C LEU A 16 4.07 9.90 5.77
N SER A 17 5.28 10.41 5.61
CA SER A 17 5.75 11.78 5.90
C SER A 17 6.72 12.24 4.79
N TRP A 18 7.19 13.48 4.82
CA TRP A 18 8.18 14.07 3.89
C TRP A 18 9.45 13.24 3.65
N ASN A 19 9.91 12.44 4.63
CA ASN A 19 11.10 11.58 4.53
C ASN A 19 10.76 10.09 4.25
N THR A 20 9.48 9.72 4.19
CA THR A 20 9.01 8.46 3.58
C THR A 20 8.68 8.68 2.10
N ASP A 21 8.75 7.62 1.30
CA ASP A 21 8.12 7.57 -0.03
C ASP A 21 7.67 6.11 -0.35
N ASP A 22 7.23 5.84 -1.59
CA ASP A 22 6.84 4.50 -2.07
C ASP A 22 7.93 3.44 -1.89
N ARG A 23 9.20 3.73 -2.22
CA ARG A 23 10.32 2.76 -2.16
C ARG A 23 10.53 2.14 -0.78
N GLY A 24 10.47 2.94 0.30
CA GLY A 24 10.62 2.43 1.67
C GLY A 24 9.49 1.51 2.12
N LEU A 25 8.27 1.73 1.62
CA LEU A 25 7.15 0.77 1.78
C LEU A 25 7.29 -0.42 0.83
N GLU A 26 7.74 -0.24 -0.42
CA GLU A 26 7.96 -1.32 -1.38
C GLU A 26 8.96 -2.36 -0.84
N ALA A 27 10.05 -1.92 -0.20
CA ALA A 27 11.02 -2.79 0.47
C ALA A 27 10.40 -3.54 1.67
N ALA A 28 9.56 -2.87 2.47
CA ALA A 28 8.85 -3.48 3.60
C ALA A 28 7.73 -4.45 3.17
N PHE A 29 7.18 -4.29 1.95
CA PHE A 29 6.20 -5.20 1.33
C PHE A 29 6.84 -6.35 0.54
N SER A 30 8.03 -6.13 -0.03
CA SER A 30 8.76 -7.18 -0.76
C SER A 30 9.12 -8.37 0.15
N SER A 31 9.14 -8.15 1.48
CA SER A 31 9.28 -9.18 2.52
C SER A 31 8.13 -10.22 2.54
N PHE A 32 6.97 -9.92 1.95
CA PHE A 32 5.83 -10.86 1.89
C PHE A 32 5.74 -11.66 0.58
N GLY A 33 6.12 -11.07 -0.56
CA GLY A 33 6.07 -11.75 -1.87
C GLY A 33 6.40 -10.85 -3.07
N GLU A 34 5.96 -11.25 -4.27
CA GLU A 34 6.17 -10.47 -5.50
C GLU A 34 5.22 -9.27 -5.64
N ILE A 35 5.82 -8.10 -5.95
CA ILE A 35 5.18 -6.79 -5.95
C ILE A 35 5.21 -6.13 -7.34
N LEU A 36 4.11 -5.48 -7.72
CA LEU A 36 3.92 -4.87 -9.04
C LEU A 36 4.00 -3.34 -9.02
N ASP A 37 3.61 -2.69 -7.92
CA ASP A 37 3.71 -1.23 -7.73
C ASP A 37 3.45 -0.84 -6.27
N ALA A 38 3.98 0.32 -5.87
CA ALA A 38 3.41 1.13 -4.81
C ALA A 38 3.28 2.59 -5.30
N LYS A 39 2.26 3.31 -4.83
CA LYS A 39 2.01 4.72 -5.10
C LYS A 39 2.32 5.56 -3.87
N ILE A 40 2.97 6.71 -4.05
CA ILE A 40 3.03 7.80 -3.07
C ILE A 40 2.50 9.09 -3.68
N ILE A 41 1.82 9.92 -2.88
CA ILE A 41 1.52 11.31 -3.24
C ILE A 41 1.93 12.33 -2.17
N ASN A 42 2.58 13.39 -2.66
CA ASN A 42 3.14 14.56 -1.97
C ASN A 42 3.27 15.69 -3.03
N ASP A 43 3.31 16.96 -2.63
CA ASP A 43 3.92 18.02 -3.45
C ASP A 43 5.22 18.53 -2.83
N ARG A 44 6.35 17.91 -3.22
CA ARG A 44 7.73 18.23 -2.81
C ARG A 44 8.11 19.71 -2.98
N GLU A 45 7.43 20.42 -3.88
CA GLU A 45 7.69 21.85 -4.16
C GLU A 45 7.52 22.73 -2.91
N THR A 46 6.51 22.43 -2.08
CA THR A 46 6.28 23.10 -0.78
C THR A 46 6.33 22.13 0.40
N GLY A 47 6.29 20.82 0.16
CA GLY A 47 6.27 19.75 1.17
C GLY A 47 4.87 19.31 1.61
N ARG A 48 3.86 19.40 0.72
CA ARG A 48 2.48 19.01 1.03
C ARG A 48 2.32 17.48 0.98
N SER A 49 2.71 16.81 2.05
CA SER A 49 2.54 15.36 2.19
C SER A 49 1.06 14.97 2.30
N ARG A 50 0.55 14.16 1.36
CA ARG A 50 -0.78 13.50 1.50
C ARG A 50 -0.71 12.34 2.50
N GLY A 51 0.45 11.69 2.56
CA GLY A 51 0.87 10.75 3.61
C GLY A 51 0.28 9.35 3.52
N PHE A 52 -0.30 9.01 2.36
CA PHE A 52 -0.88 7.70 2.04
C PHE A 52 -0.41 7.20 0.66
N GLY A 53 -0.74 5.95 0.38
CA GLY A 53 -0.47 5.27 -0.88
C GLY A 53 -1.37 4.06 -1.11
N PHE A 54 -1.27 3.47 -2.31
CA PHE A 54 -1.73 2.09 -2.57
C PHE A 54 -0.56 1.18 -2.93
N VAL A 55 -0.75 -0.14 -2.80
CA VAL A 55 0.21 -1.20 -3.19
C VAL A 55 -0.52 -2.32 -3.94
N SER A 56 0.14 -2.97 -4.91
CA SER A 56 -0.42 -4.08 -5.69
C SER A 56 0.58 -5.23 -5.90
N PHE A 57 0.08 -6.48 -5.86
CA PHE A 57 0.87 -7.71 -5.83
C PHE A 57 0.55 -8.66 -6.99
N SER A 58 1.47 -9.59 -7.29
CA SER A 58 1.22 -10.69 -8.26
C SER A 58 0.23 -11.74 -7.74
N ASN A 59 0.09 -11.89 -6.42
CA ASN A 59 -0.62 -12.99 -5.76
C ASN A 59 -1.50 -12.51 -4.60
N GLU A 60 -2.58 -13.23 -4.33
CA GLU A 60 -3.56 -12.93 -3.28
C GLU A 60 -3.00 -13.20 -1.88
N GLN A 61 -2.33 -14.34 -1.69
CA GLN A 61 -1.78 -14.71 -0.39
C GLN A 61 -0.68 -13.75 0.06
N ALA A 62 0.09 -13.18 -0.87
CA ALA A 62 1.08 -12.14 -0.58
C ALA A 62 0.42 -10.86 -0.04
N MET A 63 -0.66 -10.38 -0.68
CA MET A 63 -1.43 -9.23 -0.19
C MET A 63 -2.04 -9.51 1.19
N GLN A 64 -2.63 -10.68 1.39
CA GLN A 64 -3.33 -11.01 2.63
C GLN A 64 -2.37 -11.23 3.80
N ASP A 65 -1.21 -11.86 3.57
CA ASP A 65 -0.16 -12.04 4.57
C ASP A 65 0.57 -10.72 4.88
N ALA A 66 0.62 -9.79 3.91
CA ALA A 66 1.09 -8.43 4.15
C ALA A 66 0.13 -7.67 5.07
N ILE A 67 -1.16 -7.56 4.71
CA ILE A 67 -2.22 -6.96 5.55
C ILE A 67 -2.25 -7.58 6.96
N GLU A 68 -2.16 -8.91 7.07
CA GLU A 68 -2.11 -9.63 8.36
C GLU A 68 -0.88 -9.25 9.21
N GLY A 69 0.25 -8.90 8.59
CA GLY A 69 1.43 -8.36 9.28
C GLY A 69 1.44 -6.83 9.48
N MET A 70 0.57 -6.09 8.79
CA MET A 70 0.63 -4.61 8.66
C MET A 70 -0.23 -3.84 9.64
N ASN A 71 -1.38 -4.37 10.08
CA ASN A 71 -2.34 -3.62 10.90
C ASN A 71 -1.73 -3.16 12.23
N GLY A 72 -1.32 -1.89 12.28
CA GLY A 72 -0.68 -1.24 13.43
C GLY A 72 0.86 -1.28 13.48
N LYS A 73 1.57 -1.80 12.46
CA LYS A 73 3.05 -1.88 12.48
C LYS A 73 3.68 -0.49 12.61
N GLU A 74 4.72 -0.37 13.41
CA GLU A 74 5.57 0.83 13.40
C GLU A 74 6.57 0.77 12.23
N LEU A 75 6.56 1.81 11.39
CA LEU A 75 7.42 1.95 10.22
C LEU A 75 7.79 3.42 10.01
N ASP A 76 9.05 3.68 9.67
CA ASP A 76 9.61 5.05 9.58
C ASP A 76 9.30 5.95 10.81
N GLY A 77 9.04 5.33 11.97
CA GLY A 77 8.60 5.97 13.22
C GLY A 77 7.13 6.41 13.29
N ARG A 78 6.24 5.91 12.41
CA ARG A 78 4.78 6.13 12.43
C ARG A 78 4.02 4.81 12.47
N SER A 79 2.76 4.85 12.88
CA SER A 79 1.91 3.65 12.99
C SER A 79 1.08 3.44 11.72
N ILE A 80 1.17 2.24 11.14
CA ILE A 80 0.50 1.88 9.89
C ILE A 80 -1.00 1.63 10.09
N VAL A 81 -1.79 1.97 9.06
CA VAL A 81 -3.17 1.53 8.85
C VAL A 81 -3.30 0.92 7.45
N VAL A 82 -3.99 -0.22 7.35
CA VAL A 82 -4.20 -0.98 6.10
C VAL A 82 -5.67 -1.33 5.85
N ASN A 83 -6.13 -1.22 4.61
CA ASN A 83 -7.40 -1.84 4.15
C ASN A 83 -7.41 -2.19 2.66
N GLU A 84 -8.19 -3.19 2.29
CA GLU A 84 -8.40 -3.64 0.91
C GLU A 84 -9.01 -2.56 0.00
N ALA A 85 -8.55 -2.51 -1.27
CA ALA A 85 -9.02 -1.54 -2.25
C ALA A 85 -10.31 -1.95 -2.98
N GLN A 86 -10.76 -3.20 -2.86
CA GLN A 86 -11.87 -3.74 -3.67
C GLN A 86 -13.23 -3.10 -3.34
N SER A 87 -13.45 -2.78 -2.06
CA SER A 87 -14.58 -2.00 -1.56
C SER A 87 -14.43 -0.48 -1.75
N ARG A 88 -13.22 0.02 -2.06
CA ARG A 88 -12.93 1.45 -2.31
C ARG A 88 -13.36 1.94 -3.70
N GLY A 89 -14.32 1.24 -4.32
CA GLY A 89 -14.86 1.53 -5.65
C GLY A 89 -15.99 0.60 -6.07
N TYR A 90 -16.75 1.01 -7.09
CA TYR A 90 -17.77 0.23 -7.78
C TYR A 90 -17.95 0.72 -9.22
N GLY A 91 -18.18 -0.19 -10.17
CA GLY A 91 -18.24 0.13 -11.60
C GLY A 91 -16.86 0.16 -12.27
N GLY A 92 -16.56 1.24 -13.00
CA GLY A 92 -15.27 1.47 -13.66
C GLY A 92 -15.27 2.68 -14.57
N MET A 1 -10.42 -9.63 1.87
CA MET A 1 -11.35 -10.78 1.96
C MET A 1 -10.74 -11.99 1.23
N ALA A 2 -11.47 -12.62 0.32
CA ALA A 2 -10.96 -13.54 -0.69
C ALA A 2 -11.11 -12.88 -2.06
N GLU A 3 -10.00 -12.39 -2.62
CA GLU A 3 -9.99 -11.54 -3.83
C GLU A 3 -10.09 -12.37 -5.13
N SER A 4 -11.31 -12.75 -5.51
CA SER A 4 -11.62 -13.40 -6.80
C SER A 4 -11.46 -12.44 -8.00
N ASP A 5 -11.67 -12.91 -9.23
CA ASP A 5 -11.25 -12.24 -10.47
C ASP A 5 -11.86 -10.84 -10.73
N GLY A 6 -12.94 -10.45 -10.05
CA GLY A 6 -13.57 -9.13 -10.14
C GLY A 6 -13.07 -8.12 -9.09
N ALA A 7 -12.52 -8.60 -7.97
CA ALA A 7 -11.83 -7.80 -6.97
C ALA A 7 -10.37 -7.50 -7.40
N GLU A 8 -9.57 -6.89 -6.53
CA GLU A 8 -8.15 -6.63 -6.78
C GLU A 8 -7.28 -6.90 -5.55
N TYR A 9 -6.17 -7.64 -5.70
CA TYR A 9 -5.18 -7.82 -4.62
C TYR A 9 -4.16 -6.66 -4.65
N ARG A 10 -4.67 -5.53 -4.15
CA ARG A 10 -4.06 -4.22 -4.00
C ARG A 10 -4.61 -3.62 -2.69
N CYS A 11 -3.78 -2.91 -1.92
CA CYS A 11 -4.19 -2.30 -0.65
C CYS A 11 -3.81 -0.81 -0.58
N PHE A 12 -4.57 -0.07 0.21
CA PHE A 12 -4.28 1.31 0.62
C PHE A 12 -3.43 1.30 1.90
N VAL A 13 -2.54 2.28 2.03
CA VAL A 13 -1.46 2.31 3.02
C VAL A 13 -1.40 3.70 3.66
N GLY A 14 -1.90 3.85 4.90
CA GLY A 14 -1.75 5.10 5.66
C GLY A 14 -0.60 4.99 6.66
N SER A 15 0.42 5.84 6.51
CA SER A 15 1.62 5.86 7.38
C SER A 15 2.60 6.98 7.07
N LEU A 16 2.74 7.36 5.79
CA LEU A 16 3.87 8.13 5.25
C LEU A 16 3.94 9.57 5.80
N SER A 17 5.09 10.17 5.53
CA SER A 17 5.53 11.46 6.07
C SER A 17 6.42 12.19 5.05
N TRP A 18 6.83 13.42 5.34
CA TRP A 18 7.71 14.26 4.51
C TRP A 18 8.97 13.54 3.98
N ASN A 19 9.54 12.60 4.74
CA ASN A 19 10.73 11.84 4.35
C ASN A 19 10.44 10.43 3.76
N THR A 20 9.24 9.87 3.92
CA THR A 20 8.85 8.52 3.42
C THR A 20 8.26 8.55 2.01
N ASP A 21 8.46 7.52 1.19
CA ASP A 21 7.88 7.43 -0.17
C ASP A 21 7.51 5.98 -0.62
N ASP A 22 7.09 5.80 -1.88
CA ASP A 22 6.75 4.49 -2.52
C ASP A 22 7.86 3.44 -2.35
N ARG A 23 9.12 3.76 -2.66
CA ARG A 23 10.26 2.85 -2.48
C ARG A 23 10.44 2.38 -1.03
N GLY A 24 10.01 3.18 -0.05
CA GLY A 24 10.06 2.87 1.37
C GLY A 24 8.99 1.89 1.83
N LEU A 25 7.72 2.08 1.43
CA LEU A 25 6.68 1.08 1.70
C LEU A 25 6.93 -0.21 0.90
N GLU A 26 7.39 -0.09 -0.35
CA GLU A 26 7.74 -1.23 -1.20
C GLU A 26 8.72 -2.18 -0.50
N ALA A 27 9.79 -1.68 0.12
CA ALA A 27 10.81 -2.55 0.73
C ALA A 27 10.28 -3.38 1.91
N ALA A 28 9.41 -2.79 2.74
CA ALA A 28 8.78 -3.49 3.86
C ALA A 28 7.70 -4.48 3.40
N PHE A 29 6.86 -4.11 2.42
CA PHE A 29 5.88 -5.03 1.84
C PHE A 29 6.53 -6.16 1.00
N SER A 30 7.69 -5.90 0.39
CA SER A 30 8.47 -6.89 -0.37
C SER A 30 9.01 -8.03 0.50
N SER A 31 9.08 -7.84 1.83
CA SER A 31 9.42 -8.89 2.81
C SER A 31 8.32 -9.94 2.98
N PHE A 32 7.10 -9.68 2.47
CA PHE A 32 5.96 -10.61 2.50
C PHE A 32 5.79 -11.36 1.18
N GLY A 33 5.93 -10.69 0.03
CA GLY A 33 5.74 -11.31 -1.29
C GLY A 33 6.16 -10.44 -2.49
N GLU A 34 5.89 -10.93 -3.69
CA GLU A 34 6.25 -10.32 -4.99
C GLU A 34 5.33 -9.13 -5.35
N ILE A 35 5.92 -7.98 -5.71
CA ILE A 35 5.24 -6.69 -5.92
C ILE A 35 5.09 -6.32 -7.40
N LEU A 36 3.96 -5.68 -7.73
CA LEU A 36 3.66 -5.09 -9.04
C LEU A 36 3.82 -3.55 -9.06
N ASP A 37 3.29 -2.84 -8.05
CA ASP A 37 3.16 -1.37 -8.06
C ASP A 37 3.12 -0.79 -6.62
N ALA A 38 3.56 0.46 -6.46
CA ALA A 38 3.24 1.30 -5.32
C ALA A 38 2.96 2.77 -5.75
N LYS A 39 2.00 3.41 -5.10
CA LYS A 39 1.66 4.85 -5.22
C LYS A 39 2.11 5.57 -3.95
N ILE A 40 2.50 6.84 -4.09
CA ILE A 40 2.61 7.80 -3.01
C ILE A 40 2.02 9.13 -3.48
N ILE A 41 1.36 9.90 -2.60
CA ILE A 41 0.90 11.26 -2.90
C ILE A 41 1.61 12.31 -2.02
N ASN A 42 2.46 13.10 -2.68
CA ASN A 42 3.12 14.30 -2.14
C ASN A 42 3.43 15.27 -3.29
N ASP A 43 2.81 16.47 -3.30
CA ASP A 43 3.23 17.55 -4.20
C ASP A 43 4.22 18.45 -3.44
N ARG A 44 5.51 18.09 -3.52
CA ARG A 44 6.60 18.64 -2.69
C ARG A 44 6.83 20.13 -2.91
N GLU A 45 6.66 20.64 -4.13
CA GLU A 45 6.76 22.09 -4.43
C GLU A 45 5.60 22.91 -3.83
N THR A 46 4.49 22.27 -3.47
CA THR A 46 3.40 22.86 -2.68
C THR A 46 3.59 22.60 -1.17
N GLY A 47 4.52 21.72 -0.78
CA GLY A 47 4.67 21.24 0.60
C GLY A 47 3.53 20.30 1.05
N ARG A 48 2.85 19.69 0.07
CA ARG A 48 1.56 19.00 0.19
C ARG A 48 1.77 17.49 0.33
N SER A 49 2.29 17.07 1.48
CA SER A 49 2.51 15.67 1.87
C SER A 49 1.21 15.03 2.41
N ARG A 50 0.48 14.31 1.55
CA ARG A 50 -0.76 13.63 1.94
C ARG A 50 -0.51 12.40 2.81
N GLY A 51 0.68 11.78 2.71
CA GLY A 51 1.14 10.80 3.71
C GLY A 51 0.43 9.45 3.64
N PHE A 52 0.03 9.03 2.44
CA PHE A 52 -0.55 7.71 2.15
C PHE A 52 -0.23 7.28 0.72
N GLY A 53 -0.58 6.02 0.40
CA GLY A 53 -0.32 5.39 -0.89
C GLY A 53 -1.15 4.14 -1.14
N PHE A 54 -0.94 3.51 -2.31
CA PHE A 54 -1.38 2.15 -2.60
C PHE A 54 -0.18 1.21 -2.77
N VAL A 55 -0.41 -0.10 -2.65
CA VAL A 55 0.57 -1.17 -2.90
C VAL A 55 -0.14 -2.37 -3.57
N SER A 56 0.51 -3.07 -4.51
CA SER A 56 -0.13 -4.13 -5.34
C SER A 56 0.74 -5.38 -5.48
N PHE A 57 0.11 -6.56 -5.40
CA PHE A 57 0.75 -7.88 -5.41
C PHE A 57 0.37 -8.72 -6.64
N SER A 58 1.16 -9.77 -6.92
CA SER A 58 0.90 -10.74 -8.00
C SER A 58 0.16 -12.02 -7.55
N ASN A 59 -0.10 -12.22 -6.24
CA ASN A 59 -0.83 -13.38 -5.72
C ASN A 59 -1.81 -13.01 -4.58
N GLU A 60 -2.88 -13.79 -4.46
CA GLU A 60 -4.02 -13.58 -3.54
C GLU A 60 -3.63 -13.71 -2.06
N GLN A 61 -2.80 -14.70 -1.71
CA GLN A 61 -2.30 -14.90 -0.34
C GLN A 61 -1.15 -13.95 0.03
N ALA A 62 -0.42 -13.39 -0.95
CA ALA A 62 0.66 -12.43 -0.66
C ALA A 62 0.10 -11.11 -0.12
N MET A 63 -0.93 -10.60 -0.79
CA MET A 63 -1.78 -9.47 -0.35
C MET A 63 -2.27 -9.62 1.10
N GLN A 64 -2.87 -10.76 1.43
CA GLN A 64 -3.53 -10.96 2.73
C GLN A 64 -2.57 -11.38 3.86
N ASP A 65 -1.46 -12.05 3.54
CA ASP A 65 -0.40 -12.30 4.53
C ASP A 65 0.41 -11.04 4.85
N ALA A 66 0.47 -10.07 3.93
CA ALA A 66 0.97 -8.73 4.19
C ALA A 66 -0.01 -7.94 5.08
N ILE A 67 -1.25 -7.71 4.64
CA ILE A 67 -2.29 -6.97 5.40
C ILE A 67 -2.40 -7.44 6.86
N GLU A 68 -2.47 -8.74 7.13
CA GLU A 68 -2.57 -9.25 8.51
C GLU A 68 -1.31 -9.04 9.36
N GLY A 69 -0.13 -8.85 8.74
CA GLY A 69 1.06 -8.33 9.42
C GLY A 69 1.03 -6.81 9.59
N MET A 70 0.55 -6.08 8.59
CA MET A 70 0.54 -4.61 8.50
C MET A 70 -0.48 -3.92 9.42
N ASN A 71 -1.61 -4.56 9.69
CA ASN A 71 -2.69 -4.00 10.52
C ASN A 71 -2.16 -3.65 11.92
N GLY A 72 -1.94 -2.36 12.20
CA GLY A 72 -1.45 -1.88 13.49
C GLY A 72 0.06 -2.05 13.74
N LYS A 73 0.88 -2.23 12.69
CA LYS A 73 2.35 -2.40 12.78
C LYS A 73 3.10 -1.06 12.99
N GLU A 74 4.43 -1.10 12.88
CA GLU A 74 5.32 0.07 12.92
C GLU A 74 6.30 0.04 11.73
N LEU A 75 6.13 0.97 10.78
CA LEU A 75 6.93 1.11 9.54
C LEU A 75 7.50 2.52 9.45
N ASP A 76 8.75 2.67 8.97
CA ASP A 76 9.49 3.95 8.96
C ASP A 76 9.56 4.62 10.36
N GLY A 77 9.45 3.85 11.44
CA GLY A 77 9.35 4.37 12.82
C GLY A 77 8.02 5.06 13.15
N ARG A 78 7.00 4.92 12.29
CA ARG A 78 5.65 5.50 12.40
C ARG A 78 4.63 4.39 12.63
N SER A 79 3.45 4.75 13.12
CA SER A 79 2.27 3.88 13.06
C SER A 79 1.79 3.69 11.61
N ILE A 80 1.20 2.52 11.32
CA ILE A 80 0.59 2.19 10.01
C ILE A 80 -0.84 1.63 10.17
N VAL A 81 -1.68 1.93 9.19
CA VAL A 81 -3.03 1.39 8.98
C VAL A 81 -3.15 0.92 7.52
N VAL A 82 -3.83 -0.20 7.31
CA VAL A 82 -4.07 -0.81 5.98
C VAL A 82 -5.56 -1.02 5.72
N ASN A 83 -5.98 -0.97 4.45
CA ASN A 83 -7.20 -1.65 3.98
C ASN A 83 -7.01 -2.19 2.56
N GLU A 84 -7.80 -3.18 2.20
CA GLU A 84 -7.98 -3.61 0.81
C GLU A 84 -8.52 -2.46 -0.07
N ALA A 85 -8.06 -2.37 -1.33
CA ALA A 85 -8.36 -1.25 -2.23
C ALA A 85 -9.83 -1.22 -2.65
N GLN A 86 -10.54 -2.36 -2.65
CA GLN A 86 -11.98 -2.42 -2.92
C GLN A 86 -12.79 -1.54 -1.94
N SER A 87 -12.32 -1.30 -0.71
CA SER A 87 -12.97 -0.41 0.27
C SER A 87 -12.93 1.07 -0.13
N ARG A 88 -12.05 1.43 -1.07
CA ARG A 88 -11.82 2.78 -1.62
C ARG A 88 -12.11 2.87 -3.14
N GLY A 89 -12.71 1.82 -3.73
CA GLY A 89 -12.80 1.63 -5.18
C GLY A 89 -13.44 2.79 -5.94
N TYR A 90 -12.81 3.21 -7.04
CA TYR A 90 -13.28 4.29 -7.90
C TYR A 90 -14.61 3.94 -8.62
N GLY A 91 -15.48 4.93 -8.79
CA GLY A 91 -16.85 4.76 -9.30
C GLY A 91 -17.86 4.24 -8.28
N GLY A 92 -17.40 3.79 -7.09
CA GLY A 92 -18.22 3.24 -6.01
C GLY A 92 -18.80 1.86 -6.32
N MET A 1 -12.96 -8.73 0.22
CA MET A 1 -12.28 -8.27 -1.00
C MET A 1 -12.42 -9.31 -2.11
N ALA A 2 -12.49 -8.85 -3.37
CA ALA A 2 -12.68 -9.70 -4.55
C ALA A 2 -11.72 -9.32 -5.69
N GLU A 3 -10.56 -9.99 -5.74
CA GLU A 3 -9.50 -9.74 -6.71
C GLU A 3 -9.56 -10.77 -7.86
N SER A 4 -10.46 -10.54 -8.81
CA SER A 4 -10.74 -11.45 -9.94
C SER A 4 -9.53 -11.66 -10.87
N ASP A 5 -9.59 -12.64 -11.78
CA ASP A 5 -8.52 -12.94 -12.75
C ASP A 5 -8.23 -11.77 -13.71
N GLY A 6 -9.23 -10.95 -14.05
CA GLY A 6 -9.10 -9.69 -14.80
C GLY A 6 -8.62 -8.48 -13.98
N ALA A 7 -8.59 -8.59 -12.65
CA ALA A 7 -8.32 -7.50 -11.71
C ALA A 7 -6.92 -7.61 -11.06
N GLU A 8 -6.65 -6.84 -9.99
CA GLU A 8 -5.34 -6.80 -9.31
C GLU A 8 -5.40 -6.77 -7.78
N TYR A 9 -4.37 -7.33 -7.15
CA TYR A 9 -4.17 -7.36 -5.70
C TYR A 9 -3.58 -6.01 -5.24
N ARG A 10 -4.41 -5.14 -4.64
CA ARG A 10 -4.04 -3.76 -4.24
C ARG A 10 -4.71 -3.34 -2.92
N CYS A 11 -3.97 -2.66 -2.03
CA CYS A 11 -4.48 -2.12 -0.76
C CYS A 11 -3.93 -0.72 -0.43
N PHE A 12 -4.67 0.05 0.36
CA PHE A 12 -4.31 1.37 0.91
C PHE A 12 -3.35 1.24 2.10
N VAL A 13 -2.42 2.20 2.24
CA VAL A 13 -1.41 2.25 3.30
C VAL A 13 -1.15 3.70 3.76
N GLY A 14 -1.58 4.05 4.97
CA GLY A 14 -1.14 5.30 5.61
C GLY A 14 0.06 5.03 6.52
N SER A 15 1.22 5.64 6.23
CA SER A 15 2.49 5.48 6.99
C SER A 15 3.61 6.46 6.56
N LEU A 16 3.36 7.36 5.61
CA LEU A 16 4.39 8.21 4.99
C LEU A 16 4.41 9.62 5.60
N SER A 17 5.49 10.32 5.31
CA SER A 17 5.70 11.76 5.51
C SER A 17 6.11 12.39 4.18
N TRP A 18 6.35 13.71 4.13
CA TRP A 18 7.02 14.34 2.98
C TRP A 18 8.43 13.77 2.67
N ASN A 19 9.06 13.01 3.57
CA ASN A 19 10.37 12.37 3.32
C ASN A 19 10.28 10.92 2.80
N THR A 20 9.30 10.13 3.26
CA THR A 20 9.05 8.77 2.74
C THR A 20 8.47 8.83 1.32
N ASP A 21 8.64 7.75 0.56
CA ASP A 21 7.91 7.56 -0.68
C ASP A 21 7.62 6.07 -0.99
N ASP A 22 7.13 5.77 -2.20
CA ASP A 22 6.66 4.43 -2.57
C ASP A 22 7.74 3.33 -2.47
N ARG A 23 9.03 3.68 -2.55
CA ARG A 23 10.13 2.71 -2.37
C ARG A 23 10.32 2.30 -0.91
N GLY A 24 9.87 3.09 0.06
CA GLY A 24 9.78 2.68 1.46
C GLY A 24 8.69 1.63 1.69
N LEU A 25 7.56 1.74 0.96
CA LEU A 25 6.52 0.69 0.88
C LEU A 25 7.00 -0.55 0.12
N GLU A 26 7.68 -0.40 -1.02
CA GLU A 26 8.22 -1.51 -1.82
C GLU A 26 9.16 -2.40 -1.00
N ALA A 27 9.97 -1.80 -0.12
CA ALA A 27 10.79 -2.51 0.86
C ALA A 27 9.94 -3.14 1.98
N ALA A 28 9.07 -2.36 2.63
CA ALA A 28 8.28 -2.81 3.80
C ALA A 28 7.39 -4.05 3.55
N PHE A 29 6.91 -4.21 2.30
CA PHE A 29 6.06 -5.33 1.89
C PHE A 29 6.82 -6.47 1.19
N SER A 30 8.07 -6.26 0.76
CA SER A 30 8.88 -7.32 0.10
C SER A 30 9.19 -8.51 1.01
N SER A 31 9.10 -8.37 2.34
CA SER A 31 9.21 -9.47 3.32
C SER A 31 8.16 -10.57 3.11
N PHE A 32 6.95 -10.22 2.68
CA PHE A 32 5.83 -11.16 2.50
C PHE A 32 5.80 -11.81 1.11
N GLY A 33 6.27 -11.15 0.04
CA GLY A 33 6.18 -11.71 -1.30
C GLY A 33 6.88 -10.92 -2.41
N GLU A 34 6.65 -11.39 -3.64
CA GLU A 34 7.03 -10.69 -4.86
C GLU A 34 6.10 -9.48 -5.07
N ILE A 35 6.68 -8.30 -5.24
CA ILE A 35 5.96 -7.00 -5.17
C ILE A 35 5.84 -6.36 -6.55
N LEU A 36 4.75 -5.65 -6.82
CA LEU A 36 4.40 -5.15 -8.15
C LEU A 36 4.55 -3.62 -8.24
N ASP A 37 3.89 -2.87 -7.34
CA ASP A 37 3.89 -1.40 -7.36
C ASP A 37 3.56 -0.77 -6.01
N ALA A 38 3.80 0.53 -5.91
CA ALA A 38 3.10 1.39 -4.97
C ALA A 38 2.93 2.85 -5.48
N LYS A 39 1.88 3.53 -5.02
CA LYS A 39 1.56 4.96 -5.26
C LYS A 39 1.96 5.78 -4.05
N ILE A 40 2.38 7.02 -4.30
CA ILE A 40 2.59 8.03 -3.26
C ILE A 40 1.98 9.37 -3.70
N ILE A 41 1.37 10.12 -2.77
CA ILE A 41 0.90 11.49 -2.99
C ILE A 41 1.38 12.47 -1.90
N ASN A 42 2.15 13.48 -2.32
CA ASN A 42 2.65 14.60 -1.51
C ASN A 42 3.03 15.79 -2.42
N ASP A 43 2.88 17.02 -1.95
CA ASP A 43 3.80 18.12 -2.31
C ASP A 43 4.20 18.94 -1.07
N ARG A 44 5.50 18.98 -0.73
CA ARG A 44 6.02 19.87 0.33
C ARG A 44 6.04 21.35 -0.11
N GLU A 45 6.28 21.62 -1.40
CA GLU A 45 6.31 22.98 -1.95
C GLU A 45 4.96 23.70 -1.81
N THR A 46 3.86 23.08 -2.26
CA THR A 46 2.49 23.60 -2.04
C THR A 46 1.87 23.16 -0.70
N GLY A 47 2.62 22.50 0.18
CA GLY A 47 2.21 22.18 1.55
C GLY A 47 1.05 21.19 1.68
N ARG A 48 0.89 20.27 0.72
CA ARG A 48 -0.13 19.20 0.68
C ARG A 48 0.51 17.82 0.88
N SER A 49 0.95 17.53 2.10
CA SER A 49 1.58 16.26 2.47
C SER A 49 0.53 15.22 2.89
N ARG A 50 0.03 14.43 1.92
CA ARG A 50 -1.04 13.45 2.15
C ARG A 50 -0.56 12.27 3.00
N GLY A 51 0.69 11.87 2.83
CA GLY A 51 1.38 10.91 3.72
C GLY A 51 0.82 9.47 3.66
N PHE A 52 0.18 9.10 2.56
CA PHE A 52 -0.35 7.77 2.29
C PHE A 52 -0.05 7.32 0.86
N GLY A 53 -0.34 6.05 0.59
CA GLY A 53 -0.20 5.42 -0.71
C GLY A 53 -1.15 4.25 -0.92
N PHE A 54 -1.03 3.63 -2.09
CA PHE A 54 -1.49 2.26 -2.35
C PHE A 54 -0.28 1.36 -2.59
N VAL A 55 -0.41 0.05 -2.34
CA VAL A 55 0.62 -0.96 -2.61
C VAL A 55 -0.01 -2.20 -3.27
N SER A 56 0.71 -2.86 -4.17
CA SER A 56 0.18 -3.93 -5.03
C SER A 56 1.14 -5.11 -5.19
N PHE A 57 0.57 -6.32 -5.24
CA PHE A 57 1.23 -7.62 -5.34
C PHE A 57 0.92 -8.33 -6.68
N SER A 58 1.65 -9.41 -6.98
CA SER A 58 1.39 -10.30 -8.12
C SER A 58 0.63 -11.59 -7.74
N ASN A 59 0.47 -11.90 -6.45
CA ASN A 59 -0.35 -13.03 -5.95
C ASN A 59 -1.14 -12.70 -4.67
N GLU A 60 -2.20 -13.49 -4.44
CA GLU A 60 -3.12 -13.37 -3.29
C GLU A 60 -2.47 -13.81 -1.98
N GLN A 61 -1.67 -14.90 -2.03
CA GLN A 61 -1.07 -15.54 -0.85
C GLN A 61 -0.16 -14.59 -0.06
N ALA A 62 0.55 -13.69 -0.76
CA ALA A 62 1.37 -12.65 -0.13
C ALA A 62 0.53 -11.44 0.29
N MET A 63 -0.33 -10.93 -0.59
CA MET A 63 -1.26 -9.82 -0.35
C MET A 63 -2.04 -9.97 0.96
N GLN A 64 -2.73 -11.09 1.14
CA GLN A 64 -3.68 -11.26 2.24
C GLN A 64 -3.05 -11.72 3.56
N ASP A 65 -1.93 -12.44 3.50
CA ASP A 65 -1.11 -12.73 4.69
C ASP A 65 -0.34 -11.50 5.18
N ALA A 66 0.04 -10.59 4.26
CA ALA A 66 0.60 -9.28 4.64
C ALA A 66 -0.46 -8.45 5.37
N ILE A 67 -1.63 -8.20 4.77
CA ILE A 67 -2.73 -7.42 5.36
C ILE A 67 -3.09 -7.93 6.77
N GLU A 68 -3.31 -9.23 6.95
CA GLU A 68 -3.62 -9.82 8.28
C GLU A 68 -2.47 -9.71 9.31
N GLY A 69 -1.23 -9.48 8.87
CA GLY A 69 -0.07 -9.20 9.71
C GLY A 69 0.28 -7.70 9.85
N MET A 70 -0.30 -6.81 9.03
CA MET A 70 0.13 -5.42 8.88
C MET A 70 -0.49 -4.45 9.88
N ASN A 71 -1.78 -4.55 10.16
CA ASN A 71 -2.53 -3.45 10.79
C ASN A 71 -2.00 -3.09 12.20
N GLY A 72 -1.29 -1.96 12.31
CA GLY A 72 -0.65 -1.48 13.54
C GLY A 72 0.88 -1.68 13.65
N LYS A 73 1.55 -2.39 12.73
CA LYS A 73 3.03 -2.50 12.71
C LYS A 73 3.70 -1.14 12.48
N GLU A 74 4.96 -0.98 12.92
CA GLU A 74 5.75 0.20 12.63
C GLU A 74 6.46 0.09 11.26
N LEU A 75 6.05 0.93 10.31
CA LEU A 75 6.63 1.03 8.96
C LEU A 75 7.03 2.50 8.70
N ASP A 76 8.29 2.70 8.32
CA ASP A 76 9.02 3.97 8.35
C ASP A 76 8.92 4.74 9.69
N GLY A 77 8.83 4.00 10.80
CA GLY A 77 8.64 4.55 12.15
C GLY A 77 7.25 5.11 12.46
N ARG A 78 6.28 4.92 11.56
CA ARG A 78 4.85 5.28 11.72
C ARG A 78 4.02 4.02 11.95
N SER A 79 2.93 4.13 12.70
CA SER A 79 1.99 3.01 12.89
C SER A 79 1.08 2.88 11.68
N ILE A 80 1.23 1.78 10.93
CA ILE A 80 0.52 1.61 9.65
C ILE A 80 -0.97 1.33 9.85
N VAL A 81 -1.75 1.69 8.83
CA VAL A 81 -3.16 1.31 8.66
C VAL A 81 -3.30 0.67 7.30
N VAL A 82 -3.94 -0.50 7.24
CA VAL A 82 -4.21 -1.25 6.00
C VAL A 82 -5.71 -1.41 5.72
N ASN A 83 -6.14 -1.23 4.46
CA ASN A 83 -7.42 -1.76 3.96
C ASN A 83 -7.37 -2.00 2.43
N GLU A 84 -8.18 -2.92 1.93
CA GLU A 84 -8.27 -3.26 0.50
C GLU A 84 -8.68 -2.08 -0.41
N ALA A 85 -8.08 -2.02 -1.59
CA ALA A 85 -8.25 -0.93 -2.56
C ALA A 85 -8.56 -1.39 -4.00
N GLN A 86 -8.65 -2.71 -4.24
CA GLN A 86 -9.19 -3.26 -5.49
C GLN A 86 -10.61 -2.69 -5.74
N SER A 87 -11.44 -2.57 -4.70
CA SER A 87 -12.77 -1.94 -4.77
C SER A 87 -12.76 -0.46 -5.18
N ARG A 88 -11.68 0.29 -4.91
CA ARG A 88 -11.62 1.76 -5.11
C ARG A 88 -11.38 2.18 -6.57
N GLY A 89 -10.98 1.25 -7.44
CA GLY A 89 -10.76 1.49 -8.86
C GLY A 89 -12.04 1.57 -9.69
N TYR A 90 -11.94 1.20 -10.96
CA TYR A 90 -13.06 1.14 -11.92
C TYR A 90 -13.14 -0.19 -12.70
N GLY A 91 -12.35 -1.20 -12.32
CA GLY A 91 -12.30 -2.52 -12.99
C GLY A 91 -10.98 -3.26 -12.84
N GLY A 92 -9.95 -2.59 -12.34
CA GLY A 92 -8.64 -3.12 -11.97
C GLY A 92 -7.96 -2.18 -10.99
N MET A 1 -7.10 -10.75 -2.07
CA MET A 1 -8.42 -11.23 -1.59
C MET A 1 -8.78 -12.48 -2.37
N ALA A 2 -9.77 -12.47 -3.27
CA ALA A 2 -10.00 -13.54 -4.25
C ALA A 2 -10.36 -12.96 -5.64
N GLU A 3 -9.34 -12.73 -6.47
CA GLU A 3 -9.39 -11.87 -7.65
C GLU A 3 -9.83 -12.61 -8.92
N SER A 4 -11.11 -12.41 -9.24
CA SER A 4 -11.59 -12.40 -10.64
C SER A 4 -11.01 -11.20 -11.42
N ASP A 5 -11.22 -11.15 -12.74
CA ASP A 5 -10.83 -9.97 -13.55
C ASP A 5 -11.54 -8.67 -13.14
N GLY A 6 -12.69 -8.76 -12.46
CA GLY A 6 -13.41 -7.62 -11.89
C GLY A 6 -12.72 -6.98 -10.67
N ALA A 7 -11.72 -7.64 -10.08
CA ALA A 7 -11.02 -7.20 -8.87
C ALA A 7 -9.50 -7.08 -9.08
N GLU A 8 -8.82 -6.43 -8.14
CA GLU A 8 -7.38 -6.16 -8.18
C GLU A 8 -6.71 -6.33 -6.80
N TYR A 9 -5.57 -7.04 -6.75
CA TYR A 9 -4.81 -7.21 -5.50
C TYR A 9 -3.88 -6.00 -5.24
N ARG A 10 -4.44 -4.97 -4.62
CA ARG A 10 -3.71 -3.86 -3.99
C ARG A 10 -4.41 -3.38 -2.72
N CYS A 11 -3.66 -2.79 -1.79
CA CYS A 11 -4.20 -2.20 -0.57
C CYS A 11 -3.77 -0.74 -0.39
N PHE A 12 -4.60 0.02 0.32
CA PHE A 12 -4.35 1.37 0.79
C PHE A 12 -3.54 1.31 2.11
N VAL A 13 -2.66 2.30 2.27
CA VAL A 13 -1.74 2.47 3.40
C VAL A 13 -1.64 3.95 3.77
N GLY A 14 -1.47 4.26 5.06
CA GLY A 14 -1.09 5.61 5.49
C GLY A 14 -0.23 5.63 6.74
N SER A 15 0.76 6.54 6.72
CA SER A 15 1.76 6.82 7.76
C SER A 15 2.77 7.89 7.33
N LEU A 16 2.86 8.20 6.04
CA LEU A 16 4.02 8.83 5.42
C LEU A 16 4.15 10.33 5.74
N SER A 17 5.33 10.84 5.43
CA SER A 17 5.77 12.24 5.51
C SER A 17 6.72 12.50 4.33
N TRP A 18 7.26 13.71 4.17
CA TRP A 18 8.26 14.00 3.12
C TRP A 18 9.49 13.05 3.14
N ASN A 19 9.71 12.28 4.21
CA ASN A 19 10.80 11.31 4.32
C ASN A 19 10.44 9.93 3.73
N THR A 20 9.21 9.45 3.90
CA THR A 20 8.73 8.15 3.40
C THR A 20 8.04 8.25 2.03
N ASP A 21 8.24 7.27 1.16
CA ASP A 21 7.54 7.21 -0.15
C ASP A 21 7.27 5.76 -0.64
N ASP A 22 6.87 5.60 -1.91
CA ASP A 22 6.65 4.28 -2.52
C ASP A 22 7.89 3.38 -2.54
N ARG A 23 9.10 3.94 -2.40
CA ARG A 23 10.35 3.18 -2.14
C ARG A 23 10.22 2.32 -0.89
N GLY A 24 9.90 2.96 0.25
CA GLY A 24 9.73 2.30 1.54
C GLY A 24 8.53 1.34 1.57
N LEU A 25 7.39 1.73 0.99
CA LEU A 25 6.22 0.85 0.90
C LEU A 25 6.50 -0.43 0.07
N GLU A 26 7.15 -0.30 -1.08
CA GLU A 26 7.59 -1.46 -1.88
C GLU A 26 8.52 -2.37 -1.09
N ALA A 27 9.53 -1.80 -0.42
CA ALA A 27 10.55 -2.56 0.29
C ALA A 27 9.98 -3.28 1.52
N ALA A 28 9.17 -2.60 2.34
CA ALA A 28 8.58 -3.18 3.55
C ALA A 28 7.57 -4.30 3.25
N PHE A 29 6.89 -4.28 2.09
CA PHE A 29 5.96 -5.33 1.67
C PHE A 29 6.62 -6.45 0.85
N SER A 30 7.77 -6.20 0.20
CA SER A 30 8.50 -7.20 -0.61
C SER A 30 8.84 -8.49 0.18
N SER A 31 8.96 -8.41 1.50
CA SER A 31 9.23 -9.55 2.39
C SER A 31 8.18 -10.66 2.26
N PHE A 32 6.90 -10.29 2.05
CA PHE A 32 5.75 -11.20 2.04
C PHE A 32 5.46 -11.80 0.66
N GLY A 33 5.85 -11.10 -0.41
CA GLY A 33 5.74 -11.55 -1.81
C GLY A 33 6.24 -10.45 -2.75
N GLU A 34 6.52 -10.80 -4.01
CA GLU A 34 7.10 -9.83 -4.94
C GLU A 34 6.08 -8.72 -5.31
N ILE A 35 6.51 -7.46 -5.26
CA ILE A 35 5.68 -6.27 -5.49
C ILE A 35 5.75 -5.81 -6.95
N LEU A 36 4.58 -5.53 -7.53
CA LEU A 36 4.43 -5.08 -8.91
C LEU A 36 4.31 -3.56 -9.03
N ASP A 37 3.81 -2.86 -8.01
CA ASP A 37 3.65 -1.40 -8.00
C ASP A 37 3.51 -0.85 -6.56
N ALA A 38 3.85 0.42 -6.36
CA ALA A 38 3.51 1.20 -5.17
C ALA A 38 3.32 2.69 -5.55
N LYS A 39 2.46 3.40 -4.82
CA LYS A 39 2.10 4.82 -5.04
C LYS A 39 2.35 5.67 -3.80
N ILE A 40 3.01 6.81 -3.98
CA ILE A 40 2.99 7.93 -3.02
C ILE A 40 2.05 9.02 -3.56
N ILE A 41 1.27 9.67 -2.70
CA ILE A 41 0.52 10.87 -3.08
C ILE A 41 0.88 12.09 -2.20
N ASN A 42 1.14 13.18 -2.92
CA ASN A 42 1.56 14.48 -2.43
C ASN A 42 1.19 15.58 -3.46
N ASP A 43 1.27 16.82 -3.02
CA ASP A 43 1.02 18.04 -3.78
C ASP A 43 2.35 18.77 -4.05
N ARG A 44 3.04 18.42 -5.15
CA ARG A 44 4.40 18.91 -5.45
C ARG A 44 4.46 20.41 -5.76
N GLU A 45 3.33 21.03 -6.10
CA GLU A 45 3.21 22.48 -6.30
C GLU A 45 3.42 23.29 -5.00
N THR A 46 3.18 22.70 -3.82
CA THR A 46 3.47 23.28 -2.48
C THR A 46 4.36 22.40 -1.58
N GLY A 47 4.68 21.18 -1.99
CA GLY A 47 5.51 20.22 -1.25
C GLY A 47 4.77 19.51 -0.10
N ARG A 48 3.44 19.62 -0.05
CA ARG A 48 2.58 19.05 0.98
C ARG A 48 2.38 17.54 0.74
N SER A 49 2.60 16.72 1.76
CA SER A 49 2.36 15.27 1.68
C SER A 49 0.92 14.94 2.10
N ARG A 50 0.20 14.07 1.37
CA ARG A 50 -1.03 13.44 1.91
C ARG A 50 -0.65 12.48 3.03
N GLY A 51 0.42 11.72 2.80
CA GLY A 51 0.97 10.73 3.73
C GLY A 51 0.31 9.35 3.63
N PHE A 52 -0.43 9.11 2.56
CA PHE A 52 -1.06 7.85 2.19
C PHE A 52 -0.49 7.34 0.85
N GLY A 53 -0.82 6.10 0.50
CA GLY A 53 -0.37 5.44 -0.72
C GLY A 53 -1.13 4.15 -1.04
N PHE A 54 -0.78 3.55 -2.18
CA PHE A 54 -1.15 2.18 -2.55
C PHE A 54 0.07 1.27 -2.62
N VAL A 55 -0.14 -0.04 -2.50
CA VAL A 55 0.87 -1.09 -2.80
C VAL A 55 0.20 -2.31 -3.44
N SER A 56 0.82 -2.87 -4.49
CA SER A 56 0.22 -3.86 -5.40
C SER A 56 1.01 -5.18 -5.46
N PHE A 57 0.31 -6.29 -5.28
CA PHE A 57 0.89 -7.63 -5.08
C PHE A 57 1.04 -8.43 -6.39
N SER A 58 1.56 -9.66 -6.26
CA SER A 58 1.70 -10.68 -7.32
C SER A 58 0.70 -11.84 -7.21
N ASN A 59 -0.03 -11.97 -6.10
CA ASN A 59 -1.03 -13.03 -5.83
C ASN A 59 -2.12 -12.58 -4.85
N GLU A 60 -3.26 -13.27 -4.88
CA GLU A 60 -4.46 -12.98 -4.08
C GLU A 60 -4.24 -13.21 -2.58
N GLN A 61 -3.59 -14.33 -2.22
CA GLN A 61 -3.28 -14.69 -0.83
C GLN A 61 -2.13 -13.85 -0.25
N ALA A 62 -1.15 -13.45 -1.06
CA ALA A 62 -0.02 -12.62 -0.62
C ALA A 62 -0.50 -11.24 -0.09
N MET A 63 -1.56 -10.69 -0.71
CA MET A 63 -2.24 -9.50 -0.19
C MET A 63 -2.81 -9.73 1.21
N GLN A 64 -3.45 -10.87 1.47
CA GLN A 64 -4.09 -11.15 2.76
C GLN A 64 -3.07 -11.48 3.86
N ASP A 65 -2.06 -12.29 3.52
CA ASP A 65 -0.96 -12.64 4.41
C ASP A 65 -0.17 -11.41 4.85
N ALA A 66 -0.01 -10.42 3.95
CA ALA A 66 0.61 -9.14 4.27
C ALA A 66 -0.30 -8.29 5.18
N ILE A 67 -1.53 -7.98 4.77
CA ILE A 67 -2.50 -7.18 5.55
C ILE A 67 -2.68 -7.72 6.98
N GLU A 68 -2.80 -9.04 7.16
CA GLU A 68 -2.91 -9.67 8.51
C GLU A 68 -1.61 -9.58 9.35
N GLY A 69 -0.46 -9.36 8.69
CA GLY A 69 0.85 -9.10 9.30
C GLY A 69 1.26 -7.62 9.40
N MET A 70 0.43 -6.71 8.87
CA MET A 70 0.70 -5.25 8.74
C MET A 70 -0.03 -4.41 9.79
N ASN A 71 -1.19 -4.88 10.27
CA ASN A 71 -2.14 -4.10 11.08
C ASN A 71 -1.52 -3.48 12.36
N GLY A 72 -1.15 -2.19 12.28
CA GLY A 72 -0.56 -1.42 13.39
C GLY A 72 0.97 -1.43 13.50
N LYS A 73 1.71 -1.98 12.54
CA LYS A 73 3.20 -1.96 12.54
C LYS A 73 3.78 -0.54 12.39
N GLU A 74 5.01 -0.34 12.83
CA GLU A 74 5.79 0.89 12.56
C GLU A 74 6.61 0.72 11.28
N LEU A 75 6.27 1.48 10.23
CA LEU A 75 7.09 1.69 9.03
C LEU A 75 7.62 3.13 9.06
N ASP A 76 8.91 3.33 8.81
CA ASP A 76 9.60 4.62 8.96
C ASP A 76 9.38 5.33 10.33
N GLY A 77 9.15 4.54 11.39
CA GLY A 77 8.80 5.00 12.74
C GLY A 77 7.33 5.38 12.95
N ARG A 78 6.46 5.20 11.95
CA ARG A 78 5.07 5.69 11.90
C ARG A 78 4.07 4.52 11.86
N SER A 79 3.10 4.50 12.77
CA SER A 79 2.20 3.35 12.99
C SER A 79 1.09 3.24 11.93
N ILE A 80 1.17 2.22 11.06
CA ILE A 80 0.36 2.08 9.83
C ILE A 80 -1.05 1.52 10.06
N VAL A 81 -1.94 1.77 9.09
CA VAL A 81 -3.24 1.10 8.95
C VAL A 81 -3.38 0.59 7.52
N VAL A 82 -3.86 -0.66 7.36
CA VAL A 82 -3.97 -1.42 6.11
C VAL A 82 -5.42 -1.83 5.79
N ASN A 83 -5.88 -1.57 4.56
CA ASN A 83 -7.16 -2.09 4.02
C ASN A 83 -7.18 -2.14 2.48
N GLU A 84 -8.01 -2.98 1.89
CA GLU A 84 -8.12 -3.16 0.43
C GLU A 84 -8.49 -1.87 -0.34
N ALA A 85 -8.10 -1.77 -1.62
CA ALA A 85 -8.46 -0.63 -2.48
C ALA A 85 -9.25 -1.02 -3.76
N GLN A 86 -9.71 -2.27 -3.89
CA GLN A 86 -10.51 -2.73 -5.04
C GLN A 86 -11.96 -2.20 -5.00
N SER A 87 -12.46 -1.81 -3.82
CA SER A 87 -13.70 -1.02 -3.67
C SER A 87 -13.54 0.47 -4.06
N ARG A 88 -12.30 0.98 -4.10
CA ARG A 88 -11.98 2.41 -4.36
C ARG A 88 -11.73 2.70 -5.85
N GLY A 89 -11.17 1.73 -6.57
CA GLY A 89 -11.05 1.76 -8.04
C GLY A 89 -12.37 1.49 -8.78
N TYR A 90 -12.34 1.53 -10.12
CA TYR A 90 -13.49 1.35 -11.00
C TYR A 90 -14.13 -0.05 -10.89
N GLY A 91 -15.44 -0.16 -11.11
CA GLY A 91 -16.20 -1.42 -11.07
C GLY A 91 -16.59 -1.88 -9.66
N GLY A 92 -17.68 -2.64 -9.56
CA GLY A 92 -18.21 -3.17 -8.28
C GLY A 92 -19.67 -3.56 -8.31
N MET A 1 -9.00 -10.18 3.02
CA MET A 1 -10.43 -10.28 3.37
C MET A 1 -11.17 -10.99 2.24
N ALA A 2 -12.18 -10.40 1.57
CA ALA A 2 -12.83 -11.00 0.41
C ALA A 2 -12.48 -10.25 -0.90
N GLU A 3 -11.35 -10.63 -1.49
CA GLU A 3 -10.85 -10.11 -2.77
C GLU A 3 -10.99 -11.17 -3.87
N SER A 4 -12.14 -11.21 -4.56
CA SER A 4 -12.42 -12.11 -5.69
C SER A 4 -12.00 -11.51 -7.05
N ASP A 5 -12.30 -12.19 -8.16
CA ASP A 5 -11.94 -11.76 -9.54
C ASP A 5 -12.56 -10.40 -9.96
N GLY A 6 -13.64 -9.95 -9.33
CA GLY A 6 -14.17 -8.58 -9.48
C GLY A 6 -13.43 -7.53 -8.64
N ALA A 7 -12.81 -7.95 -7.54
CA ALA A 7 -11.99 -7.11 -6.66
C ALA A 7 -10.50 -7.15 -7.04
N GLU A 8 -9.64 -6.64 -6.17
CA GLU A 8 -8.20 -6.54 -6.42
C GLU A 8 -7.37 -6.87 -5.18
N TYR A 9 -6.30 -7.67 -5.35
CA TYR A 9 -5.24 -7.81 -4.34
C TYR A 9 -4.27 -6.62 -4.48
N ARG A 10 -4.80 -5.47 -4.05
CA ARG A 10 -4.24 -4.12 -4.04
C ARG A 10 -4.78 -3.43 -2.78
N CYS A 11 -3.93 -2.76 -2.00
CA CYS A 11 -4.33 -2.19 -0.71
C CYS A 11 -3.91 -0.72 -0.54
N PHE A 12 -4.69 0.01 0.26
CA PHE A 12 -4.34 1.32 0.80
C PHE A 12 -3.26 1.16 1.89
N VAL A 13 -2.32 2.11 1.93
CA VAL A 13 -1.19 2.13 2.87
C VAL A 13 -1.08 3.54 3.48
N GLY A 14 -1.60 3.71 4.69
CA GLY A 14 -1.45 4.94 5.48
C GLY A 14 -0.20 4.87 6.37
N SER A 15 0.60 5.94 6.44
CA SER A 15 1.73 6.15 7.38
C SER A 15 2.59 7.35 6.99
N LEU A 16 2.74 7.59 5.69
CA LEU A 16 3.83 8.36 5.08
C LEU A 16 3.89 9.83 5.51
N SER A 17 4.98 10.47 5.14
CA SER A 17 5.34 11.86 5.49
C SER A 17 6.30 12.40 4.42
N TRP A 18 6.68 13.68 4.45
CA TRP A 18 7.58 14.27 3.44
C TRP A 18 8.92 13.51 3.26
N ASN A 19 9.36 12.80 4.30
CA ASN A 19 10.58 11.97 4.36
C ASN A 19 10.38 10.53 3.84
N THR A 20 9.16 10.02 3.81
CA THR A 20 8.80 8.68 3.29
C THR A 20 8.39 8.71 1.83
N ASP A 21 8.59 7.60 1.10
CA ASP A 21 7.98 7.40 -0.22
C ASP A 21 7.68 5.92 -0.53
N ASP A 22 7.30 5.61 -1.78
CA ASP A 22 6.91 4.26 -2.22
C ASP A 22 7.99 3.19 -2.02
N ARG A 23 9.28 3.56 -2.03
CA ARG A 23 10.38 2.58 -1.86
C ARG A 23 10.38 1.94 -0.47
N GLY A 24 10.09 2.73 0.56
CA GLY A 24 10.06 2.29 1.96
C GLY A 24 8.92 1.32 2.25
N LEU A 25 7.71 1.60 1.76
CA LEU A 25 6.60 0.65 1.86
C LEU A 25 6.82 -0.58 0.96
N GLU A 26 7.35 -0.43 -0.26
CA GLU A 26 7.71 -1.57 -1.12
C GLU A 26 8.67 -2.52 -0.39
N ALA A 27 9.71 -1.99 0.28
CA ALA A 27 10.66 -2.80 1.04
C ALA A 27 10.05 -3.53 2.25
N ALA A 28 9.00 -2.95 2.88
CA ALA A 28 8.27 -3.59 3.96
C ALA A 28 7.33 -4.71 3.46
N PHE A 29 6.70 -4.53 2.28
CA PHE A 29 5.81 -5.53 1.66
C PHE A 29 6.56 -6.62 0.86
N SER A 30 7.77 -6.35 0.37
CA SER A 30 8.54 -7.27 -0.50
C SER A 30 8.86 -8.63 0.15
N SER A 31 8.87 -8.72 1.49
CA SER A 31 9.12 -10.01 2.18
C SER A 31 7.91 -10.96 2.18
N PHE A 32 6.73 -10.46 1.76
CA PHE A 32 5.50 -11.27 1.60
C PHE A 32 5.29 -11.73 0.17
N GLY A 33 5.84 -11.05 -0.84
CA GLY A 33 5.75 -11.51 -2.23
C GLY A 33 6.33 -10.55 -3.28
N GLU A 34 6.20 -10.95 -4.55
CA GLU A 34 6.62 -10.15 -5.70
C GLU A 34 5.65 -8.98 -5.95
N ILE A 35 6.14 -7.75 -5.81
CA ILE A 35 5.35 -6.52 -5.99
C ILE A 35 5.20 -6.13 -7.47
N LEU A 36 4.01 -5.59 -7.81
CA LEU A 36 3.73 -4.95 -9.09
C LEU A 36 3.81 -3.42 -8.99
N ASP A 37 3.25 -2.80 -7.95
CA ASP A 37 3.14 -1.33 -7.83
C ASP A 37 3.25 -0.83 -6.39
N ALA A 38 3.79 0.39 -6.21
CA ALA A 38 3.60 1.21 -5.02
C ALA A 38 3.45 2.68 -5.44
N LYS A 39 2.39 3.36 -4.97
CA LYS A 39 2.13 4.79 -5.15
C LYS A 39 2.40 5.53 -3.84
N ILE A 40 2.73 6.81 -3.95
CA ILE A 40 2.79 7.76 -2.85
C ILE A 40 2.19 9.10 -3.30
N ILE A 41 1.45 9.78 -2.42
CA ILE A 41 1.00 11.17 -2.63
C ILE A 41 1.40 12.11 -1.48
N ASN A 42 2.22 13.11 -1.81
CA ASN A 42 2.51 14.34 -1.06
C ASN A 42 2.85 15.44 -2.10
N ASP A 43 2.33 16.67 -2.03
CA ASP A 43 2.79 17.69 -2.99
C ASP A 43 4.14 18.30 -2.58
N ARG A 44 5.23 17.85 -3.21
CA ARG A 44 6.57 18.44 -3.06
C ARG A 44 6.71 19.82 -3.71
N GLU A 45 5.73 20.23 -4.51
CA GLU A 45 5.67 21.58 -5.10
C GLU A 45 5.15 22.60 -4.07
N THR A 46 3.96 22.32 -3.48
CA THR A 46 3.28 23.19 -2.51
C THR A 46 3.70 22.94 -1.05
N GLY A 47 4.51 21.92 -0.77
CA GLY A 47 5.06 21.68 0.57
C GLY A 47 4.07 21.04 1.55
N ARG A 48 3.18 20.17 1.04
CA ARG A 48 2.11 19.49 1.81
C ARG A 48 2.27 17.96 1.73
N SER A 49 1.51 17.23 2.56
CA SER A 49 1.50 15.77 2.59
C SER A 49 0.11 15.16 2.82
N ARG A 50 -0.28 14.18 1.99
CA ARG A 50 -1.41 13.27 2.29
C ARG A 50 -0.96 12.13 3.22
N GLY A 51 0.29 11.69 3.10
CA GLY A 51 0.90 10.68 3.97
C GLY A 51 0.27 9.29 3.83
N PHE A 52 -0.09 8.92 2.61
CA PHE A 52 -0.56 7.59 2.23
C PHE A 52 -0.21 7.24 0.78
N GLY A 53 -0.53 6.01 0.39
CA GLY A 53 -0.38 5.49 -0.97
C GLY A 53 -1.23 4.24 -1.20
N PHE A 54 -1.06 3.61 -2.36
CA PHE A 54 -1.50 2.22 -2.59
C PHE A 54 -0.32 1.28 -2.89
N VAL A 55 -0.51 -0.03 -2.71
CA VAL A 55 0.42 -1.10 -3.11
C VAL A 55 -0.34 -2.22 -3.83
N SER A 56 0.25 -2.87 -4.84
CA SER A 56 -0.38 -3.98 -5.59
C SER A 56 0.54 -5.20 -5.74
N PHE A 57 -0.02 -6.39 -5.52
CA PHE A 57 0.70 -7.67 -5.51
C PHE A 57 0.50 -8.48 -6.80
N SER A 58 1.43 -9.40 -7.06
CA SER A 58 1.33 -10.42 -8.13
C SER A 58 0.38 -11.57 -7.75
N ASN A 59 0.21 -11.87 -6.46
CA ASN A 59 -0.61 -13.00 -5.97
C ASN A 59 -1.50 -12.64 -4.76
N GLU A 60 -2.63 -13.35 -4.65
CA GLU A 60 -3.74 -13.05 -3.73
C GLU A 60 -3.41 -13.31 -2.26
N GLN A 61 -2.91 -14.51 -1.93
CA GLN A 61 -2.69 -14.90 -0.54
C GLN A 61 -1.53 -14.14 0.12
N ALA A 62 -0.57 -13.67 -0.68
CA ALA A 62 0.54 -12.82 -0.26
C ALA A 62 0.06 -11.44 0.20
N MET A 63 -0.82 -10.78 -0.56
CA MET A 63 -1.42 -9.50 -0.18
C MET A 63 -2.18 -9.60 1.15
N GLN A 64 -2.93 -10.69 1.34
CA GLN A 64 -3.73 -10.93 2.53
C GLN A 64 -2.85 -11.22 3.76
N ASP A 65 -1.82 -12.05 3.61
CA ASP A 65 -0.87 -12.35 4.68
C ASP A 65 -0.04 -11.11 5.08
N ALA A 66 0.19 -10.18 4.15
CA ALA A 66 0.82 -8.91 4.43
C ALA A 66 -0.11 -7.99 5.25
N ILE A 67 -1.34 -7.74 4.79
CA ILE A 67 -2.38 -6.99 5.54
C ILE A 67 -2.54 -7.55 6.97
N GLU A 68 -2.63 -8.88 7.11
CA GLU A 68 -2.70 -9.59 8.40
C GLU A 68 -1.47 -9.36 9.32
N GLY A 69 -0.33 -8.88 8.79
CA GLY A 69 0.89 -8.51 9.54
C GLY A 69 1.23 -7.00 9.55
N MET A 70 0.42 -6.15 8.92
CA MET A 70 0.75 -4.73 8.69
C MET A 70 0.08 -3.74 9.65
N ASN A 71 -1.16 -4.02 10.08
CA ASN A 71 -1.96 -3.10 10.89
C ASN A 71 -1.18 -2.63 12.13
N GLY A 72 -0.84 -1.34 12.18
CA GLY A 72 -0.21 -0.70 13.34
C GLY A 72 1.31 -0.86 13.46
N LYS A 73 2.01 -1.45 12.48
CA LYS A 73 3.50 -1.49 12.46
C LYS A 73 4.09 -0.08 12.47
N GLU A 74 5.23 0.14 13.14
CA GLU A 74 5.99 1.40 13.02
C GLU A 74 6.98 1.35 11.84
N LEU A 75 6.90 2.35 10.96
CA LEU A 75 7.72 2.51 9.76
C LEU A 75 8.02 4.01 9.55
N ASP A 76 9.26 4.36 9.23
CA ASP A 76 9.72 5.76 9.09
C ASP A 76 9.42 6.66 10.33
N GLY A 77 9.20 6.06 11.51
CA GLY A 77 8.77 6.76 12.74
C GLY A 77 7.26 6.98 12.89
N ARG A 78 6.45 6.44 11.97
CA ARG A 78 4.99 6.59 11.86
C ARG A 78 4.29 5.24 11.95
N SER A 79 2.99 5.23 12.21
CA SER A 79 2.18 4.01 12.36
C SER A 79 1.43 3.64 11.08
N ILE A 80 1.45 2.36 10.71
CA ILE A 80 0.81 1.85 9.49
C ILE A 80 -0.70 1.63 9.66
N VAL A 81 -1.46 1.95 8.61
CA VAL A 81 -2.86 1.57 8.41
C VAL A 81 -3.00 0.82 7.07
N VAL A 82 -3.69 -0.32 7.08
CA VAL A 82 -3.92 -1.17 5.89
C VAL A 82 -5.40 -1.51 5.68
N ASN A 83 -5.86 -1.45 4.43
CA ASN A 83 -7.12 -2.09 3.98
C ASN A 83 -7.11 -2.32 2.46
N GLU A 84 -7.94 -3.23 1.97
CA GLU A 84 -8.14 -3.45 0.52
C GLU A 84 -8.66 -2.17 -0.19
N ALA A 85 -8.33 -2.03 -1.48
CA ALA A 85 -8.47 -0.77 -2.20
C ALA A 85 -9.76 -0.63 -3.04
N GLN A 86 -10.63 -1.64 -3.12
CA GLN A 86 -11.91 -1.52 -3.85
C GLN A 86 -13.02 -0.93 -2.95
N SER A 87 -12.99 -1.18 -1.64
CA SER A 87 -13.85 -0.57 -0.61
C SER A 87 -13.62 0.95 -0.48
N ARG A 88 -12.37 1.39 -0.65
CA ARG A 88 -11.97 2.80 -0.85
C ARG A 88 -11.92 3.20 -2.34
N GLY A 89 -12.54 2.42 -3.22
CA GLY A 89 -12.56 2.64 -4.67
C GLY A 89 -13.66 3.61 -5.12
N TYR A 90 -13.69 3.89 -6.43
CA TYR A 90 -14.68 4.75 -7.10
C TYR A 90 -14.72 6.22 -6.60
N GLY A 91 -15.46 7.08 -7.30
CA GLY A 91 -15.62 8.49 -6.95
C GLY A 91 -16.18 9.34 -8.09
N GLY A 92 -15.99 10.66 -8.01
CA GLY A 92 -16.39 11.66 -9.02
C GLY A 92 -17.89 11.91 -9.12
N MET A 1 -9.12 -15.32 -5.22
CA MET A 1 -10.54 -15.77 -5.20
C MET A 1 -11.03 -15.86 -6.65
N ALA A 2 -12.26 -15.42 -6.97
CA ALA A 2 -12.70 -15.19 -8.34
C ALA A 2 -12.41 -13.73 -8.70
N GLU A 3 -11.27 -13.48 -9.34
CA GLU A 3 -10.80 -12.15 -9.73
C GLU A 3 -11.50 -11.65 -11.01
N SER A 4 -12.70 -11.12 -10.80
CA SER A 4 -13.48 -10.27 -11.71
C SER A 4 -12.66 -9.09 -12.28
N ASP A 5 -13.09 -8.45 -13.38
CA ASP A 5 -12.25 -7.52 -14.17
C ASP A 5 -11.67 -6.32 -13.37
N GLY A 6 -12.36 -5.87 -12.32
CA GLY A 6 -11.89 -4.83 -11.39
C GLY A 6 -11.17 -5.33 -10.13
N ALA A 7 -11.25 -6.62 -9.82
CA ALA A 7 -10.70 -7.21 -8.61
C ALA A 7 -9.25 -7.69 -8.79
N GLU A 8 -8.33 -7.08 -8.05
CA GLU A 8 -6.89 -7.39 -8.09
C GLU A 8 -6.25 -7.34 -6.69
N TYR A 9 -5.02 -7.87 -6.56
CA TYR A 9 -4.33 -7.95 -5.27
C TYR A 9 -3.66 -6.62 -4.91
N ARG A 10 -4.43 -5.63 -4.43
CA ARG A 10 -3.91 -4.33 -3.98
C ARG A 10 -4.63 -3.74 -2.76
N CYS A 11 -3.94 -2.86 -2.04
CA CYS A 11 -4.38 -2.27 -0.77
C CYS A 11 -3.98 -0.78 -0.63
N PHE A 12 -4.71 -0.04 0.20
CA PHE A 12 -4.46 1.35 0.59
C PHE A 12 -3.78 1.43 1.97
N VAL A 13 -2.81 2.33 2.13
CA VAL A 13 -1.95 2.48 3.32
C VAL A 13 -1.80 3.94 3.74
N GLY A 14 -1.83 4.20 5.05
CA GLY A 14 -1.45 5.50 5.64
C GLY A 14 -0.26 5.32 6.58
N SER A 15 0.84 6.06 6.37
CA SER A 15 2.08 6.01 7.18
C SER A 15 3.09 7.12 6.84
N LEU A 16 3.14 7.54 5.58
CA LEU A 16 4.21 8.34 4.99
C LEU A 16 4.32 9.74 5.61
N SER A 17 5.50 10.32 5.49
CA SER A 17 5.84 11.70 5.85
C SER A 17 6.41 12.43 4.62
N TRP A 18 6.72 13.73 4.74
CA TRP A 18 7.45 14.47 3.69
C TRP A 18 8.74 13.77 3.22
N ASN A 19 9.38 12.96 4.08
CA ASN A 19 10.63 12.24 3.76
C ASN A 19 10.46 10.74 3.45
N THR A 20 9.28 10.15 3.64
CA THR A 20 8.96 8.79 3.13
C THR A 20 8.51 8.84 1.67
N ASP A 21 8.76 7.80 0.89
CA ASP A 21 8.11 7.62 -0.42
C ASP A 21 7.78 6.14 -0.74
N ASP A 22 7.40 5.82 -1.98
CA ASP A 22 6.99 4.47 -2.37
C ASP A 22 8.03 3.40 -2.03
N ARG A 23 9.33 3.74 -2.10
CA ARG A 23 10.46 2.83 -1.84
C ARG A 23 10.38 2.18 -0.46
N GLY A 24 9.98 2.94 0.56
CA GLY A 24 9.91 2.49 1.95
C GLY A 24 8.71 1.59 2.26
N LEU A 25 7.59 1.78 1.55
CA LEU A 25 6.49 0.80 1.52
C LEU A 25 6.93 -0.47 0.78
N GLU A 26 7.41 -0.28 -0.45
CA GLU A 26 7.81 -1.33 -1.39
C GLU A 26 8.82 -2.30 -0.75
N ALA A 27 9.84 -1.81 -0.05
CA ALA A 27 10.84 -2.65 0.60
C ALA A 27 10.34 -3.38 1.87
N ALA A 28 9.32 -2.86 2.55
CA ALA A 28 8.69 -3.50 3.71
C ALA A 28 7.64 -4.56 3.29
N PHE A 29 6.92 -4.33 2.20
CA PHE A 29 5.95 -5.27 1.62
C PHE A 29 6.58 -6.33 0.69
N SER A 30 7.71 -6.02 0.04
CA SER A 30 8.42 -6.96 -0.84
C SER A 30 8.87 -8.25 -0.12
N SER A 31 9.01 -8.21 1.21
CA SER A 31 9.34 -9.39 2.03
C SER A 31 8.19 -10.42 2.10
N PHE A 32 6.95 -10.02 1.77
CA PHE A 32 5.80 -10.95 1.67
C PHE A 32 5.74 -11.63 0.30
N GLY A 33 6.01 -10.91 -0.79
CA GLY A 33 6.10 -11.47 -2.14
C GLY A 33 6.41 -10.44 -3.22
N GLU A 34 6.31 -10.83 -4.50
CA GLU A 34 6.56 -9.94 -5.65
C GLU A 34 5.57 -8.76 -5.69
N ILE A 35 6.09 -7.53 -5.57
CA ILE A 35 5.32 -6.28 -5.72
C ILE A 35 5.28 -5.87 -7.20
N LEU A 36 4.11 -5.44 -7.66
CA LEU A 36 3.92 -4.89 -9.00
C LEU A 36 4.07 -3.36 -9.00
N ASP A 37 3.46 -2.67 -8.03
CA ASP A 37 3.44 -1.19 -8.02
C ASP A 37 3.12 -0.62 -6.63
N ALA A 38 3.54 0.62 -6.37
CA ALA A 38 3.05 1.43 -5.27
C ALA A 38 2.85 2.88 -5.70
N LYS A 39 1.88 3.57 -5.09
CA LYS A 39 1.65 5.02 -5.23
C LYS A 39 2.13 5.74 -3.97
N ILE A 40 2.81 6.87 -4.14
CA ILE A 40 2.97 7.90 -3.10
C ILE A 40 2.28 9.18 -3.57
N ILE A 41 1.67 9.93 -2.64
CA ILE A 41 1.10 11.25 -2.96
C ILE A 41 1.41 12.37 -1.94
N ASN A 42 1.65 13.55 -2.50
CA ASN A 42 1.86 14.87 -1.90
C ASN A 42 1.52 15.93 -2.96
N ASP A 43 1.37 17.20 -2.57
CA ASP A 43 1.32 18.29 -3.55
C ASP A 43 2.72 18.59 -4.10
N ARG A 44 2.89 18.59 -5.43
CA ARG A 44 4.18 18.89 -6.07
C ARG A 44 4.53 20.38 -6.03
N GLU A 45 3.54 21.26 -5.93
CA GLU A 45 3.70 22.72 -5.95
C GLU A 45 4.22 23.29 -4.62
N THR A 46 3.60 22.89 -3.51
CA THR A 46 3.99 23.30 -2.15
C THR A 46 4.91 22.31 -1.44
N GLY A 47 5.06 21.10 -1.99
CA GLY A 47 5.81 19.98 -1.40
C GLY A 47 5.05 19.25 -0.27
N ARG A 48 3.83 19.69 0.05
CA ARG A 48 3.06 19.33 1.24
C ARG A 48 2.57 17.88 1.22
N SER A 49 2.84 17.12 2.29
CA SER A 49 2.52 15.69 2.38
C SER A 49 1.02 15.40 2.48
N ARG A 50 0.59 14.29 1.87
CA ARG A 50 -0.71 13.64 2.14
C ARG A 50 -0.53 12.48 3.12
N GLY A 51 0.57 11.74 2.95
CA GLY A 51 1.06 10.73 3.90
C GLY A 51 0.48 9.32 3.71
N PHE A 52 -0.14 9.07 2.54
CA PHE A 52 -0.76 7.80 2.19
C PHE A 52 -0.38 7.36 0.77
N GLY A 53 -0.68 6.10 0.47
CA GLY A 53 -0.34 5.44 -0.78
C GLY A 53 -1.16 4.19 -1.05
N PHE A 54 -0.96 3.60 -2.22
CA PHE A 54 -1.46 2.27 -2.59
C PHE A 54 -0.29 1.29 -2.79
N VAL A 55 -0.51 -0.02 -2.61
CA VAL A 55 0.49 -1.08 -2.81
C VAL A 55 -0.17 -2.30 -3.49
N SER A 56 0.47 -2.84 -4.54
CA SER A 56 -0.03 -3.92 -5.40
C SER A 56 0.90 -5.14 -5.44
N PHE A 57 0.32 -6.33 -5.26
CA PHE A 57 1.01 -7.64 -5.19
C PHE A 57 0.76 -8.49 -6.44
N SER A 58 1.63 -9.48 -6.68
CA SER A 58 1.52 -10.42 -7.80
C SER A 58 0.61 -11.63 -7.53
N ASN A 59 0.44 -12.05 -6.28
CA ASN A 59 -0.36 -13.22 -5.86
C ASN A 59 -1.09 -12.95 -4.53
N GLU A 60 -2.19 -13.66 -4.27
CA GLU A 60 -3.15 -13.33 -3.20
C GLU A 60 -2.65 -13.62 -1.78
N GLN A 61 -2.05 -14.79 -1.54
CA GLN A 61 -1.73 -15.25 -0.18
C GLN A 61 -0.66 -14.38 0.51
N ALA A 62 0.21 -13.74 -0.28
CA ALA A 62 1.16 -12.73 0.18
C ALA A 62 0.47 -11.41 0.60
N MET A 63 -0.52 -10.92 -0.17
CA MET A 63 -1.36 -9.77 0.22
C MET A 63 -2.12 -10.06 1.53
N GLN A 64 -2.62 -11.29 1.70
CA GLN A 64 -3.37 -11.70 2.88
C GLN A 64 -2.48 -11.78 4.13
N ASP A 65 -1.30 -12.39 4.02
CA ASP A 65 -0.31 -12.45 5.11
C ASP A 65 0.21 -11.05 5.48
N ALA A 66 0.31 -10.15 4.49
CA ALA A 66 0.64 -8.75 4.76
C ALA A 66 -0.46 -8.09 5.59
N ILE A 67 -1.71 -8.03 5.11
CA ILE A 67 -2.86 -7.43 5.85
C ILE A 67 -3.07 -8.06 7.24
N GLU A 68 -2.93 -9.38 7.37
CA GLU A 68 -2.98 -10.10 8.66
C GLU A 68 -1.88 -9.67 9.64
N GLY A 69 -0.73 -9.22 9.15
CA GLY A 69 0.35 -8.66 9.96
C GLY A 69 0.25 -7.15 10.19
N MET A 70 -0.08 -6.38 9.16
CA MET A 70 0.14 -4.93 9.05
C MET A 70 -0.72 -4.07 9.96
N ASN A 71 -1.92 -4.53 10.35
CA ASN A 71 -2.92 -3.74 11.08
C ASN A 71 -2.42 -3.13 12.41
N GLY A 72 -1.92 -1.89 12.33
CA GLY A 72 -1.41 -1.08 13.45
C GLY A 72 0.12 -1.11 13.68
N LYS A 73 0.91 -1.71 12.78
CA LYS A 73 2.36 -1.95 12.97
C LYS A 73 3.24 -0.71 12.87
N GLU A 74 4.41 -0.78 13.51
CA GLU A 74 5.55 0.11 13.30
C GLU A 74 6.36 -0.30 12.05
N LEU A 75 6.17 0.43 10.94
CA LEU A 75 6.71 0.11 9.63
C LEU A 75 7.43 1.32 9.01
N ASP A 76 8.66 1.17 8.55
CA ASP A 76 9.53 2.28 8.13
C ASP A 76 9.66 3.41 9.19
N GLY A 77 9.51 3.05 10.47
CA GLY A 77 9.51 3.97 11.60
C GLY A 77 8.20 4.75 11.81
N ARG A 78 7.11 4.35 11.14
CA ARG A 78 5.79 5.00 11.12
C ARG A 78 4.68 4.07 11.63
N SER A 79 3.58 4.63 12.14
CA SER A 79 2.36 3.86 12.44
C SER A 79 1.55 3.59 11.16
N ILE A 80 1.47 2.33 10.72
CA ILE A 80 0.75 1.94 9.49
C ILE A 80 -0.66 1.40 9.74
N VAL A 81 -1.57 1.81 8.87
CA VAL A 81 -2.97 1.33 8.77
C VAL A 81 -3.17 0.71 7.38
N VAL A 82 -3.93 -0.39 7.30
CA VAL A 82 -4.17 -1.16 6.07
C VAL A 82 -5.66 -1.38 5.77
N ASN A 83 -6.05 -1.31 4.49
CA ASN A 83 -7.25 -1.97 3.96
C ASN A 83 -7.09 -2.32 2.47
N GLU A 84 -7.85 -3.29 1.99
CA GLU A 84 -7.95 -3.63 0.56
C GLU A 84 -8.42 -2.45 -0.31
N ALA A 85 -8.01 -2.46 -1.59
CA ALA A 85 -8.35 -1.45 -2.58
C ALA A 85 -8.99 -2.04 -3.87
N GLN A 86 -9.56 -3.24 -3.80
CA GLN A 86 -10.29 -3.89 -4.91
C GLN A 86 -11.80 -3.58 -4.92
N SER A 87 -12.39 -3.22 -3.76
CA SER A 87 -13.77 -2.71 -3.66
C SER A 87 -14.03 -1.41 -4.43
N ARG A 88 -12.95 -0.72 -4.84
CA ARG A 88 -12.91 0.48 -5.69
C ARG A 88 -13.33 0.23 -7.15
N GLY A 89 -13.53 -1.02 -7.55
CA GLY A 89 -14.09 -1.39 -8.86
C GLY A 89 -15.55 -0.95 -9.02
N TYR A 90 -15.97 -0.69 -10.26
CA TYR A 90 -17.33 -0.25 -10.61
C TYR A 90 -17.84 -0.77 -11.98
N GLY A 91 -17.12 -1.70 -12.62
CA GLY A 91 -17.51 -2.29 -13.91
C GLY A 91 -17.28 -1.37 -15.12
N GLY A 92 -17.89 -1.74 -16.25
CA GLY A 92 -17.99 -0.95 -17.48
C GLY A 92 -18.85 0.29 -17.33
N MET A 1 -7.16 -18.48 -11.97
CA MET A 1 -7.41 -17.17 -11.33
C MET A 1 -7.43 -16.08 -12.39
N ALA A 2 -8.13 -14.97 -12.14
CA ALA A 2 -8.21 -13.83 -13.05
C ALA A 2 -8.08 -12.48 -12.31
N GLU A 3 -6.86 -11.93 -12.24
CA GLU A 3 -6.59 -10.63 -11.59
C GLU A 3 -6.94 -9.45 -12.52
N SER A 4 -8.23 -9.12 -12.59
CA SER A 4 -8.79 -8.01 -13.39
C SER A 4 -9.03 -6.74 -12.56
N ASP A 5 -9.34 -5.62 -13.22
CA ASP A 5 -9.32 -4.26 -12.61
C ASP A 5 -10.20 -4.10 -11.35
N GLY A 6 -11.25 -4.93 -11.21
CA GLY A 6 -12.15 -4.95 -10.06
C GLY A 6 -11.81 -5.99 -8.98
N ALA A 7 -10.90 -6.93 -9.25
CA ALA A 7 -10.61 -8.10 -8.42
C ALA A 7 -9.12 -8.51 -8.48
N GLU A 8 -8.23 -7.57 -8.17
CA GLU A 8 -6.77 -7.74 -8.20
C GLU A 8 -6.09 -7.37 -6.87
N TYR A 9 -4.83 -7.77 -6.70
CA TYR A 9 -4.19 -7.82 -5.37
C TYR A 9 -3.48 -6.49 -5.02
N ARG A 10 -4.26 -5.48 -4.65
CA ARG A 10 -3.81 -4.11 -4.32
C ARG A 10 -4.50 -3.56 -3.07
N CYS A 11 -3.77 -2.84 -2.23
CA CYS A 11 -4.26 -2.29 -0.96
C CYS A 11 -3.70 -0.89 -0.63
N PHE A 12 -4.44 -0.14 0.20
CA PHE A 12 -4.14 1.18 0.75
C PHE A 12 -3.22 1.11 1.99
N VAL A 13 -2.41 2.14 2.20
CA VAL A 13 -1.45 2.29 3.31
C VAL A 13 -1.35 3.74 3.81
N GLY A 14 -1.41 3.98 5.12
CA GLY A 14 -1.20 5.32 5.72
C GLY A 14 -0.24 5.36 6.93
N SER A 15 0.83 6.15 6.80
CA SER A 15 1.89 6.41 7.82
C SER A 15 2.84 7.58 7.45
N LEU A 16 2.91 7.92 6.16
CA LEU A 16 4.11 8.46 5.51
C LEU A 16 4.40 9.93 5.83
N SER A 17 5.64 10.31 5.55
CA SER A 17 6.18 11.67 5.67
C SER A 17 6.34 12.34 4.30
N TRP A 18 6.66 13.65 4.27
CA TRP A 18 7.17 14.34 3.09
C TRP A 18 8.43 13.69 2.47
N ASN A 19 9.13 12.77 3.16
CA ASN A 19 10.27 12.01 2.64
C ASN A 19 10.09 10.47 2.50
N THR A 20 9.15 9.83 3.18
CA THR A 20 8.84 8.39 3.00
C THR A 20 8.00 8.19 1.75
N ASP A 21 8.27 7.15 0.94
CA ASP A 21 7.47 6.94 -0.28
C ASP A 21 7.29 5.47 -0.71
N ASP A 22 6.75 5.30 -1.92
CA ASP A 22 6.43 4.02 -2.58
C ASP A 22 7.60 3.02 -2.65
N ARG A 23 8.86 3.49 -2.54
CA ARG A 23 10.07 2.63 -2.54
C ARG A 23 10.37 2.00 -1.17
N GLY A 24 10.13 2.72 -0.08
CA GLY A 24 10.23 2.21 1.29
C GLY A 24 9.05 1.30 1.66
N LEU A 25 7.84 1.67 1.22
CA LEU A 25 6.67 0.79 1.22
C LEU A 25 6.95 -0.53 0.48
N GLU A 26 7.46 -0.46 -0.76
CA GLU A 26 7.83 -1.64 -1.54
C GLU A 26 8.81 -2.57 -0.80
N ALA A 27 9.82 -2.04 -0.11
CA ALA A 27 10.78 -2.85 0.63
C ALA A 27 10.17 -3.58 1.84
N ALA A 28 9.32 -2.89 2.61
CA ALA A 28 8.62 -3.46 3.76
C ALA A 28 7.58 -4.51 3.34
N PHE A 29 6.81 -4.25 2.29
CA PHE A 29 5.83 -5.20 1.75
C PHE A 29 6.48 -6.36 0.98
N SER A 30 7.70 -6.18 0.44
CA SER A 30 8.46 -7.27 -0.19
C SER A 30 8.80 -8.41 0.79
N SER A 31 8.73 -8.17 2.11
CA SER A 31 8.82 -9.22 3.14
C SER A 31 7.75 -10.32 3.00
N PHE A 32 6.63 -10.05 2.32
CA PHE A 32 5.56 -11.03 2.03
C PHE A 32 5.60 -11.66 0.63
N GLY A 33 6.04 -10.93 -0.41
CA GLY A 33 6.02 -11.40 -1.81
C GLY A 33 6.60 -10.38 -2.79
N GLU A 34 6.37 -10.54 -4.09
CA GLU A 34 6.84 -9.60 -5.12
C GLU A 34 5.80 -8.52 -5.46
N ILE A 35 6.30 -7.31 -5.75
CA ILE A 35 5.51 -6.09 -6.02
C ILE A 35 5.32 -5.87 -7.52
N LEU A 36 4.11 -5.41 -7.88
CA LEU A 36 3.77 -4.89 -9.20
C LEU A 36 3.89 -3.36 -9.27
N ASP A 37 3.42 -2.64 -8.23
CA ASP A 37 3.44 -1.16 -8.18
C ASP A 37 3.08 -0.59 -6.80
N ALA A 38 3.48 0.65 -6.54
CA ALA A 38 3.13 1.43 -5.35
C ALA A 38 2.97 2.94 -5.66
N LYS A 39 2.13 3.63 -4.89
CA LYS A 39 1.81 5.07 -5.01
C LYS A 39 2.22 5.83 -3.75
N ILE A 40 2.66 7.08 -3.92
CA ILE A 40 2.74 8.10 -2.88
C ILE A 40 1.87 9.30 -3.28
N ILE A 41 1.23 9.98 -2.32
CA ILE A 41 0.69 11.33 -2.52
C ILE A 41 1.32 12.36 -1.57
N ASN A 42 2.11 13.25 -2.19
CA ASN A 42 2.72 14.44 -1.59
C ASN A 42 2.96 15.47 -2.69
N ASP A 43 2.06 16.45 -2.86
CA ASP A 43 2.26 17.49 -3.88
C ASP A 43 3.19 18.59 -3.36
N ARG A 44 4.35 18.76 -4.00
CA ARG A 44 5.29 19.85 -3.70
C ARG A 44 4.87 21.21 -4.29
N GLU A 45 3.89 21.25 -5.18
CA GLU A 45 3.34 22.51 -5.73
C GLU A 45 2.44 23.21 -4.70
N THR A 46 1.38 22.51 -4.27
CA THR A 46 0.35 23.03 -3.34
C THR A 46 0.62 22.75 -1.85
N GLY A 47 1.65 21.95 -1.52
CA GLY A 47 2.14 21.77 -0.13
C GLY A 47 1.39 20.76 0.72
N ARG A 48 0.73 19.77 0.09
CA ARG A 48 -0.05 18.71 0.75
C ARG A 48 0.73 17.39 0.80
N SER A 49 1.49 17.17 1.88
CA SER A 49 2.00 15.84 2.22
C SER A 49 0.85 15.05 2.87
N ARG A 50 0.19 14.18 2.09
CA ARG A 50 -1.01 13.44 2.53
C ARG A 50 -0.66 12.24 3.41
N GLY A 51 0.52 11.66 3.21
CA GLY A 51 1.07 10.61 4.08
C GLY A 51 0.47 9.22 3.88
N PHE A 52 -0.10 8.96 2.71
CA PHE A 52 -0.70 7.67 2.34
C PHE A 52 -0.43 7.31 0.88
N GLY A 53 -0.79 6.09 0.51
CA GLY A 53 -0.50 5.48 -0.79
C GLY A 53 -1.21 4.16 -1.03
N PHE A 54 -0.93 3.55 -2.18
CA PHE A 54 -1.31 2.17 -2.52
C PHE A 54 -0.07 1.28 -2.71
N VAL A 55 -0.24 -0.05 -2.60
CA VAL A 55 0.76 -1.07 -2.91
C VAL A 55 0.11 -2.33 -3.49
N SER A 56 0.76 -2.97 -4.47
CA SER A 56 0.19 -4.02 -5.33
C SER A 56 1.12 -5.24 -5.47
N PHE A 57 0.57 -6.46 -5.42
CA PHE A 57 1.30 -7.74 -5.38
C PHE A 57 1.07 -8.62 -6.62
N SER A 58 2.05 -9.48 -6.93
CA SER A 58 1.93 -10.52 -7.97
C SER A 58 1.06 -11.72 -7.56
N ASN A 59 0.69 -11.83 -6.27
CA ASN A 59 -0.11 -12.92 -5.69
C ASN A 59 -1.07 -12.44 -4.59
N GLU A 60 -2.14 -13.21 -4.36
CA GLU A 60 -3.18 -12.93 -3.36
C GLU A 60 -2.75 -13.24 -1.93
N GLN A 61 -2.07 -14.37 -1.69
CA GLN A 61 -1.77 -14.83 -0.34
C GLN A 61 -0.72 -13.93 0.35
N ALA A 62 0.27 -13.43 -0.40
CA ALA A 62 1.18 -12.38 0.06
C ALA A 62 0.44 -11.09 0.49
N MET A 63 -0.56 -10.64 -0.27
CA MET A 63 -1.38 -9.48 0.10
C MET A 63 -2.16 -9.73 1.40
N GLN A 64 -2.76 -10.91 1.55
CA GLN A 64 -3.58 -11.23 2.72
C GLN A 64 -2.74 -11.42 3.99
N ASP A 65 -1.59 -12.11 3.89
CA ASP A 65 -0.62 -12.23 4.98
C ASP A 65 -0.05 -10.86 5.39
N ALA A 66 0.13 -9.94 4.44
CA ALA A 66 0.51 -8.57 4.74
C ALA A 66 -0.57 -7.86 5.56
N ILE A 67 -1.81 -7.76 5.04
CA ILE A 67 -2.97 -7.17 5.75
C ILE A 67 -3.15 -7.76 7.17
N GLU A 68 -3.01 -9.07 7.35
CA GLU A 68 -3.14 -9.76 8.65
C GLU A 68 -2.04 -9.40 9.68
N GLY A 69 -0.94 -8.78 9.26
CA GLY A 69 0.09 -8.20 10.15
C GLY A 69 0.23 -6.67 10.08
N MET A 70 -0.30 -6.02 9.03
CA MET A 70 -0.07 -4.60 8.75
C MET A 70 -0.88 -3.64 9.63
N ASN A 71 -2.05 -4.03 10.16
CA ASN A 71 -2.78 -3.17 11.11
C ASN A 71 -1.91 -2.84 12.35
N GLY A 72 -1.33 -1.63 12.36
CA GLY A 72 -0.42 -1.13 13.40
C GLY A 72 1.09 -1.42 13.22
N LYS A 73 1.56 -1.97 12.08
CA LYS A 73 2.98 -2.29 11.88
C LYS A 73 3.87 -1.05 11.73
N GLU A 74 5.07 -1.06 12.30
CA GLU A 74 5.95 0.12 12.35
C GLU A 74 6.82 0.29 11.09
N LEU A 75 6.39 1.13 10.14
CA LEU A 75 7.08 1.42 8.87
C LEU A 75 7.63 2.86 8.86
N ASP A 76 8.94 2.99 8.60
CA ASP A 76 9.70 4.24 8.74
C ASP A 76 9.47 4.97 10.08
N GLY A 77 9.32 4.19 11.15
CA GLY A 77 9.08 4.65 12.53
C GLY A 77 7.60 4.93 12.87
N ARG A 78 6.68 4.73 11.93
CA ARG A 78 5.26 5.11 12.01
C ARG A 78 4.33 3.89 11.92
N SER A 79 3.47 3.70 12.91
CA SER A 79 2.49 2.62 12.99
C SER A 79 1.42 2.76 11.89
N ILE A 80 1.38 1.83 10.95
CA ILE A 80 0.63 1.96 9.70
C ILE A 80 -0.85 1.55 9.82
N VAL A 81 -1.66 2.02 8.89
CA VAL A 81 -3.09 1.71 8.74
C VAL A 81 -3.32 1.14 7.34
N VAL A 82 -4.15 0.10 7.22
CA VAL A 82 -4.33 -0.68 5.98
C VAL A 82 -5.78 -1.06 5.67
N ASN A 83 -6.14 -1.04 4.38
CA ASN A 83 -7.33 -1.72 3.85
C ASN A 83 -7.15 -2.07 2.35
N GLU A 84 -7.93 -3.00 1.83
CA GLU A 84 -7.96 -3.35 0.40
C GLU A 84 -8.32 -2.17 -0.52
N ALA A 85 -7.86 -2.23 -1.78
CA ALA A 85 -8.07 -1.22 -2.83
C ALA A 85 -8.63 -1.82 -4.13
N GLN A 86 -9.27 -2.99 -4.08
CA GLN A 86 -9.93 -3.64 -5.23
C GLN A 86 -11.41 -3.21 -5.34
N SER A 87 -12.10 -2.98 -4.22
CA SER A 87 -13.45 -2.42 -4.16
C SER A 87 -13.52 -0.94 -4.57
N ARG A 88 -12.37 -0.24 -4.60
CA ARG A 88 -12.15 1.04 -5.31
C ARG A 88 -12.25 0.91 -6.84
N GLY A 89 -11.85 -0.24 -7.41
CA GLY A 89 -11.59 -0.40 -8.84
C GLY A 89 -10.35 0.38 -9.31
N TYR A 90 -10.36 0.83 -10.57
CA TYR A 90 -9.35 1.75 -11.13
C TYR A 90 -9.95 2.91 -11.97
N GLY A 91 -11.14 2.71 -12.56
CA GLY A 91 -11.95 3.75 -13.21
C GLY A 91 -13.17 4.18 -12.38
N GLY A 92 -14.14 4.84 -13.03
CA GLY A 92 -15.40 5.32 -12.42
C GLY A 92 -16.63 5.08 -13.28
N MET A 1 -1.68 -0.07 -12.30
CA MET A 1 -2.71 0.99 -12.37
C MET A 1 -3.95 0.54 -11.59
N ALA A 2 -5.00 0.00 -12.23
CA ALA A 2 -6.13 -0.66 -11.55
C ALA A 2 -6.38 -2.05 -12.19
N GLU A 3 -5.71 -3.05 -11.63
CA GLU A 3 -5.59 -4.40 -12.19
C GLU A 3 -6.77 -5.32 -11.83
N SER A 4 -7.92 -5.11 -12.48
CA SER A 4 -9.10 -5.94 -12.29
C SER A 4 -9.09 -7.16 -13.19
N ASP A 5 -9.24 -8.37 -12.64
CA ASP A 5 -9.68 -9.54 -13.42
C ASP A 5 -11.21 -9.48 -13.57
N GLY A 6 -11.94 -9.70 -12.47
CA GLY A 6 -13.06 -8.84 -12.07
C GLY A 6 -12.68 -7.93 -10.89
N ALA A 7 -11.78 -8.41 -10.03
CA ALA A 7 -11.22 -7.80 -8.84
C ALA A 7 -9.68 -7.74 -8.90
N GLU A 8 -9.03 -7.01 -7.98
CA GLU A 8 -7.59 -6.73 -7.98
C GLU A 8 -6.90 -7.12 -6.66
N TYR A 9 -5.60 -7.40 -6.73
CA TYR A 9 -4.69 -7.62 -5.59
C TYR A 9 -3.94 -6.32 -5.23
N ARG A 10 -4.61 -5.43 -4.48
CA ARG A 10 -4.11 -4.10 -4.05
C ARG A 10 -4.67 -3.70 -2.67
N CYS A 11 -3.92 -2.92 -1.88
CA CYS A 11 -4.41 -2.31 -0.64
C CYS A 11 -3.98 -0.85 -0.48
N PHE A 12 -4.74 -0.09 0.30
CA PHE A 12 -4.39 1.24 0.85
C PHE A 12 -3.42 1.12 2.04
N VAL A 13 -2.57 2.14 2.21
CA VAL A 13 -1.66 2.33 3.36
C VAL A 13 -1.58 3.81 3.74
N GLY A 14 -1.76 4.15 5.02
CA GLY A 14 -1.55 5.51 5.55
C GLY A 14 -0.51 5.56 6.68
N SER A 15 0.55 6.35 6.51
CA SER A 15 1.68 6.54 7.44
C SER A 15 2.72 7.58 7.02
N LEU A 16 2.85 7.87 5.71
CA LEU A 16 4.02 8.52 5.09
C LEU A 16 4.23 9.97 5.54
N SER A 17 5.41 10.50 5.19
CA SER A 17 6.00 11.72 5.76
C SER A 17 6.78 12.52 4.72
N TRP A 18 7.33 13.68 5.11
CA TRP A 18 8.30 14.44 4.31
C TRP A 18 9.50 13.61 3.79
N ASN A 19 9.84 12.47 4.42
CA ASN A 19 11.02 11.65 4.15
C ASN A 19 10.71 10.25 3.57
N THR A 20 9.48 9.73 3.73
CA THR A 20 9.06 8.39 3.24
C THR A 20 8.48 8.44 1.82
N ASP A 21 8.56 7.34 1.07
CA ASP A 21 7.85 7.15 -0.20
C ASP A 21 7.38 5.69 -0.42
N ASP A 22 6.84 5.40 -1.62
CA ASP A 22 6.67 4.04 -2.15
C ASP A 22 7.91 3.15 -1.97
N ARG A 23 9.12 3.72 -2.09
CA ARG A 23 10.40 3.01 -1.91
C ARG A 23 10.58 2.38 -0.52
N GLY A 24 10.02 2.98 0.54
CA GLY A 24 10.03 2.45 1.90
C GLY A 24 8.94 1.40 2.17
N LEU A 25 7.79 1.54 1.50
CA LEU A 25 6.73 0.51 1.48
C LEU A 25 7.21 -0.74 0.73
N GLU A 26 7.89 -0.56 -0.40
CA GLU A 26 8.55 -1.61 -1.20
C GLU A 26 9.51 -2.44 -0.34
N ALA A 27 10.41 -1.79 0.41
CA ALA A 27 11.37 -2.50 1.25
C ALA A 27 10.70 -3.27 2.40
N ALA A 28 9.68 -2.68 3.04
CA ALA A 28 8.89 -3.34 4.08
C ALA A 28 8.10 -4.56 3.58
N PHE A 29 7.70 -4.59 2.30
CA PHE A 29 6.85 -5.63 1.70
C PHE A 29 7.59 -6.68 0.88
N SER A 30 8.82 -6.42 0.41
CA SER A 30 9.49 -7.27 -0.60
C SER A 30 9.67 -8.76 -0.23
N SER A 31 9.57 -9.16 1.05
CA SER A 31 9.63 -10.57 1.50
C SER A 31 8.29 -11.33 1.41
N PHE A 32 7.18 -10.61 1.23
CA PHE A 32 5.86 -11.17 0.90
C PHE A 32 5.72 -11.35 -0.62
N GLY A 33 6.07 -10.32 -1.38
CA GLY A 33 6.05 -10.33 -2.85
C GLY A 33 6.86 -9.18 -3.47
N GLU A 34 7.40 -9.41 -4.68
CA GLU A 34 8.08 -8.37 -5.47
C GLU A 34 7.08 -7.41 -6.11
N ILE A 35 7.24 -6.11 -5.93
CA ILE A 35 6.18 -5.13 -6.21
C ILE A 35 5.71 -5.13 -7.68
N LEU A 36 4.39 -5.13 -7.84
CA LEU A 36 3.68 -4.89 -9.09
C LEU A 36 3.47 -3.38 -9.31
N ASP A 37 3.04 -2.66 -8.27
CA ASP A 37 2.83 -1.20 -8.30
C ASP A 37 2.81 -0.65 -6.86
N ALA A 38 3.26 0.60 -6.67
CA ALA A 38 2.90 1.38 -5.50
C ALA A 38 2.64 2.87 -5.86
N LYS A 39 1.60 3.45 -5.24
CA LYS A 39 1.22 4.87 -5.38
C LYS A 39 1.72 5.62 -4.17
N ILE A 40 2.22 6.85 -4.38
CA ILE A 40 2.53 7.79 -3.31
C ILE A 40 2.08 9.20 -3.71
N ILE A 41 1.42 9.91 -2.79
CA ILE A 41 1.02 11.32 -2.98
C ILE A 41 1.76 12.27 -2.01
N ASN A 42 2.55 13.17 -2.61
CA ASN A 42 3.30 14.26 -1.97
C ASN A 42 3.62 15.35 -2.99
N ASP A 43 3.25 16.61 -2.73
CA ASP A 43 3.78 17.77 -3.49
C ASP A 43 4.95 18.40 -2.73
N ARG A 44 6.18 17.97 -3.06
CA ARG A 44 7.41 18.36 -2.35
C ARG A 44 7.72 19.85 -2.43
N GLU A 45 7.30 20.50 -3.52
CA GLU A 45 7.46 21.94 -3.74
C GLU A 45 6.87 22.78 -2.60
N THR A 46 5.63 22.48 -2.19
CA THR A 46 4.92 23.16 -1.10
C THR A 46 5.03 22.43 0.24
N GLY A 47 5.66 21.24 0.27
CA GLY A 47 5.78 20.39 1.45
C GLY A 47 4.51 19.63 1.82
N ARG A 48 3.58 19.46 0.85
CA ARG A 48 2.25 18.85 1.00
C ARG A 48 2.34 17.32 0.87
N SER A 49 2.89 16.68 1.89
CA SER A 49 2.88 15.22 2.04
C SER A 49 1.52 14.76 2.58
N ARG A 50 0.68 14.19 1.71
CA ARG A 50 -0.64 13.64 2.06
C ARG A 50 -0.53 12.36 2.92
N GLY A 51 0.59 11.66 2.79
CA GLY A 51 1.02 10.63 3.75
C GLY A 51 0.41 9.24 3.55
N PHE A 52 -0.14 8.96 2.37
CA PHE A 52 -0.76 7.67 2.04
C PHE A 52 -0.44 7.22 0.61
N GLY A 53 -0.77 5.96 0.33
CA GLY A 53 -0.52 5.31 -0.94
C GLY A 53 -1.31 4.01 -1.14
N PHE A 54 -1.06 3.38 -2.29
CA PHE A 54 -1.46 1.99 -2.57
C PHE A 54 -0.22 1.09 -2.71
N VAL A 55 -0.38 -0.22 -2.48
CA VAL A 55 0.62 -1.26 -2.78
C VAL A 55 -0.07 -2.46 -3.45
N SER A 56 0.60 -3.12 -4.40
CA SER A 56 0.07 -4.28 -5.16
C SER A 56 1.14 -5.35 -5.43
N PHE A 57 0.70 -6.62 -5.47
CA PHE A 57 1.49 -7.80 -5.84
C PHE A 57 0.75 -8.65 -6.87
N SER A 58 1.48 -9.45 -7.67
CA SER A 58 0.93 -10.43 -8.61
C SER A 58 0.16 -11.62 -7.98
N ASN A 59 0.03 -11.70 -6.64
CA ASN A 59 -0.82 -12.69 -5.98
C ASN A 59 -1.63 -12.07 -4.82
N GLU A 60 -2.84 -12.60 -4.60
CA GLU A 60 -3.77 -12.17 -3.53
C GLU A 60 -3.38 -12.74 -2.16
N GLN A 61 -2.92 -14.00 -2.11
CA GLN A 61 -2.61 -14.72 -0.86
C GLN A 61 -1.55 -13.98 -0.03
N ALA A 62 -0.41 -13.61 -0.64
CA ALA A 62 0.65 -12.83 0.00
C ALA A 62 0.25 -11.38 0.32
N MET A 63 -0.61 -10.76 -0.51
CA MET A 63 -1.11 -9.40 -0.27
C MET A 63 -1.89 -9.33 1.06
N GLN A 64 -2.72 -10.35 1.34
CA GLN A 64 -3.49 -10.46 2.57
C GLN A 64 -2.64 -10.96 3.76
N ASP A 65 -1.66 -11.83 3.50
CA ASP A 65 -0.65 -12.23 4.50
C ASP A 65 0.15 -11.03 5.04
N ALA A 66 0.39 -10.02 4.18
CA ALA A 66 1.02 -8.76 4.56
C ALA A 66 0.07 -7.85 5.36
N ILE A 67 -1.17 -7.62 4.87
CA ILE A 67 -2.23 -6.86 5.57
C ILE A 67 -2.43 -7.35 7.01
N GLU A 68 -2.41 -8.67 7.23
CA GLU A 68 -2.53 -9.27 8.56
C GLU A 68 -1.45 -8.77 9.55
N GLY A 69 -0.19 -8.67 9.10
CA GLY A 69 0.91 -8.08 9.89
C GLY A 69 0.87 -6.56 9.99
N MET A 70 0.50 -5.89 8.89
CA MET A 70 0.49 -4.41 8.76
C MET A 70 -0.48 -3.71 9.72
N ASN A 71 -1.61 -4.34 10.06
CA ASN A 71 -2.66 -3.80 10.95
C ASN A 71 -2.08 -3.18 12.24
N GLY A 72 -1.96 -1.85 12.27
CA GLY A 72 -1.47 -1.10 13.44
C GLY A 72 0.04 -1.22 13.73
N LYS A 73 0.87 -1.60 12.75
CA LYS A 73 2.34 -1.76 12.94
C LYS A 73 3.10 -0.44 12.87
N GLU A 74 4.29 -0.37 13.47
CA GLU A 74 5.31 0.65 13.16
C GLU A 74 6.02 0.32 11.84
N LEU A 75 5.94 1.23 10.87
CA LEU A 75 6.58 1.16 9.55
C LEU A 75 7.21 2.53 9.21
N ASP A 76 8.48 2.57 8.81
CA ASP A 76 9.29 3.82 8.81
C ASP A 76 9.28 4.53 10.18
N GLY A 77 9.01 3.79 11.27
CA GLY A 77 8.75 4.28 12.63
C GLY A 77 7.33 4.81 12.89
N ARG A 78 6.53 5.03 11.83
CA ARG A 78 5.18 5.64 11.86
C ARG A 78 4.11 4.56 12.06
N SER A 79 3.00 4.90 12.72
CA SER A 79 1.92 3.95 12.98
C SER A 79 1.02 3.80 11.74
N ILE A 80 1.07 2.64 11.08
CA ILE A 80 0.38 2.38 9.81
C ILE A 80 -1.03 1.82 10.00
N VAL A 81 -1.89 2.08 9.01
CA VAL A 81 -3.24 1.51 8.88
C VAL A 81 -3.41 0.99 7.46
N VAL A 82 -4.06 -0.16 7.32
CA VAL A 82 -4.27 -0.88 6.05
C VAL A 82 -5.75 -1.18 5.78
N ASN A 83 -6.18 -1.09 4.52
CA ASN A 83 -7.43 -1.69 4.06
C ASN A 83 -7.37 -2.10 2.58
N GLU A 84 -8.17 -3.11 2.21
CA GLU A 84 -8.33 -3.59 0.82
C GLU A 84 -8.86 -2.52 -0.15
N ALA A 85 -8.44 -2.57 -1.41
CA ALA A 85 -8.75 -1.53 -2.40
C ALA A 85 -9.87 -1.88 -3.39
N GLN A 86 -10.33 -3.13 -3.45
CA GLN A 86 -11.39 -3.57 -4.38
C GLN A 86 -12.74 -2.88 -4.11
N SER A 87 -12.99 -2.41 -2.89
CA SER A 87 -14.11 -1.52 -2.55
C SER A 87 -14.22 -0.25 -3.42
N ARG A 88 -13.10 0.23 -3.98
CA ARG A 88 -13.04 1.36 -4.92
C ARG A 88 -13.25 0.93 -6.39
N GLY A 89 -13.11 -0.37 -6.69
CA GLY A 89 -13.41 -0.97 -8.00
C GLY A 89 -14.88 -1.36 -8.16
N TYR A 90 -15.44 -2.09 -7.19
CA TYR A 90 -16.85 -2.49 -7.11
C TYR A 90 -17.38 -3.25 -8.35
N GLY A 91 -16.47 -3.88 -9.12
CA GLY A 91 -16.80 -4.60 -10.35
C GLY A 91 -17.32 -3.70 -11.48
N GLY A 92 -18.14 -4.28 -12.36
CA GLY A 92 -18.80 -3.61 -13.50
C GLY A 92 -20.12 -4.25 -13.88
N MET A 1 0.22 -12.56 -15.10
CA MET A 1 -0.88 -12.94 -14.18
C MET A 1 -2.16 -12.18 -14.52
N ALA A 2 -3.32 -12.70 -14.06
CA ALA A 2 -4.64 -12.22 -14.44
C ALA A 2 -5.48 -11.81 -13.22
N GLU A 3 -5.54 -10.50 -12.97
CA GLU A 3 -6.50 -9.86 -12.06
C GLU A 3 -7.90 -9.79 -12.70
N SER A 4 -8.65 -10.89 -12.60
CA SER A 4 -10.02 -11.02 -13.12
C SER A 4 -11.01 -10.12 -12.37
N ASP A 5 -12.23 -9.90 -12.90
CA ASP A 5 -13.20 -8.99 -12.26
C ASP A 5 -13.72 -9.49 -10.90
N GLY A 6 -13.59 -10.78 -10.57
CA GLY A 6 -13.84 -11.33 -9.23
C GLY A 6 -12.70 -11.16 -8.21
N ALA A 7 -11.46 -10.89 -8.65
CA ALA A 7 -10.31 -10.71 -7.76
C ALA A 7 -9.20 -9.81 -8.35
N GLU A 8 -8.87 -8.73 -7.63
CA GLU A 8 -7.71 -7.85 -7.89
C GLU A 8 -6.88 -7.68 -6.60
N TYR A 9 -5.57 -7.44 -6.69
CA TYR A 9 -4.64 -7.56 -5.57
C TYR A 9 -3.98 -6.20 -5.24
N ARG A 10 -4.70 -5.32 -4.55
CA ARG A 10 -4.15 -4.06 -3.99
C ARG A 10 -4.80 -3.64 -2.68
N CYS A 11 -4.06 -2.86 -1.89
CA CYS A 11 -4.52 -2.28 -0.62
C CYS A 11 -4.18 -0.79 -0.53
N PHE A 12 -5.01 -0.05 0.22
CA PHE A 12 -4.73 1.29 0.70
C PHE A 12 -3.77 1.24 1.90
N VAL A 13 -2.87 2.21 2.00
CA VAL A 13 -1.76 2.27 2.96
C VAL A 13 -1.58 3.72 3.44
N GLY A 14 -1.29 3.97 4.72
CA GLY A 14 -0.88 5.30 5.17
C GLY A 14 -0.08 5.31 6.47
N SER A 15 1.10 5.96 6.41
CA SER A 15 2.09 6.09 7.50
C SER A 15 3.17 7.16 7.20
N LEU A 16 3.06 7.90 6.10
CA LEU A 16 4.21 8.53 5.43
C LEU A 16 4.40 10.00 5.82
N SER A 17 5.58 10.49 5.48
CA SER A 17 6.06 11.84 5.78
C SER A 17 6.99 12.34 4.67
N TRP A 18 7.50 13.55 4.80
CA TRP A 18 8.65 14.06 4.02
C TRP A 18 9.84 13.07 3.95
N ASN A 19 10.03 12.17 4.92
CA ASN A 19 11.12 11.17 4.92
C ASN A 19 10.79 9.92 4.08
N THR A 20 9.56 9.41 4.14
CA THR A 20 9.14 8.16 3.48
C THR A 20 8.62 8.39 2.06
N ASP A 21 8.77 7.39 1.18
CA ASP A 21 8.13 7.37 -0.14
C ASP A 21 7.82 5.94 -0.65
N ASP A 22 7.42 5.75 -1.92
CA ASP A 22 7.08 4.42 -2.47
C ASP A 22 8.19 3.37 -2.24
N ARG A 23 9.48 3.76 -2.26
CA ARG A 23 10.61 2.85 -2.08
C ARG A 23 10.61 2.18 -0.70
N GLY A 24 10.07 2.85 0.32
CA GLY A 24 9.92 2.33 1.68
C GLY A 24 8.78 1.33 1.84
N LEU A 25 7.65 1.53 1.16
CA LEU A 25 6.57 0.53 1.09
C LEU A 25 6.98 -0.68 0.24
N GLU A 26 7.57 -0.43 -0.92
CA GLU A 26 8.09 -1.46 -1.84
C GLU A 26 9.09 -2.39 -1.13
N ALA A 27 9.89 -1.86 -0.20
CA ALA A 27 10.81 -2.62 0.64
C ALA A 27 10.14 -3.34 1.83
N ALA A 28 9.15 -2.72 2.48
CA ALA A 28 8.42 -3.32 3.61
C ALA A 28 7.45 -4.44 3.21
N PHE A 29 6.93 -4.42 1.97
CA PHE A 29 6.04 -5.45 1.42
C PHE A 29 6.77 -6.53 0.61
N SER A 30 7.95 -6.26 0.05
CA SER A 30 8.69 -7.24 -0.77
C SER A 30 9.15 -8.49 -0.02
N SER A 31 9.18 -8.47 1.32
CA SER A 31 9.38 -9.67 2.16
C SER A 31 8.21 -10.67 2.12
N PHE A 32 7.02 -10.26 1.65
CA PHE A 32 5.84 -11.13 1.46
C PHE A 32 5.67 -11.66 0.03
N GLY A 33 6.17 -10.95 -0.99
CA GLY A 33 6.02 -11.34 -2.39
C GLY A 33 6.56 -10.33 -3.40
N GLU A 34 6.22 -10.52 -4.68
CA GLU A 34 6.73 -9.75 -5.82
C GLU A 34 5.77 -8.60 -6.17
N ILE A 35 6.27 -7.35 -6.08
CA ILE A 35 5.46 -6.12 -6.22
C ILE A 35 4.98 -5.88 -7.65
N LEU A 36 3.77 -5.33 -7.79
CA LEU A 36 3.22 -4.80 -9.04
C LEU A 36 3.34 -3.27 -9.07
N ASP A 37 2.92 -2.56 -8.02
CA ASP A 37 2.88 -1.09 -7.96
C ASP A 37 2.96 -0.58 -6.50
N ALA A 38 3.48 0.63 -6.29
CA ALA A 38 3.39 1.38 -5.05
C ALA A 38 3.30 2.89 -5.38
N LYS A 39 2.21 3.54 -4.97
CA LYS A 39 1.95 4.97 -5.17
C LYS A 39 2.27 5.73 -3.89
N ILE A 40 2.84 6.93 -4.03
CA ILE A 40 2.98 7.93 -2.97
C ILE A 40 2.40 9.27 -3.46
N ILE A 41 1.67 9.97 -2.57
CA ILE A 41 0.95 11.21 -2.91
C ILE A 41 1.27 12.43 -2.01
N ASN A 42 1.38 13.58 -2.68
CA ASN A 42 1.77 14.89 -2.16
C ASN A 42 1.19 16.03 -3.04
N ASP A 43 1.30 17.29 -2.60
CA ASP A 43 1.00 18.51 -3.35
C ASP A 43 2.17 19.51 -3.20
N ARG A 44 3.06 19.59 -4.21
CA ARG A 44 4.31 20.37 -4.16
C ARG A 44 4.15 21.89 -4.23
N GLU A 45 2.98 22.42 -4.58
CA GLU A 45 2.68 23.86 -4.52
C GLU A 45 2.56 24.33 -3.07
N THR A 46 1.93 23.53 -2.20
CA THR A 46 1.81 23.78 -0.75
C THR A 46 2.87 23.05 0.08
N GLY A 47 3.73 22.25 -0.58
CA GLY A 47 4.78 21.44 0.05
C GLY A 47 4.27 20.27 0.90
N ARG A 48 2.98 19.91 0.75
CA ARG A 48 2.27 18.99 1.66
C ARG A 48 2.39 17.54 1.18
N SER A 49 3.07 16.70 1.93
CA SER A 49 2.99 15.23 1.72
C SER A 49 1.68 14.71 2.33
N ARG A 50 0.85 14.01 1.55
CA ARG A 50 -0.46 13.50 2.05
C ARG A 50 -0.26 12.38 3.07
N GLY A 51 0.77 11.58 2.87
CA GLY A 51 1.22 10.55 3.82
C GLY A 51 0.60 9.16 3.59
N PHE A 52 0.00 8.96 2.43
CA PHE A 52 -0.75 7.76 2.02
C PHE A 52 -0.26 7.23 0.67
N GLY A 53 -0.70 6.02 0.34
CA GLY A 53 -0.37 5.31 -0.89
C GLY A 53 -1.29 4.13 -1.18
N PHE A 54 -1.25 3.64 -2.41
CA PHE A 54 -1.84 2.35 -2.80
C PHE A 54 -0.72 1.38 -3.19
N VAL A 55 -0.76 0.14 -2.70
CA VAL A 55 0.29 -0.88 -2.92
C VAL A 55 -0.32 -2.17 -3.47
N SER A 56 0.38 -2.80 -4.42
CA SER A 56 -0.09 -3.97 -5.18
C SER A 56 1.01 -5.01 -5.40
N PHE A 57 0.62 -6.28 -5.48
CA PHE A 57 1.49 -7.46 -5.31
C PHE A 57 0.93 -8.65 -6.10
N SER A 58 1.82 -9.55 -6.54
CA SER A 58 1.51 -10.52 -7.59
C SER A 58 0.72 -11.78 -7.14
N ASN A 59 0.50 -12.00 -5.83
CA ASN A 59 -0.13 -13.21 -5.30
C ASN A 59 -1.06 -12.95 -4.10
N GLU A 60 -2.05 -13.83 -3.88
CA GLU A 60 -3.06 -13.70 -2.81
C GLU A 60 -2.49 -13.99 -1.41
N GLN A 61 -1.68 -15.04 -1.25
CA GLN A 61 -1.06 -15.37 0.04
C GLN A 61 -0.11 -14.26 0.51
N ALA A 62 0.59 -13.59 -0.43
CA ALA A 62 1.40 -12.41 -0.16
C ALA A 62 0.54 -11.23 0.34
N MET A 63 -0.57 -10.93 -0.34
CA MET A 63 -1.54 -9.91 0.08
C MET A 63 -2.08 -10.19 1.50
N GLN A 64 -2.47 -11.45 1.76
CA GLN A 64 -3.21 -11.81 2.96
C GLN A 64 -2.33 -11.97 4.20
N ASP A 65 -1.10 -12.48 4.06
CA ASP A 65 -0.12 -12.52 5.14
C ASP A 65 0.44 -11.13 5.44
N ALA A 66 0.55 -10.25 4.44
CA ALA A 66 0.90 -8.84 4.64
C ALA A 66 -0.20 -8.11 5.43
N ILE A 67 -1.44 -8.09 4.94
CA ILE A 67 -2.61 -7.54 5.66
C ILE A 67 -2.76 -8.13 7.07
N GLU A 68 -2.54 -9.44 7.28
CA GLU A 68 -2.52 -10.06 8.62
C GLU A 68 -1.39 -9.53 9.54
N GLY A 69 -0.29 -9.00 9.00
CA GLY A 69 0.81 -8.38 9.76
C GLY A 69 0.83 -6.84 9.78
N MET A 70 0.04 -6.16 8.94
CA MET A 70 0.17 -4.71 8.69
C MET A 70 -0.76 -3.84 9.53
N ASN A 71 -2.00 -4.27 9.83
CA ASN A 71 -2.97 -3.40 10.50
C ASN A 71 -2.51 -3.03 11.91
N GLY A 72 -2.14 -1.77 12.12
CA GLY A 72 -1.63 -1.31 13.41
C GLY A 72 -0.15 -1.64 13.70
N LYS A 73 0.66 -1.96 12.68
CA LYS A 73 2.13 -2.06 12.85
C LYS A 73 2.76 -0.70 13.21
N GLU A 74 4.08 -0.64 13.23
CA GLU A 74 4.86 0.58 13.01
C GLU A 74 5.68 0.45 11.71
N LEU A 75 5.78 1.53 10.93
CA LEU A 75 6.53 1.55 9.67
C LEU A 75 7.22 2.90 9.47
N ASP A 76 8.49 2.90 9.05
CA ASP A 76 9.37 4.08 9.02
C ASP A 76 9.37 4.89 10.34
N GLY A 77 9.07 4.23 11.46
CA GLY A 77 8.96 4.82 12.80
C GLY A 77 7.61 5.49 13.13
N ARG A 78 6.57 5.26 12.30
CA ARG A 78 5.26 5.95 12.33
C ARG A 78 4.12 4.94 12.46
N SER A 79 2.91 5.40 12.81
CA SER A 79 1.73 4.54 12.96
C SER A 79 1.05 4.27 11.60
N ILE A 80 0.94 2.99 11.22
CA ILE A 80 0.40 2.56 9.92
C ILE A 80 -1.02 2.00 10.01
N VAL A 81 -1.80 2.21 8.94
CA VAL A 81 -3.12 1.62 8.67
C VAL A 81 -3.09 0.94 7.29
N VAL A 82 -3.81 -0.18 7.15
CA VAL A 82 -4.05 -0.90 5.88
C VAL A 82 -5.51 -1.34 5.72
N ASN A 83 -6.04 -1.36 4.49
CA ASN A 83 -7.13 -2.26 4.09
C ASN A 83 -7.16 -2.52 2.58
N GLU A 84 -7.84 -3.58 2.13
CA GLU A 84 -8.02 -3.87 0.71
C GLU A 84 -8.73 -2.75 -0.06
N ALA A 85 -8.42 -2.65 -1.36
CA ALA A 85 -8.95 -1.66 -2.30
C ALA A 85 -9.67 -2.32 -3.50
N GLN A 86 -10.27 -3.50 -3.28
CA GLN A 86 -11.03 -4.28 -4.26
C GLN A 86 -12.55 -4.06 -4.14
N SER A 87 -13.13 -4.04 -2.93
CA SER A 87 -14.59 -3.87 -2.72
C SER A 87 -15.08 -2.48 -3.19
N ARG A 88 -14.32 -1.43 -2.89
CA ARG A 88 -14.53 -0.04 -3.34
C ARG A 88 -14.02 0.21 -4.76
N GLY A 89 -12.86 -0.37 -5.09
CA GLY A 89 -12.24 -0.25 -6.42
C GLY A 89 -11.65 1.13 -6.72
N TYR A 90 -11.15 1.27 -7.95
CA TYR A 90 -10.52 2.49 -8.49
C TYR A 90 -11.55 3.43 -9.13
N GLY A 91 -11.29 4.73 -9.11
CA GLY A 91 -12.14 5.78 -9.71
C GLY A 91 -11.41 7.10 -9.94
N GLY A 92 -12.12 8.21 -9.72
CA GLY A 92 -11.62 9.59 -9.94
C GLY A 92 -10.98 10.22 -8.72
N MET A 1 -13.96 -17.65 -12.36
CA MET A 1 -14.23 -16.42 -11.59
C MET A 1 -13.77 -15.19 -12.37
N ALA A 2 -14.24 -14.00 -12.00
CA ALA A 2 -13.84 -12.73 -12.62
C ALA A 2 -13.30 -11.73 -11.57
N GLU A 3 -11.98 -11.75 -11.37
CA GLU A 3 -11.21 -10.78 -10.57
C GLU A 3 -10.74 -9.63 -11.48
N SER A 4 -11.57 -8.61 -11.64
CA SER A 4 -11.40 -7.51 -12.61
C SER A 4 -10.28 -6.52 -12.25
N ASP A 5 -10.05 -5.48 -13.07
CA ASP A 5 -9.16 -4.36 -12.70
C ASP A 5 -9.75 -3.55 -11.53
N GLY A 6 -11.07 -3.63 -11.29
CA GLY A 6 -11.69 -3.19 -10.05
C GLY A 6 -11.36 -4.11 -8.88
N ALA A 7 -11.64 -5.40 -8.99
CA ALA A 7 -11.41 -6.40 -7.94
C ALA A 7 -9.99 -7.01 -7.99
N GLU A 8 -8.99 -6.11 -8.02
CA GLU A 8 -7.57 -6.41 -8.19
C GLU A 8 -6.81 -6.60 -6.87
N TYR A 9 -5.64 -7.24 -6.92
CA TYR A 9 -4.77 -7.38 -5.74
C TYR A 9 -3.98 -6.07 -5.47
N ARG A 10 -4.65 -5.10 -4.82
CA ARG A 10 -4.13 -3.78 -4.40
C ARG A 10 -4.76 -3.33 -3.07
N CYS A 11 -4.00 -2.63 -2.21
CA CYS A 11 -4.46 -2.10 -0.92
C CYS A 11 -3.94 -0.68 -0.61
N PHE A 12 -4.62 0.02 0.30
CA PHE A 12 -4.21 1.29 0.90
C PHE A 12 -3.17 1.09 2.02
N VAL A 13 -2.29 2.08 2.22
CA VAL A 13 -1.35 2.17 3.36
C VAL A 13 -1.30 3.61 3.89
N GLY A 14 -1.73 3.82 5.14
CA GLY A 14 -1.61 5.08 5.86
C GLY A 14 -0.33 5.12 6.72
N SER A 15 0.54 6.13 6.52
CA SER A 15 1.76 6.38 7.31
C SER A 15 2.62 7.53 6.80
N LEU A 16 2.56 7.83 5.50
CA LEU A 16 3.65 8.53 4.81
C LEU A 16 3.80 9.99 5.25
N SER A 17 4.94 10.57 4.87
CA SER A 17 5.43 11.85 5.38
C SER A 17 6.31 12.56 4.34
N TRP A 18 6.78 13.76 4.65
CA TRP A 18 7.91 14.38 3.94
C TRP A 18 9.16 13.48 3.79
N ASN A 19 9.33 12.42 4.60
CA ASN A 19 10.46 11.47 4.57
C ASN A 19 10.13 10.11 3.92
N THR A 20 8.91 9.60 4.11
CA THR A 20 8.49 8.25 3.66
C THR A 20 7.94 8.30 2.23
N ASP A 21 8.15 7.22 1.47
CA ASP A 21 7.82 7.18 0.04
C ASP A 21 7.41 5.78 -0.45
N ASP A 22 7.21 5.63 -1.77
CA ASP A 22 6.84 4.33 -2.35
C ASP A 22 7.91 3.25 -2.13
N ARG A 23 9.21 3.61 -2.16
CA ARG A 23 10.34 2.67 -2.04
C ARG A 23 10.35 1.91 -0.72
N GLY A 24 10.16 2.61 0.41
CA GLY A 24 10.24 2.00 1.74
C GLY A 24 9.09 1.04 2.03
N LEU A 25 7.87 1.40 1.63
CA LEU A 25 6.69 0.52 1.72
C LEU A 25 6.77 -0.67 0.75
N GLU A 26 7.21 -0.45 -0.50
CA GLU A 26 7.47 -1.50 -1.49
C GLU A 26 8.48 -2.54 -0.97
N ALA A 27 9.55 -2.10 -0.30
CA ALA A 27 10.56 -2.98 0.29
C ALA A 27 10.04 -3.77 1.51
N ALA A 28 9.22 -3.16 2.37
CA ALA A 28 8.59 -3.85 3.50
C ALA A 28 7.49 -4.84 3.07
N PHE A 29 6.74 -4.53 2.01
CA PHE A 29 5.74 -5.43 1.45
C PHE A 29 6.38 -6.61 0.71
N SER A 30 7.54 -6.39 0.07
CA SER A 30 8.34 -7.46 -0.57
C SER A 30 8.76 -8.58 0.40
N SER A 31 8.77 -8.33 1.72
CA SER A 31 9.04 -9.35 2.74
C SER A 31 7.94 -10.43 2.83
N PHE A 32 6.69 -10.13 2.44
CA PHE A 32 5.56 -11.07 2.51
C PHE A 32 5.44 -11.96 1.26
N GLY A 33 5.72 -11.42 0.07
CA GLY A 33 5.59 -12.12 -1.20
C GLY A 33 5.91 -11.24 -2.42
N GLU A 34 5.45 -11.65 -3.61
CA GLU A 34 5.82 -11.01 -4.87
C GLU A 34 5.09 -9.69 -5.14
N ILE A 35 5.85 -8.64 -5.46
CA ILE A 35 5.43 -7.23 -5.47
C ILE A 35 5.29 -6.66 -6.89
N LEU A 36 4.37 -5.70 -7.07
CA LEU A 36 4.08 -5.06 -8.36
C LEU A 36 4.38 -3.55 -8.38
N ASP A 37 3.74 -2.72 -7.54
CA ASP A 37 3.93 -1.25 -7.54
C ASP A 37 3.54 -0.60 -6.20
N ALA A 38 4.01 0.63 -5.95
CA ALA A 38 3.44 1.51 -4.94
C ALA A 38 3.33 2.97 -5.44
N LYS A 39 2.31 3.70 -4.96
CA LYS A 39 2.02 5.12 -5.25
C LYS A 39 2.36 5.99 -4.04
N ILE A 40 3.00 7.13 -4.25
CA ILE A 40 3.17 8.22 -3.28
C ILE A 40 2.33 9.43 -3.72
N ILE A 41 1.64 10.11 -2.79
CA ILE A 41 1.05 11.44 -3.04
C ILE A 41 1.60 12.53 -2.09
N ASN A 42 2.38 13.45 -2.65
CA ASN A 42 2.73 14.74 -2.06
C ASN A 42 2.98 15.82 -3.14
N ASP A 43 2.22 16.92 -3.16
CA ASP A 43 2.49 18.04 -4.08
C ASP A 43 3.43 19.10 -3.45
N ARG A 44 4.53 19.44 -4.14
CA ARG A 44 5.41 20.59 -3.83
C ARG A 44 4.88 21.96 -4.30
N GLU A 45 3.92 21.98 -5.23
CA GLU A 45 3.38 23.19 -5.86
C GLU A 45 2.26 23.82 -5.02
N THR A 46 1.21 23.03 -4.72
CA THR A 46 0.10 23.43 -3.82
C THR A 46 0.35 22.99 -2.36
N GLY A 47 1.48 22.33 -2.10
CA GLY A 47 2.00 22.01 -0.77
C GLY A 47 1.40 20.78 -0.07
N ARG A 48 0.35 20.15 -0.62
CA ARG A 48 -0.38 19.03 0.03
C ARG A 48 0.47 17.74 0.18
N SER A 49 1.07 17.55 1.35
CA SER A 49 1.69 16.29 1.79
C SER A 49 0.62 15.35 2.39
N ARG A 50 -0.08 14.61 1.53
CA ARG A 50 -1.27 13.81 1.88
C ARG A 50 -0.95 12.61 2.79
N GLY A 51 0.24 12.03 2.63
CA GLY A 51 0.80 11.06 3.59
C GLY A 51 0.15 9.66 3.59
N PHE A 52 -0.32 9.20 2.43
CA PHE A 52 -0.76 7.83 2.20
C PHE A 52 -0.27 7.33 0.83
N GLY A 53 -0.42 6.03 0.60
CA GLY A 53 -0.15 5.39 -0.69
C GLY A 53 -1.07 4.21 -0.97
N PHE A 54 -1.05 3.73 -2.21
CA PHE A 54 -1.62 2.44 -2.62
C PHE A 54 -0.51 1.49 -3.06
N VAL A 55 -0.57 0.22 -2.67
CA VAL A 55 0.46 -0.81 -2.93
C VAL A 55 -0.15 -2.08 -3.52
N SER A 56 0.58 -2.71 -4.45
CA SER A 56 0.10 -3.74 -5.37
C SER A 56 1.03 -4.95 -5.41
N PHE A 57 0.45 -6.15 -5.52
CA PHE A 57 1.13 -7.43 -5.33
C PHE A 57 0.57 -8.48 -6.31
N SER A 58 1.37 -9.48 -6.67
CA SER A 58 1.05 -10.40 -7.77
C SER A 58 0.40 -11.72 -7.32
N ASN A 59 0.53 -12.07 -6.03
CA ASN A 59 0.13 -13.38 -5.49
C ASN A 59 -0.91 -13.30 -4.35
N GLU A 60 -1.71 -14.36 -4.22
CA GLU A 60 -2.93 -14.41 -3.41
C GLU A 60 -2.67 -14.67 -1.91
N GLN A 61 -1.72 -15.55 -1.57
CA GLN A 61 -1.35 -15.78 -0.17
C GLN A 61 -0.70 -14.55 0.45
N ALA A 62 0.13 -13.83 -0.32
CA ALA A 62 0.72 -12.55 0.08
C ALA A 62 -0.34 -11.50 0.43
N MET A 63 -1.48 -11.46 -0.28
CA MET A 63 -2.60 -10.55 0.01
C MET A 63 -3.23 -10.80 1.40
N GLN A 64 -3.22 -12.04 1.91
CA GLN A 64 -3.63 -12.31 3.29
C GLN A 64 -2.50 -12.12 4.30
N ASP A 65 -1.35 -12.76 4.07
CA ASP A 65 -0.18 -12.70 4.97
C ASP A 65 0.26 -11.26 5.25
N ALA A 66 0.23 -10.40 4.23
CA ALA A 66 0.58 -8.98 4.36
C ALA A 66 -0.49 -8.21 5.13
N ILE A 67 -1.76 -8.20 4.71
CA ILE A 67 -2.84 -7.45 5.37
C ILE A 67 -3.01 -7.85 6.85
N GLU A 68 -2.84 -9.13 7.18
CA GLU A 68 -2.85 -9.59 8.58
C GLU A 68 -1.60 -9.15 9.37
N GLY A 69 -0.42 -9.14 8.75
CA GLY A 69 0.86 -8.78 9.39
C GLY A 69 1.16 -7.27 9.45
N MET A 70 0.71 -6.50 8.45
CA MET A 70 0.88 -5.05 8.32
C MET A 70 0.20 -4.28 9.44
N ASN A 71 -1.01 -4.73 9.83
CA ASN A 71 -1.87 -4.04 10.80
C ASN A 71 -1.11 -3.60 12.07
N GLY A 72 -0.87 -2.28 12.17
CA GLY A 72 -0.31 -1.63 13.35
C GLY A 72 1.21 -1.76 13.52
N LYS A 73 1.97 -2.10 12.46
CA LYS A 73 3.44 -2.16 12.55
C LYS A 73 4.09 -0.76 12.60
N GLU A 74 5.12 -0.63 13.42
CA GLU A 74 5.96 0.56 13.53
C GLU A 74 7.06 0.52 12.47
N LEU A 75 7.02 1.46 11.52
CA LEU A 75 7.79 1.43 10.27
C LEU A 75 8.13 2.84 9.81
N ASP A 76 9.38 3.11 9.43
CA ASP A 76 9.92 4.47 9.16
C ASP A 76 9.66 5.50 10.29
N GLY A 77 9.39 5.05 11.53
CA GLY A 77 8.94 5.93 12.62
C GLY A 77 7.45 6.33 12.56
N ARG A 78 6.65 5.61 11.75
CA ARG A 78 5.20 5.78 11.50
C ARG A 78 4.45 4.58 12.08
N SER A 79 3.12 4.56 11.97
CA SER A 79 2.32 3.35 12.22
C SER A 79 1.55 2.96 10.95
N ILE A 80 1.90 1.83 10.32
CA ILE A 80 1.22 1.41 9.09
C ILE A 80 -0.16 0.82 9.37
N VAL A 81 -1.15 1.37 8.68
CA VAL A 81 -2.57 1.00 8.77
C VAL A 81 -3.05 0.59 7.39
N VAL A 82 -3.72 -0.57 7.31
CA VAL A 82 -4.05 -1.25 6.05
C VAL A 82 -5.56 -1.49 5.86
N ASN A 83 -6.05 -1.32 4.63
CA ASN A 83 -7.28 -1.92 4.11
C ASN A 83 -7.26 -2.04 2.57
N GLU A 84 -8.20 -2.80 2.01
CA GLU A 84 -8.40 -3.00 0.56
C GLU A 84 -8.72 -1.70 -0.22
N ALA A 85 -8.39 -1.68 -1.52
CA ALA A 85 -8.64 -0.55 -2.42
C ALA A 85 -9.58 -0.87 -3.61
N GLN A 86 -10.24 -2.03 -3.62
CA GLN A 86 -11.02 -2.56 -4.74
C GLN A 86 -12.29 -1.74 -5.11
N SER A 87 -12.72 -0.83 -4.24
CA SER A 87 -13.80 0.15 -4.51
C SER A 87 -13.37 1.29 -5.44
N ARG A 88 -12.07 1.48 -5.66
CA ARG A 88 -11.50 2.73 -6.21
C ARG A 88 -11.27 2.70 -7.74
N GLY A 89 -11.47 1.55 -8.38
CA GLY A 89 -11.40 1.35 -9.83
C GLY A 89 -12.59 1.90 -10.64
N TYR A 90 -12.53 1.71 -11.96
CA TYR A 90 -13.43 2.25 -12.98
C TYR A 90 -13.69 1.25 -14.12
N GLY A 91 -14.95 1.14 -14.57
CA GLY A 91 -15.36 0.44 -15.78
C GLY A 91 -15.61 -1.07 -15.65
N GLY A 92 -15.06 -1.75 -14.64
CA GLY A 92 -15.30 -3.18 -14.38
C GLY A 92 -14.34 -3.79 -13.38
N MET A 1 -11.27 -13.85 0.51
CA MET A 1 -10.95 -13.04 -0.68
C MET A 1 -11.28 -13.78 -1.97
N ALA A 2 -11.97 -13.09 -2.89
CA ALA A 2 -12.23 -13.53 -4.27
C ALA A 2 -12.05 -12.36 -5.27
N GLU A 3 -11.02 -12.43 -6.10
CA GLU A 3 -10.68 -11.43 -7.12
C GLU A 3 -10.99 -11.93 -8.54
N SER A 4 -12.25 -11.78 -8.97
CA SER A 4 -12.65 -11.92 -10.38
C SER A 4 -12.01 -10.82 -11.26
N ASP A 5 -12.22 -10.85 -12.58
CA ASP A 5 -11.53 -9.96 -13.55
C ASP A 5 -11.61 -8.46 -13.23
N GLY A 6 -12.71 -8.02 -12.59
CA GLY A 6 -12.95 -6.64 -12.13
C GLY A 6 -12.13 -6.19 -10.93
N ALA A 7 -11.46 -7.10 -10.21
CA ALA A 7 -10.70 -6.84 -8.99
C ALA A 7 -9.23 -7.33 -9.07
N GLU A 8 -8.35 -6.70 -8.29
CA GLU A 8 -6.90 -6.96 -8.26
C GLU A 8 -6.30 -6.90 -6.85
N TYR A 9 -5.06 -7.40 -6.66
CA TYR A 9 -4.40 -7.42 -5.35
C TYR A 9 -3.80 -6.04 -5.01
N ARG A 10 -4.65 -5.10 -4.55
CA ARG A 10 -4.30 -3.69 -4.30
C ARG A 10 -4.95 -3.17 -3.02
N CYS A 11 -4.20 -2.43 -2.20
CA CYS A 11 -4.68 -1.89 -0.92
C CYS A 11 -4.04 -0.52 -0.56
N PHE A 12 -4.73 0.24 0.29
CA PHE A 12 -4.25 1.48 0.89
C PHE A 12 -3.25 1.21 2.02
N VAL A 13 -2.29 2.14 2.17
CA VAL A 13 -1.30 2.18 3.26
C VAL A 13 -1.13 3.62 3.76
N GLY A 14 -1.61 3.91 4.98
CA GLY A 14 -1.41 5.22 5.64
C GLY A 14 -0.37 5.15 6.76
N SER A 15 0.69 5.96 6.64
CA SER A 15 1.82 6.07 7.61
C SER A 15 2.88 7.11 7.21
N LEU A 16 2.94 7.50 5.93
CA LEU A 16 4.05 8.23 5.35
C LEU A 16 4.24 9.63 5.95
N SER A 17 5.39 10.20 5.64
CA SER A 17 5.85 11.52 6.04
C SER A 17 6.40 12.26 4.82
N TRP A 18 6.64 13.57 4.93
CA TRP A 18 7.29 14.44 3.94
C TRP A 18 8.65 13.98 3.36
N ASN A 19 9.24 12.88 3.85
CA ASN A 19 10.41 12.20 3.26
C ASN A 19 10.24 10.68 3.03
N THR A 20 9.15 10.04 3.48
CA THR A 20 8.84 8.63 3.15
C THR A 20 8.16 8.57 1.78
N ASP A 21 8.42 7.53 0.99
CA ASP A 21 7.71 7.34 -0.27
C ASP A 21 7.55 5.86 -0.68
N ASP A 22 7.12 5.62 -1.93
CA ASP A 22 6.92 4.28 -2.49
C ASP A 22 8.19 3.39 -2.49
N ARG A 23 9.39 3.97 -2.39
CA ARG A 23 10.66 3.24 -2.24
C ARG A 23 10.67 2.39 -0.97
N GLY A 24 10.29 2.96 0.18
CA GLY A 24 10.31 2.27 1.47
C GLY A 24 9.20 1.22 1.58
N LEU A 25 7.98 1.55 1.13
CA LEU A 25 6.88 0.59 1.02
C LEU A 25 7.26 -0.65 0.18
N GLU A 26 7.85 -0.45 -1.01
CA GLU A 26 8.27 -1.54 -1.91
C GLU A 26 9.17 -2.57 -1.20
N ALA A 27 10.12 -2.13 -0.38
CA ALA A 27 11.07 -3.01 0.31
C ALA A 27 10.47 -3.73 1.52
N ALA A 28 9.57 -3.08 2.27
CA ALA A 28 8.89 -3.70 3.41
C ALA A 28 7.87 -4.76 2.95
N PHE A 29 7.14 -4.51 1.86
CA PHE A 29 6.16 -5.46 1.31
C PHE A 29 6.80 -6.58 0.47
N SER A 30 7.97 -6.35 -0.13
CA SER A 30 8.77 -7.41 -0.80
C SER A 30 9.09 -8.60 0.10
N SER A 31 9.12 -8.42 1.43
CA SER A 31 9.34 -9.50 2.40
C SER A 31 8.19 -10.52 2.44
N PHE A 32 6.96 -10.12 2.09
CA PHE A 32 5.77 -10.98 2.21
C PHE A 32 5.48 -11.80 0.94
N GLY A 33 5.96 -11.34 -0.22
CA GLY A 33 5.87 -12.05 -1.50
C GLY A 33 6.39 -11.23 -2.68
N GLU A 34 5.82 -11.43 -3.87
CA GLU A 34 6.25 -10.77 -5.10
C GLU A 34 5.52 -9.44 -5.33
N ILE A 35 6.24 -8.33 -5.14
CA ILE A 35 5.73 -6.95 -5.26
C ILE A 35 5.38 -6.60 -6.72
N LEU A 36 4.30 -5.81 -6.91
CA LEU A 36 3.87 -5.32 -8.23
C LEU A 36 3.93 -3.78 -8.37
N ASP A 37 3.53 -3.02 -7.35
CA ASP A 37 3.51 -1.54 -7.40
C ASP A 37 3.56 -0.92 -6.01
N ALA A 38 3.98 0.34 -5.93
CA ALA A 38 3.40 1.27 -4.96
C ALA A 38 3.37 2.72 -5.46
N LYS A 39 2.38 3.50 -4.95
CA LYS A 39 2.12 4.92 -5.24
C LYS A 39 2.34 5.81 -4.01
N ILE A 40 2.96 6.98 -4.19
CA ILE A 40 2.98 8.08 -3.21
C ILE A 40 2.07 9.23 -3.66
N ILE A 41 1.22 9.78 -2.79
CA ILE A 41 0.32 10.91 -3.14
C ILE A 41 0.45 12.15 -2.23
N ASN A 42 0.54 13.30 -2.91
CA ASN A 42 0.99 14.59 -2.42
C ASN A 42 0.53 15.75 -3.34
N ASP A 43 0.73 17.00 -2.89
CA ASP A 43 0.81 18.18 -3.76
C ASP A 43 2.09 18.96 -3.43
N ARG A 44 3.21 18.64 -4.09
CA ARG A 44 4.50 19.32 -3.84
C ARG A 44 4.48 20.80 -4.25
N GLU A 45 3.61 21.20 -5.18
CA GLU A 45 3.30 22.61 -5.50
C GLU A 45 2.80 23.37 -4.26
N THR A 46 1.76 22.87 -3.59
CA THR A 46 1.22 23.42 -2.32
C THR A 46 2.01 22.94 -1.08
N GLY A 47 3.15 22.26 -1.29
CA GLY A 47 4.04 21.78 -0.24
C GLY A 47 3.44 20.72 0.71
N ARG A 48 2.41 19.97 0.31
CA ARG A 48 1.71 19.02 1.20
C ARG A 48 1.91 17.56 0.79
N SER A 49 1.78 16.66 1.76
CA SER A 49 1.67 15.21 1.56
C SER A 49 0.30 14.72 2.02
N ARG A 50 -0.32 13.79 1.28
CA ARG A 50 -1.48 13.04 1.79
C ARG A 50 -1.00 12.09 2.91
N GLY A 51 0.22 11.58 2.75
CA GLY A 51 0.91 10.74 3.75
C GLY A 51 0.38 9.30 3.80
N PHE A 52 -0.29 8.90 2.72
CA PHE A 52 -0.69 7.53 2.43
C PHE A 52 -0.31 7.20 0.98
N GLY A 53 -0.52 5.95 0.61
CA GLY A 53 -0.25 5.45 -0.72
C GLY A 53 -1.10 4.23 -1.06
N PHE A 54 -0.85 3.69 -2.25
CA PHE A 54 -1.35 2.39 -2.67
C PHE A 54 -0.17 1.41 -2.75
N VAL A 55 -0.41 0.14 -2.47
CA VAL A 55 0.56 -0.96 -2.68
C VAL A 55 -0.15 -2.16 -3.31
N SER A 56 0.52 -2.77 -4.29
CA SER A 56 -0.05 -3.85 -5.11
C SER A 56 0.86 -5.08 -5.17
N PHE A 57 0.25 -6.26 -5.20
CA PHE A 57 0.90 -7.58 -5.16
C PHE A 57 0.72 -8.35 -6.48
N SER A 58 1.57 -9.35 -6.70
CA SER A 58 1.44 -10.33 -7.79
C SER A 58 1.21 -11.79 -7.32
N ASN A 59 0.98 -11.99 -6.01
CA ASN A 59 0.47 -13.24 -5.44
C ASN A 59 -0.71 -12.98 -4.49
N GLU A 60 -1.72 -13.85 -4.55
CA GLU A 60 -2.94 -13.79 -3.73
C GLU A 60 -2.70 -13.91 -2.22
N GLN A 61 -2.00 -14.96 -1.76
CA GLN A 61 -1.78 -15.20 -0.33
C GLN A 61 -0.83 -14.16 0.30
N ALA A 62 0.14 -13.66 -0.47
CA ALA A 62 1.07 -12.62 -0.01
C ALA A 62 0.35 -11.32 0.41
N MET A 63 -0.75 -10.96 -0.29
CA MET A 63 -1.60 -9.83 0.09
C MET A 63 -2.20 -10.01 1.49
N GLN A 64 -2.72 -11.20 1.79
CA GLN A 64 -3.41 -11.47 3.05
C GLN A 64 -2.44 -11.75 4.21
N ASP A 65 -1.30 -12.37 3.94
CA ASP A 65 -0.24 -12.58 4.94
C ASP A 65 0.41 -11.25 5.36
N ALA A 66 0.52 -10.30 4.42
CA ALA A 66 0.88 -8.92 4.72
C ALA A 66 -0.21 -8.22 5.53
N ILE A 67 -1.43 -8.09 5.00
CA ILE A 67 -2.52 -7.29 5.61
C ILE A 67 -2.91 -7.73 7.03
N GLU A 68 -2.86 -9.02 7.40
CA GLU A 68 -3.09 -9.45 8.78
C GLU A 68 -1.91 -9.14 9.73
N GLY A 69 -0.68 -9.04 9.21
CA GLY A 69 0.53 -8.65 9.96
C GLY A 69 0.83 -7.14 9.99
N MET A 70 0.29 -6.39 9.02
CA MET A 70 0.54 -4.96 8.82
C MET A 70 -0.24 -4.06 9.77
N ASN A 71 -1.47 -4.42 10.11
CA ASN A 71 -2.41 -3.47 10.70
C ASN A 71 -2.00 -3.04 12.13
N GLY A 72 -1.51 -1.80 12.24
CA GLY A 72 -0.95 -1.22 13.46
C GLY A 72 0.55 -1.45 13.68
N LYS A 73 1.29 -2.02 12.71
CA LYS A 73 2.75 -2.19 12.79
C LYS A 73 3.47 -0.83 12.74
N GLU A 74 4.69 -0.75 13.28
CA GLU A 74 5.63 0.29 12.85
C GLU A 74 6.21 -0.01 11.45
N LEU A 75 6.16 0.98 10.56
CA LEU A 75 6.81 1.01 9.24
C LEU A 75 7.38 2.43 9.04
N ASP A 76 8.66 2.57 8.70
CA ASP A 76 9.40 3.84 8.79
C ASP A 76 9.36 4.51 10.19
N GLY A 77 9.10 3.69 11.23
CA GLY A 77 8.85 4.08 12.62
C GLY A 77 7.44 4.62 12.91
N ARG A 78 6.60 4.74 11.87
CA ARG A 78 5.23 5.28 11.90
C ARG A 78 4.21 4.15 11.96
N SER A 79 3.08 4.36 12.65
CA SER A 79 2.03 3.34 12.80
C SER A 79 1.23 3.22 11.50
N ILE A 80 1.25 2.05 10.85
CA ILE A 80 0.61 1.81 9.55
C ILE A 80 -0.77 1.18 9.66
N VAL A 81 -1.68 1.54 8.75
CA VAL A 81 -3.05 1.01 8.68
C VAL A 81 -3.30 0.51 7.26
N VAL A 82 -3.93 -0.66 7.14
CA VAL A 82 -4.11 -1.37 5.86
C VAL A 82 -5.59 -1.65 5.56
N ASN A 83 -6.05 -1.30 4.36
CA ASN A 83 -7.42 -1.56 3.89
C ASN A 83 -7.50 -1.73 2.37
N GLU A 84 -8.45 -2.56 1.91
CA GLU A 84 -8.67 -2.92 0.51
C GLU A 84 -8.96 -1.72 -0.40
N ALA A 85 -8.44 -1.75 -1.64
CA ALA A 85 -8.70 -0.71 -2.66
C ALA A 85 -9.57 -1.21 -3.83
N GLN A 86 -9.92 -2.50 -3.87
CA GLN A 86 -10.70 -3.14 -4.93
C GLN A 86 -12.08 -2.48 -5.13
N SER A 87 -12.64 -1.90 -4.06
CA SER A 87 -13.89 -1.14 -4.10
C SER A 87 -13.78 0.28 -4.68
N ARG A 88 -12.56 0.85 -4.81
CA ARG A 88 -12.33 2.25 -5.22
C ARG A 88 -11.46 2.44 -6.49
N GLY A 89 -10.36 1.69 -6.66
CA GLY A 89 -9.38 1.98 -7.73
C GLY A 89 -8.41 0.84 -8.07
N TYR A 90 -7.77 0.96 -9.24
CA TYR A 90 -7.13 -0.17 -9.95
C TYR A 90 -5.82 0.25 -10.67
N GLY A 91 -5.07 -0.72 -11.18
CA GLY A 91 -3.98 -0.50 -12.15
C GLY A 91 -4.46 -0.15 -13.57
N GLY A 92 -5.77 -0.15 -13.81
CA GLY A 92 -6.43 0.33 -15.03
C GLY A 92 -6.91 1.77 -14.89
N MET A 1 -11.39 -14.87 -0.39
CA MET A 1 -10.10 -14.17 -0.16
C MET A 1 -9.13 -14.23 -1.32
N ALA A 2 -9.09 -15.29 -2.14
CA ALA A 2 -8.12 -15.41 -3.21
C ALA A 2 -8.57 -14.59 -4.44
N GLU A 3 -8.21 -13.31 -4.43
CA GLU A 3 -8.56 -12.31 -5.44
C GLU A 3 -8.00 -12.66 -6.83
N SER A 4 -8.83 -13.34 -7.61
CA SER A 4 -8.61 -13.59 -9.04
C SER A 4 -8.51 -12.28 -9.84
N ASP A 5 -7.94 -12.29 -11.04
CA ASP A 5 -7.69 -11.05 -11.80
C ASP A 5 -8.93 -10.36 -12.41
N GLY A 6 -10.15 -10.85 -12.17
CA GLY A 6 -11.38 -10.03 -12.30
C GLY A 6 -11.54 -9.03 -11.14
N ALA A 7 -11.04 -9.41 -9.97
CA ALA A 7 -11.06 -8.69 -8.69
C ALA A 7 -9.72 -7.94 -8.44
N GLU A 8 -9.48 -7.45 -7.21
CA GLU A 8 -8.37 -6.54 -6.91
C GLU A 8 -7.58 -6.89 -5.63
N TYR A 9 -6.38 -7.45 -5.81
CA TYR A 9 -5.36 -7.58 -4.77
C TYR A 9 -4.42 -6.35 -4.80
N ARG A 10 -4.97 -5.24 -4.30
CA ARG A 10 -4.33 -3.92 -4.08
C ARG A 10 -4.92 -3.34 -2.80
N CYS A 11 -4.12 -2.63 -2.01
CA CYS A 11 -4.56 -2.07 -0.73
C CYS A 11 -4.04 -0.65 -0.48
N PHE A 12 -4.82 0.12 0.26
CA PHE A 12 -4.48 1.45 0.77
C PHE A 12 -3.57 1.32 2.00
N VAL A 13 -2.63 2.26 2.13
CA VAL A 13 -1.62 2.31 3.20
C VAL A 13 -1.43 3.75 3.69
N GLY A 14 -1.81 4.02 4.94
CA GLY A 14 -1.51 5.27 5.65
C GLY A 14 -0.24 5.14 6.48
N SER A 15 0.73 6.06 6.33
CA SER A 15 1.98 6.13 7.13
C SER A 15 2.81 7.36 6.80
N LEU A 16 2.82 7.76 5.53
CA LEU A 16 3.90 8.49 4.89
C LEU A 16 4.04 9.94 5.38
N SER A 17 5.18 10.52 5.07
CA SER A 17 5.67 11.79 5.62
C SER A 17 6.62 12.44 4.63
N TRP A 18 7.15 13.61 4.97
CA TRP A 18 8.28 14.20 4.24
C TRP A 18 9.41 13.18 3.97
N ASN A 19 9.72 12.25 4.89
CA ASN A 19 10.84 11.29 4.75
C ASN A 19 10.47 9.95 4.09
N THR A 20 9.20 9.55 4.13
CA THR A 20 8.72 8.25 3.61
C THR A 20 8.30 8.30 2.15
N ASP A 21 8.42 7.20 1.41
CA ASP A 21 7.98 7.10 0.00
C ASP A 21 7.54 5.67 -0.43
N ASP A 22 7.16 5.50 -1.72
CA ASP A 22 6.76 4.18 -2.25
C ASP A 22 7.87 3.13 -2.15
N ARG A 23 9.14 3.52 -2.32
CA ARG A 23 10.28 2.60 -2.16
C ARG A 23 10.50 2.18 -0.70
N GLY A 24 10.07 2.99 0.27
CA GLY A 24 10.10 2.65 1.70
C GLY A 24 9.04 1.61 2.10
N LEU A 25 7.82 1.76 1.56
CA LEU A 25 6.77 0.73 1.64
C LEU A 25 7.22 -0.58 0.99
N GLU A 26 7.79 -0.52 -0.22
CA GLU A 26 8.23 -1.71 -0.96
C GLU A 26 9.30 -2.51 -0.18
N ALA A 27 10.33 -1.84 0.33
CA ALA A 27 11.41 -2.51 1.06
C ALA A 27 10.99 -3.05 2.44
N ALA A 28 9.94 -2.49 3.05
CA ALA A 28 9.32 -3.05 4.25
C ALA A 28 8.63 -4.39 3.96
N PHE A 29 7.88 -4.50 2.86
CA PHE A 29 6.99 -5.63 2.59
C PHE A 29 7.46 -6.67 1.54
N SER A 30 8.60 -6.47 0.86
CA SER A 30 9.09 -7.36 -0.21
C SER A 30 9.32 -8.85 0.16
N SER A 31 9.41 -9.21 1.45
CA SER A 31 9.49 -10.61 1.91
C SER A 31 8.12 -11.28 2.16
N PHE A 32 7.03 -10.52 2.21
CA PHE A 32 5.66 -11.09 2.19
C PHE A 32 5.29 -11.56 0.77
N GLY A 33 5.82 -10.89 -0.26
CA GLY A 33 5.77 -11.34 -1.66
C GLY A 33 6.40 -10.34 -2.63
N GLU A 34 6.57 -10.75 -3.88
CA GLU A 34 7.01 -9.89 -4.98
C GLU A 34 5.95 -8.82 -5.31
N ILE A 35 6.45 -7.64 -5.71
CA ILE A 35 5.69 -6.41 -5.86
C ILE A 35 5.30 -6.13 -7.31
N LEU A 36 4.12 -5.55 -7.51
CA LEU A 36 3.57 -5.17 -8.81
C LEU A 36 3.61 -3.65 -9.04
N ASP A 37 3.25 -2.83 -8.04
CA ASP A 37 3.38 -1.35 -8.02
C ASP A 37 3.16 -0.77 -6.61
N ALA A 38 3.58 0.47 -6.36
CA ALA A 38 3.09 1.27 -5.25
C ALA A 38 2.90 2.75 -5.65
N LYS A 39 1.92 3.41 -5.03
CA LYS A 39 1.57 4.84 -5.17
C LYS A 39 2.05 5.60 -3.94
N ILE A 40 2.61 6.79 -4.16
CA ILE A 40 2.84 7.81 -3.12
C ILE A 40 2.26 9.14 -3.59
N ILE A 41 1.62 9.90 -2.70
CA ILE A 41 1.04 11.21 -3.04
C ILE A 41 1.37 12.35 -2.05
N ASN A 42 1.60 13.53 -2.65
CA ASN A 42 2.02 14.80 -2.05
C ASN A 42 1.62 15.96 -2.98
N ASP A 43 1.62 17.18 -2.45
CA ASP A 43 1.40 18.40 -3.24
C ASP A 43 2.50 18.59 -4.30
N ARG A 44 2.09 18.79 -5.55
CA ARG A 44 3.02 19.03 -6.67
C ARG A 44 3.73 20.38 -6.59
N GLU A 45 3.14 21.37 -5.91
CA GLU A 45 3.71 22.72 -5.76
C GLU A 45 4.77 22.83 -4.66
N THR A 46 4.51 22.28 -3.47
CA THR A 46 5.31 22.51 -2.24
C THR A 46 5.88 21.25 -1.59
N GLY A 47 5.58 20.06 -2.10
CA GLY A 47 6.00 18.78 -1.50
C GLY A 47 5.23 18.40 -0.21
N ARG A 48 4.24 19.20 0.21
CA ARG A 48 3.36 18.94 1.37
C ARG A 48 2.74 17.55 1.27
N SER A 49 3.07 16.67 2.20
CA SER A 49 2.75 15.25 2.12
C SER A 49 1.24 15.00 2.30
N ARG A 50 0.64 14.08 1.54
CA ARG A 50 -0.69 13.53 1.87
C ARG A 50 -0.56 12.47 2.95
N GLY A 51 0.49 11.65 2.84
CA GLY A 51 0.92 10.69 3.85
C GLY A 51 0.29 9.30 3.72
N PHE A 52 -0.22 8.99 2.53
CA PHE A 52 -0.82 7.70 2.20
C PHE A 52 -0.54 7.33 0.73
N GLY A 53 -0.96 6.13 0.36
CA GLY A 53 -1.01 5.69 -1.03
C GLY A 53 -1.65 4.29 -1.16
N PHE A 54 -1.41 3.67 -2.31
CA PHE A 54 -1.77 2.27 -2.60
C PHE A 54 -0.52 1.39 -2.75
N VAL A 55 -0.65 0.08 -2.53
CA VAL A 55 0.41 -0.92 -2.77
C VAL A 55 -0.19 -2.21 -3.34
N SER A 56 0.56 -2.85 -4.25
CA SER A 56 0.10 -3.96 -5.10
C SER A 56 1.12 -5.09 -5.11
N PHE A 57 0.71 -6.30 -4.73
CA PHE A 57 1.52 -7.53 -4.90
C PHE A 57 1.21 -8.21 -6.23
N SER A 58 2.08 -9.12 -6.68
CA SER A 58 1.85 -9.92 -7.91
C SER A 58 1.17 -11.29 -7.67
N ASN A 59 0.94 -11.70 -6.41
CA ASN A 59 0.27 -12.95 -6.03
C ASN A 59 -0.73 -12.77 -4.87
N GLU A 60 -1.73 -13.65 -4.80
CA GLU A 60 -2.92 -13.51 -3.94
C GLU A 60 -2.65 -13.86 -2.46
N GLN A 61 -2.06 -15.03 -2.19
CA GLN A 61 -1.77 -15.50 -0.82
C GLN A 61 -0.84 -14.53 -0.06
N ALA A 62 0.12 -13.95 -0.79
CA ALA A 62 1.04 -12.93 -0.29
C ALA A 62 0.30 -11.67 0.19
N MET A 63 -0.68 -11.18 -0.59
CA MET A 63 -1.44 -9.97 -0.25
C MET A 63 -2.26 -10.14 1.05
N GLN A 64 -2.90 -11.30 1.25
CA GLN A 64 -3.72 -11.51 2.45
C GLN A 64 -2.88 -11.80 3.71
N ASP A 65 -1.70 -12.42 3.57
CA ASP A 65 -0.75 -12.55 4.68
C ASP A 65 -0.05 -11.22 4.99
N ALA A 66 0.13 -10.36 3.98
CA ALA A 66 0.61 -8.99 4.18
C ALA A 66 -0.42 -8.14 4.93
N ILE A 67 -1.71 -8.14 4.57
CA ILE A 67 -2.76 -7.41 5.30
C ILE A 67 -2.85 -7.87 6.78
N GLU A 68 -2.90 -9.20 6.99
CA GLU A 68 -2.87 -9.81 8.33
C GLU A 68 -1.63 -9.40 9.16
N GLY A 69 -0.51 -9.13 8.49
CA GLY A 69 0.74 -8.65 9.11
C GLY A 69 0.87 -7.12 9.22
N MET A 70 0.22 -6.32 8.38
CA MET A 70 0.47 -4.88 8.26
C MET A 70 -0.02 -4.08 9.46
N ASN A 71 -1.26 -4.32 9.93
CA ASN A 71 -1.96 -3.33 10.76
C ASN A 71 -1.19 -2.95 12.05
N GLY A 72 -0.68 -1.72 12.10
CA GLY A 72 0.02 -1.13 13.25
C GLY A 72 1.53 -1.41 13.36
N LYS A 73 2.19 -1.98 12.35
CA LYS A 73 3.67 -2.06 12.29
C LYS A 73 4.33 -0.65 12.23
N GLU A 74 5.59 -0.52 12.63
CA GLU A 74 6.35 0.75 12.60
C GLU A 74 7.38 0.79 11.44
N LEU A 75 7.09 1.55 10.37
CA LEU A 75 7.94 1.72 9.18
C LEU A 75 8.32 3.20 9.04
N ASP A 76 9.59 3.54 8.77
CA ASP A 76 10.11 4.92 8.94
C ASP A 76 9.86 5.50 10.37
N GLY A 77 9.62 4.64 11.35
CA GLY A 77 9.11 5.02 12.68
C GLY A 77 7.64 5.47 12.70
N ARG A 78 6.93 5.41 11.57
CA ARG A 78 5.51 5.76 11.41
C ARG A 78 4.65 4.50 11.59
N SER A 79 3.52 4.61 12.28
CA SER A 79 2.59 3.48 12.46
C SER A 79 1.67 3.33 11.24
N ILE A 80 1.60 2.12 10.66
CA ILE A 80 0.87 1.85 9.42
C ILE A 80 -0.61 1.45 9.63
N VAL A 81 -1.47 1.86 8.69
CA VAL A 81 -2.92 1.58 8.65
C VAL A 81 -3.26 1.00 7.28
N VAL A 82 -4.10 -0.04 7.23
CA VAL A 82 -4.39 -0.82 6.00
C VAL A 82 -5.87 -1.08 5.74
N ASN A 83 -6.25 -1.15 4.46
CA ASN A 83 -7.38 -1.94 3.95
C ASN A 83 -7.26 -2.17 2.43
N GLU A 84 -7.94 -3.18 1.90
CA GLU A 84 -8.06 -3.42 0.46
C GLU A 84 -8.75 -2.24 -0.28
N ALA A 85 -8.43 -2.05 -1.56
CA ALA A 85 -8.66 -0.80 -2.29
C ALA A 85 -9.84 -0.80 -3.29
N GLN A 86 -10.64 -1.86 -3.39
CA GLN A 86 -11.57 -2.03 -4.52
C GLN A 86 -12.66 -0.95 -4.62
N SER A 87 -13.06 -0.35 -3.49
CA SER A 87 -14.17 0.61 -3.42
C SER A 87 -13.73 2.05 -3.71
N ARG A 88 -12.54 2.47 -3.24
CA ARG A 88 -11.99 3.79 -3.60
C ARG A 88 -11.67 3.87 -5.10
N GLY A 89 -11.10 2.80 -5.66
CA GLY A 89 -10.82 2.66 -7.10
C GLY A 89 -11.95 2.07 -7.95
N TYR A 90 -13.18 2.01 -7.43
CA TYR A 90 -14.33 1.46 -8.16
C TYR A 90 -14.69 2.35 -9.37
N GLY A 91 -15.20 1.72 -10.43
CA GLY A 91 -15.41 2.35 -11.73
C GLY A 91 -16.44 3.48 -11.77
N GLY A 92 -16.32 4.30 -12.82
CA GLY A 92 -17.20 5.43 -13.13
C GLY A 92 -18.44 5.02 -13.89
N MET A 1 -11.81 -13.17 3.66
CA MET A 1 -12.18 -12.89 2.26
C MET A 1 -11.19 -13.49 1.30
N ALA A 2 -11.62 -13.75 0.06
CA ALA A 2 -10.78 -14.29 -1.00
C ALA A 2 -10.99 -13.54 -2.33
N GLU A 3 -9.94 -12.86 -2.80
CA GLU A 3 -9.83 -12.27 -4.13
C GLU A 3 -9.84 -13.37 -5.22
N SER A 4 -11.05 -13.71 -5.67
CA SER A 4 -11.34 -14.70 -6.72
C SER A 4 -10.98 -14.20 -8.14
N ASP A 5 -11.31 -14.97 -9.18
CA ASP A 5 -10.88 -14.74 -10.57
C ASP A 5 -11.32 -13.39 -11.19
N GLY A 6 -12.30 -12.69 -10.60
CA GLY A 6 -12.75 -11.35 -10.98
C GLY A 6 -12.02 -10.18 -10.30
N ALA A 7 -11.22 -10.44 -9.26
CA ALA A 7 -10.58 -9.43 -8.40
C ALA A 7 -9.04 -9.38 -8.56
N GLU A 8 -8.40 -8.32 -8.05
CA GLU A 8 -6.93 -8.14 -8.05
C GLU A 8 -6.36 -7.81 -6.65
N TYR A 9 -5.05 -7.99 -6.45
CA TYR A 9 -4.44 -7.95 -5.12
C TYR A 9 -3.85 -6.56 -4.83
N ARG A 10 -4.71 -5.59 -4.48
CA ARG A 10 -4.38 -4.17 -4.33
C ARG A 10 -5.05 -3.52 -3.11
N CYS A 11 -4.29 -2.76 -2.32
CA CYS A 11 -4.71 -2.23 -1.02
C CYS A 11 -4.07 -0.87 -0.67
N PHE A 12 -4.73 -0.12 0.20
CA PHE A 12 -4.33 1.18 0.75
C PHE A 12 -3.37 1.05 1.95
N VAL A 13 -2.42 2.00 2.06
CA VAL A 13 -1.36 2.03 3.08
C VAL A 13 -1.20 3.47 3.59
N GLY A 14 -1.57 3.77 4.84
CA GLY A 14 -1.27 5.07 5.46
C GLY A 14 -0.21 4.93 6.55
N SER A 15 0.94 5.60 6.40
CA SER A 15 2.06 5.66 7.38
C SER A 15 3.20 6.62 6.99
N LEU A 16 3.17 7.23 5.81
CA LEU A 16 4.31 7.96 5.25
C LEU A 16 4.45 9.34 5.89
N SER A 17 5.60 9.96 5.64
CA SER A 17 5.97 11.33 6.04
C SER A 17 6.60 12.04 4.84
N TRP A 18 6.89 13.34 4.91
CA TRP A 18 7.24 14.16 3.72
C TRP A 18 8.45 13.67 2.90
N ASN A 19 9.36 12.86 3.48
CA ASN A 19 10.51 12.25 2.80
C ASN A 19 10.36 10.71 2.61
N THR A 20 9.40 10.04 3.25
CA THR A 20 9.05 8.63 2.95
C THR A 20 8.29 8.54 1.63
N ASP A 21 8.49 7.48 0.86
CA ASP A 21 7.80 7.29 -0.42
C ASP A 21 7.49 5.81 -0.76
N ASP A 22 6.98 5.57 -1.97
CA ASP A 22 6.63 4.22 -2.44
C ASP A 22 7.81 3.22 -2.41
N ARG A 23 9.05 3.68 -2.62
CA ARG A 23 10.27 2.85 -2.47
C ARG A 23 10.41 2.25 -1.07
N GLY A 24 9.98 3.01 -0.04
CA GLY A 24 10.06 2.61 1.36
C GLY A 24 9.05 1.54 1.76
N LEU A 25 7.77 1.72 1.39
CA LEU A 25 6.76 0.66 1.60
C LEU A 25 7.02 -0.57 0.71
N GLU A 26 7.52 -0.39 -0.53
CA GLU A 26 7.95 -1.49 -1.40
C GLU A 26 9.08 -2.32 -0.75
N ALA A 27 10.02 -1.68 -0.06
CA ALA A 27 11.13 -2.34 0.64
C ALA A 27 10.73 -2.98 1.98
N ALA A 28 9.68 -2.49 2.62
CA ALA A 28 9.07 -3.15 3.77
C ALA A 28 8.35 -4.45 3.35
N PHE A 29 7.64 -4.44 2.21
CA PHE A 29 6.73 -5.54 1.81
C PHE A 29 7.23 -6.50 0.73
N SER A 30 8.30 -6.18 -0.04
CA SER A 30 8.80 -7.08 -1.10
C SER A 30 9.25 -8.47 -0.58
N SER A 31 9.54 -8.59 0.72
CA SER A 31 9.88 -9.85 1.39
C SER A 31 8.69 -10.80 1.59
N PHE A 32 7.44 -10.30 1.49
CA PHE A 32 6.21 -11.11 1.54
C PHE A 32 5.85 -11.68 0.16
N GLY A 33 6.14 -10.95 -0.92
CA GLY A 33 5.84 -11.34 -2.30
C GLY A 33 6.25 -10.28 -3.32
N GLU A 34 5.97 -10.54 -4.59
CA GLU A 34 6.37 -9.71 -5.71
C GLU A 34 5.43 -8.51 -5.89
N ILE A 35 5.97 -7.29 -5.78
CA ILE A 35 5.24 -6.04 -6.00
C ILE A 35 5.04 -5.75 -7.48
N LEU A 36 3.82 -5.32 -7.84
CA LEU A 36 3.46 -4.77 -9.15
C LEU A 36 3.47 -3.25 -9.14
N ASP A 37 2.90 -2.61 -8.11
CA ASP A 37 2.78 -1.15 -8.01
C ASP A 37 2.89 -0.68 -6.56
N ALA A 38 3.40 0.53 -6.37
CA ALA A 38 3.37 1.24 -5.10
C ALA A 38 3.28 2.75 -5.39
N LYS A 39 2.31 3.43 -4.78
CA LYS A 39 1.98 4.85 -5.01
C LYS A 39 2.40 5.71 -3.83
N ILE A 40 2.94 6.89 -4.10
CA ILE A 40 3.09 8.00 -3.12
C ILE A 40 2.18 9.16 -3.55
N ILE A 41 1.56 9.87 -2.60
CA ILE A 41 0.89 11.15 -2.86
C ILE A 41 1.34 12.29 -1.90
N ASN A 42 1.65 13.45 -2.50
CA ASN A 42 2.02 14.72 -1.87
C ASN A 42 1.75 15.91 -2.83
N ASP A 43 1.68 17.15 -2.33
CA ASP A 43 1.84 18.37 -3.14
C ASP A 43 3.26 18.93 -2.98
N ARG A 44 4.16 18.63 -3.94
CA ARG A 44 5.57 19.04 -3.91
C ARG A 44 5.73 20.56 -3.85
N GLU A 45 4.87 21.30 -4.54
CA GLU A 45 4.97 22.76 -4.65
C GLU A 45 4.71 23.50 -3.33
N THR A 46 3.92 22.91 -2.43
CA THR A 46 3.67 23.39 -1.05
C THR A 46 4.41 22.57 0.01
N GLY A 47 5.19 21.56 -0.41
CA GLY A 47 5.90 20.63 0.47
C GLY A 47 5.00 19.72 1.32
N ARG A 48 3.70 19.66 1.00
CA ARG A 48 2.61 19.06 1.80
C ARG A 48 2.52 17.55 1.60
N SER A 49 2.75 16.78 2.65
CA SER A 49 2.45 15.34 2.64
C SER A 49 0.93 15.09 2.64
N ARG A 50 0.50 14.01 1.98
CA ARG A 50 -0.75 13.31 2.33
C ARG A 50 -0.45 12.11 3.23
N GLY A 51 0.70 11.47 3.01
CA GLY A 51 1.28 10.49 3.94
C GLY A 51 0.71 9.08 3.82
N PHE A 52 0.13 8.77 2.66
CA PHE A 52 -0.45 7.47 2.32
C PHE A 52 -0.19 7.13 0.85
N GLY A 53 -0.54 5.90 0.49
CA GLY A 53 -0.35 5.32 -0.83
C GLY A 53 -1.21 4.09 -1.08
N PHE A 54 -1.00 3.49 -2.23
CA PHE A 54 -1.47 2.14 -2.59
C PHE A 54 -0.29 1.19 -2.73
N VAL A 55 -0.53 -0.11 -2.57
CA VAL A 55 0.41 -1.18 -2.85
C VAL A 55 -0.32 -2.37 -3.51
N SER A 56 0.33 -3.05 -4.45
CA SER A 56 -0.22 -4.25 -5.11
C SER A 56 0.79 -5.36 -5.37
N PHE A 57 0.31 -6.60 -5.39
CA PHE A 57 1.10 -7.83 -5.41
C PHE A 57 0.78 -8.75 -6.60
N SER A 58 1.70 -9.67 -6.90
CA SER A 58 1.56 -10.73 -7.92
C SER A 58 0.71 -11.92 -7.45
N ASN A 59 0.54 -12.09 -6.13
CA ASN A 59 -0.32 -13.10 -5.50
C ASN A 59 -1.17 -12.53 -4.34
N GLU A 60 -2.33 -13.15 -4.14
CA GLU A 60 -3.22 -12.95 -2.99
C GLU A 60 -2.59 -13.42 -1.66
N GLN A 61 -1.80 -14.50 -1.71
CA GLN A 61 -1.07 -15.06 -0.57
C GLN A 61 -0.19 -14.01 0.15
N ALA A 62 0.52 -13.22 -0.64
CA ALA A 62 1.42 -12.18 -0.15
C ALA A 62 0.65 -10.96 0.38
N MET A 63 -0.34 -10.49 -0.37
CA MET A 63 -1.13 -9.31 -0.02
C MET A 63 -1.85 -9.47 1.33
N GLN A 64 -2.52 -10.60 1.55
CA GLN A 64 -3.31 -10.81 2.77
C GLN A 64 -2.43 -11.17 3.98
N ASP A 65 -1.31 -11.88 3.81
CA ASP A 65 -0.37 -12.11 4.93
C ASP A 65 0.41 -10.84 5.29
N ALA A 66 0.65 -9.94 4.33
CA ALA A 66 1.22 -8.63 4.59
C ALA A 66 0.22 -7.75 5.37
N ILE A 67 -1.00 -7.57 4.87
CA ILE A 67 -2.09 -6.80 5.49
C ILE A 67 -2.42 -7.28 6.91
N GLU A 68 -2.46 -8.60 7.13
CA GLU A 68 -2.66 -9.21 8.45
C GLU A 68 -1.62 -8.74 9.49
N GLY A 69 -0.39 -8.44 9.05
CA GLY A 69 0.67 -7.83 9.86
C GLY A 69 0.59 -6.30 9.92
N MET A 70 0.36 -5.61 8.80
CA MET A 70 0.33 -4.13 8.71
C MET A 70 -0.67 -3.50 9.68
N ASN A 71 -1.82 -4.15 9.86
CA ASN A 71 -2.92 -3.70 10.71
C ASN A 71 -2.48 -3.62 12.19
N GLY A 72 -2.03 -2.43 12.62
CA GLY A 72 -1.56 -2.16 13.98
C GLY A 72 -0.03 -2.16 14.17
N LYS A 73 0.78 -2.03 13.12
CA LYS A 73 2.25 -1.86 13.25
C LYS A 73 2.69 -0.41 13.47
N GLU A 74 3.94 -0.25 13.89
CA GLU A 74 4.73 0.96 13.66
C GLU A 74 5.61 0.74 12.42
N LEU A 75 5.65 1.70 11.49
CA LEU A 75 6.45 1.64 10.27
C LEU A 75 6.94 3.04 9.87
N ASP A 76 8.23 3.17 9.57
CA ASP A 76 8.97 4.44 9.52
C ASP A 76 8.69 5.37 10.74
N GLY A 77 8.49 4.78 11.93
CA GLY A 77 8.21 5.52 13.18
C GLY A 77 6.79 6.08 13.29
N ARG A 78 5.88 5.67 12.39
CA ARG A 78 4.48 6.12 12.28
C ARG A 78 3.53 4.93 12.48
N SER A 79 2.29 5.19 12.91
CA SER A 79 1.29 4.13 13.07
C SER A 79 0.66 3.76 11.72
N ILE A 80 1.02 2.60 11.17
CA ILE A 80 0.51 2.11 9.89
C ILE A 80 -0.94 1.60 10.02
N VAL A 81 -1.79 2.01 9.07
CA VAL A 81 -3.22 1.69 9.00
C VAL A 81 -3.55 1.27 7.57
N VAL A 82 -4.41 0.25 7.43
CA VAL A 82 -4.59 -0.50 6.17
C VAL A 82 -6.04 -0.85 5.83
N ASN A 83 -6.35 -0.92 4.53
CA ASN A 83 -7.50 -1.65 4.01
C ASN A 83 -7.33 -2.02 2.53
N GLU A 84 -8.07 -2.99 2.03
CA GLU A 84 -8.18 -3.32 0.61
C GLU A 84 -8.72 -2.16 -0.26
N ALA A 85 -8.31 -2.13 -1.53
CA ALA A 85 -8.70 -1.10 -2.50
C ALA A 85 -9.41 -1.68 -3.74
N GLN A 86 -9.37 -3.00 -3.94
CA GLN A 86 -10.06 -3.68 -5.05
C GLN A 86 -11.58 -3.45 -5.06
N SER A 87 -12.18 -3.10 -3.92
CA SER A 87 -13.60 -2.71 -3.82
C SER A 87 -13.94 -1.37 -4.49
N ARG A 88 -12.97 -0.44 -4.62
CA ARG A 88 -13.12 0.87 -5.29
C ARG A 88 -12.81 0.80 -6.80
N GLY A 89 -12.02 -0.20 -7.22
CA GLY A 89 -11.53 -0.36 -8.60
C GLY A 89 -12.54 -0.94 -9.61
N TYR A 90 -12.10 -1.09 -10.86
CA TYR A 90 -12.87 -1.69 -11.95
C TYR A 90 -12.63 -3.22 -12.00
N GLY A 91 -13.70 -4.00 -12.19
CA GLY A 91 -13.67 -5.47 -12.14
C GLY A 91 -13.11 -6.16 -13.38
N GLY A 92 -12.98 -7.49 -13.31
CA GLY A 92 -12.44 -8.35 -14.36
C GLY A 92 -13.41 -8.78 -15.46
N MET A 1 -11.62 -13.84 -3.60
CA MET A 1 -12.90 -14.44 -4.03
C MET A 1 -12.76 -14.76 -5.51
N ALA A 2 -13.41 -13.99 -6.39
CA ALA A 2 -13.21 -14.04 -7.84
C ALA A 2 -12.92 -12.61 -8.33
N GLU A 3 -11.63 -12.28 -8.40
CA GLU A 3 -11.07 -11.00 -8.84
C GLU A 3 -10.79 -11.06 -10.34
N SER A 4 -11.82 -10.82 -11.15
CA SER A 4 -11.77 -10.82 -12.63
C SER A 4 -10.73 -9.83 -13.17
N ASP A 5 -10.33 -9.98 -14.44
CA ASP A 5 -9.19 -9.23 -15.03
C ASP A 5 -9.25 -7.69 -14.89
N GLY A 6 -10.42 -7.08 -14.77
CA GLY A 6 -10.60 -5.65 -14.51
C GLY A 6 -10.28 -5.21 -13.06
N ALA A 7 -10.35 -6.13 -12.10
CA ALA A 7 -9.94 -5.95 -10.71
C ALA A 7 -8.49 -6.46 -10.49
N GLU A 8 -7.83 -5.94 -9.46
CA GLU A 8 -6.43 -6.27 -9.16
C GLU A 8 -6.16 -6.46 -7.66
N TYR A 9 -5.08 -7.17 -7.34
CA TYR A 9 -4.74 -7.56 -5.96
C TYR A 9 -3.95 -6.42 -5.29
N ARG A 10 -4.69 -5.40 -4.85
CA ARG A 10 -4.18 -4.10 -4.38
C ARG A 10 -4.82 -3.70 -3.03
N CYS A 11 -4.05 -3.03 -2.17
CA CYS A 11 -4.54 -2.42 -0.93
C CYS A 11 -4.05 -0.97 -0.77
N PHE A 12 -4.79 -0.20 0.02
CA PHE A 12 -4.46 1.16 0.46
C PHE A 12 -3.66 1.10 1.79
N VAL A 13 -2.68 1.99 1.93
CA VAL A 13 -1.61 1.95 2.95
C VAL A 13 -1.34 3.37 3.44
N GLY A 14 -1.11 3.60 4.75
CA GLY A 14 -0.68 4.93 5.21
C GLY A 14 0.02 5.02 6.56
N SER A 15 1.24 5.56 6.52
CA SER A 15 2.09 6.05 7.64
C SER A 15 3.01 7.21 7.22
N LEU A 16 2.96 7.61 5.95
CA LEU A 16 4.08 8.29 5.30
C LEU A 16 4.21 9.75 5.74
N SER A 17 5.39 10.28 5.47
CA SER A 17 5.87 11.60 5.90
C SER A 17 6.61 12.25 4.74
N TRP A 18 6.93 13.54 4.84
CA TRP A 18 7.65 14.32 3.82
C TRP A 18 8.88 13.61 3.21
N ASN A 19 9.59 12.80 3.99
CA ASN A 19 10.79 12.07 3.56
C ASN A 19 10.54 10.59 3.15
N THR A 20 9.38 10.03 3.48
CA THR A 20 8.98 8.66 3.08
C THR A 20 8.28 8.70 1.73
N ASP A 21 8.54 7.71 0.89
CA ASP A 21 7.81 7.52 -0.36
C ASP A 21 7.54 6.03 -0.64
N ASP A 22 7.15 5.67 -1.87
CA ASP A 22 6.94 4.29 -2.32
C ASP A 22 8.10 3.34 -1.93
N ARG A 23 9.35 3.78 -1.99
CA ARG A 23 10.54 3.01 -1.59
C ARG A 23 10.40 2.39 -0.18
N GLY A 24 9.81 3.09 0.78
CA GLY A 24 9.64 2.61 2.15
C GLY A 24 8.59 1.50 2.28
N LEU A 25 7.42 1.67 1.66
CA LEU A 25 6.38 0.61 1.64
C LEU A 25 6.75 -0.58 0.73
N GLU A 26 7.53 -0.34 -0.33
CA GLU A 26 8.14 -1.37 -1.18
C GLU A 26 9.09 -2.26 -0.36
N ALA A 27 10.03 -1.67 0.38
CA ALA A 27 10.98 -2.43 1.19
C ALA A 27 10.28 -3.25 2.29
N ALA A 28 9.22 -2.70 2.90
CA ALA A 28 8.44 -3.39 3.92
C ALA A 28 7.62 -4.56 3.38
N PHE A 29 7.06 -4.43 2.17
CA PHE A 29 6.30 -5.50 1.50
C PHE A 29 7.20 -6.51 0.79
N SER A 30 8.45 -6.18 0.47
CA SER A 30 9.33 -7.01 -0.38
C SER A 30 9.56 -8.45 0.14
N SER A 31 9.36 -8.70 1.45
CA SER A 31 9.41 -10.04 2.07
C SER A 31 8.12 -10.87 1.90
N PHE A 32 7.01 -10.21 1.58
CA PHE A 32 5.71 -10.80 1.25
C PHE A 32 5.52 -11.01 -0.26
N GLY A 33 6.16 -10.22 -1.13
CA GLY A 33 6.04 -10.40 -2.58
C GLY A 33 6.87 -9.46 -3.46
N GLU A 34 6.68 -9.59 -4.77
CA GLU A 34 7.36 -8.81 -5.81
C GLU A 34 6.39 -7.84 -6.49
N ILE A 35 6.69 -6.54 -6.35
CA ILE A 35 5.74 -5.43 -6.50
C ILE A 35 5.23 -5.25 -7.93
N LEU A 36 3.91 -5.06 -8.08
CA LEU A 36 3.29 -4.59 -9.32
C LEU A 36 2.95 -3.08 -9.30
N ASP A 37 2.69 -2.47 -8.14
CA ASP A 37 2.42 -1.02 -7.98
C ASP A 37 2.91 -0.53 -6.62
N ALA A 38 3.41 0.71 -6.57
CA ALA A 38 3.70 1.45 -5.34
C ALA A 38 3.48 2.96 -5.58
N LYS A 39 2.41 3.52 -5.00
CA LYS A 39 2.03 4.95 -5.09
C LYS A 39 2.41 5.68 -3.80
N ILE A 40 2.86 6.92 -3.93
CA ILE A 40 2.90 7.93 -2.86
C ILE A 40 1.97 9.08 -3.30
N ILE A 41 1.19 9.68 -2.40
CA ILE A 41 0.49 10.94 -2.66
C ILE A 41 0.92 12.05 -1.69
N ASN A 42 1.49 13.11 -2.26
CA ASN A 42 2.06 14.28 -1.58
C ASN A 42 2.12 15.45 -2.59
N ASP A 43 1.86 16.70 -2.18
CA ASP A 43 2.35 17.90 -2.90
C ASP A 43 3.46 18.57 -2.07
N ARG A 44 4.71 18.12 -2.26
CA ARG A 44 5.84 18.41 -1.35
C ARG A 44 6.37 19.85 -1.43
N GLU A 45 6.10 20.59 -2.52
CA GLU A 45 6.46 22.01 -2.64
C GLU A 45 5.63 22.93 -1.72
N THR A 46 4.44 22.49 -1.30
CA THR A 46 3.60 23.13 -0.26
C THR A 46 3.53 22.30 1.03
N GLY A 47 4.43 21.32 1.18
CA GLY A 47 4.53 20.45 2.35
C GLY A 47 3.32 19.53 2.60
N ARG A 48 2.47 19.32 1.59
CA ARG A 48 1.16 18.67 1.71
C ARG A 48 1.28 17.14 1.69
N SER A 49 1.85 16.58 2.77
CA SER A 49 2.02 15.14 2.93
C SER A 49 0.67 14.46 3.22
N ARG A 50 0.00 13.91 2.19
CA ARG A 50 -1.22 13.12 2.41
C ARG A 50 -0.91 11.82 3.16
N GLY A 51 0.33 11.33 3.03
CA GLY A 51 0.93 10.32 3.92
C GLY A 51 0.44 8.89 3.67
N PHE A 52 -0.12 8.64 2.49
CA PHE A 52 -0.76 7.40 2.09
C PHE A 52 -0.31 6.99 0.68
N GLY A 53 -0.64 5.76 0.30
CA GLY A 53 -0.30 5.15 -0.97
C GLY A 53 -1.10 3.88 -1.26
N PHE A 54 -0.86 3.31 -2.44
CA PHE A 54 -1.31 1.97 -2.83
C PHE A 54 -0.11 1.03 -2.96
N VAL A 55 -0.31 -0.25 -2.66
CA VAL A 55 0.64 -1.34 -2.96
C VAL A 55 -0.10 -2.54 -3.56
N SER A 56 0.55 -3.31 -4.44
CA SER A 56 -0.06 -4.49 -5.06
C SER A 56 0.94 -5.63 -5.36
N PHE A 57 0.41 -6.85 -5.40
CA PHE A 57 1.09 -8.08 -5.81
C PHE A 57 0.36 -8.74 -6.99
N SER A 58 0.91 -9.85 -7.49
CA SER A 58 0.28 -10.70 -8.51
C SER A 58 -0.90 -11.53 -7.98
N ASN A 59 -1.06 -11.67 -6.65
CA ASN A 59 -2.11 -12.51 -6.01
C ASN A 59 -2.59 -12.01 -4.62
N GLU A 60 -3.76 -12.48 -4.19
CA GLU A 60 -4.47 -12.02 -2.97
C GLU A 60 -3.86 -12.55 -1.67
N GLN A 61 -3.35 -13.79 -1.67
CA GLN A 61 -2.95 -14.51 -0.46
C GLN A 61 -1.82 -13.79 0.29
N ALA A 62 -0.79 -13.34 -0.44
CA ALA A 62 0.29 -12.52 0.09
C ALA A 62 -0.17 -11.11 0.48
N MET A 63 -1.07 -10.48 -0.28
CA MET A 63 -1.66 -9.18 0.10
C MET A 63 -2.37 -9.24 1.46
N GLN A 64 -3.13 -10.32 1.72
CA GLN A 64 -3.86 -10.50 2.98
C GLN A 64 -2.97 -10.94 4.13
N ASP A 65 -1.93 -11.75 3.88
CA ASP A 65 -0.88 -12.07 4.85
C ASP A 65 -0.08 -10.82 5.26
N ALA A 66 0.13 -9.88 4.33
CA ALA A 66 0.72 -8.58 4.62
C ALA A 66 -0.21 -7.70 5.46
N ILE A 67 -1.50 -7.56 5.11
CA ILE A 67 -2.52 -6.87 5.92
C ILE A 67 -2.60 -7.45 7.36
N GLU A 68 -2.44 -8.76 7.53
CA GLU A 68 -2.32 -9.41 8.86
C GLU A 68 -1.04 -9.03 9.64
N GLY A 69 0.05 -8.68 8.93
CA GLY A 69 1.35 -8.26 9.50
C GLY A 69 1.61 -6.74 9.56
N MET A 70 0.74 -5.93 8.94
CA MET A 70 0.86 -4.47 8.80
C MET A 70 0.08 -3.70 9.86
N ASN A 71 -1.14 -4.14 10.18
CA ASN A 71 -2.13 -3.31 10.86
C ASN A 71 -1.68 -2.86 12.27
N GLY A 72 -1.38 -1.56 12.41
CA GLY A 72 -0.95 -0.92 13.65
C GLY A 72 0.58 -0.91 13.89
N LYS A 73 1.40 -1.34 12.93
CA LYS A 73 2.88 -1.39 13.08
C LYS A 73 3.55 -0.01 13.17
N GLU A 74 4.79 0.01 13.65
CA GLU A 74 5.68 1.17 13.66
C GLU A 74 6.72 1.01 12.54
N LEU A 75 6.59 1.83 11.49
CA LEU A 75 7.27 1.66 10.21
C LEU A 75 7.68 3.00 9.64
N ASP A 76 8.94 3.10 9.20
CA ASP A 76 9.66 4.37 9.02
C ASP A 76 9.66 5.27 10.29
N GLY A 77 9.51 4.65 11.46
CA GLY A 77 9.29 5.29 12.76
C GLY A 77 7.84 5.72 13.06
N ARG A 78 6.91 5.55 12.11
CA ARG A 78 5.54 6.11 12.13
C ARG A 78 4.47 5.01 12.22
N SER A 79 3.29 5.34 12.75
CA SER A 79 2.16 4.40 12.90
C SER A 79 1.48 4.11 11.55
N ILE A 80 1.28 2.84 11.17
CA ILE A 80 0.74 2.42 9.87
C ILE A 80 -0.65 1.77 9.90
N VAL A 81 -1.45 2.14 8.91
CA VAL A 81 -2.84 1.70 8.65
C VAL A 81 -2.95 1.01 7.29
N VAL A 82 -3.84 0.01 7.19
CA VAL A 82 -4.07 -0.82 6.00
C VAL A 82 -5.57 -1.06 5.74
N ASN A 83 -6.01 -1.06 4.47
CA ASN A 83 -7.32 -1.63 4.04
C ASN A 83 -7.37 -1.98 2.54
N GLU A 84 -8.25 -2.91 2.16
CA GLU A 84 -8.40 -3.43 0.79
C GLU A 84 -8.79 -2.37 -0.27
N ALA A 85 -8.25 -2.48 -1.50
CA ALA A 85 -8.45 -1.55 -2.62
C ALA A 85 -8.79 -2.23 -3.98
N GLN A 86 -9.46 -3.40 -3.94
CA GLN A 86 -9.73 -4.28 -5.08
C GLN A 86 -11.15 -4.19 -5.70
N SER A 87 -12.12 -3.55 -5.03
CA SER A 87 -13.53 -3.52 -5.44
C SER A 87 -13.84 -2.66 -6.67
N ARG A 88 -13.11 -1.56 -6.92
CA ARG A 88 -13.46 -0.55 -7.95
C ARG A 88 -13.30 -1.00 -9.41
N GLY A 89 -12.67 -2.16 -9.63
CA GLY A 89 -12.51 -2.79 -10.95
C GLY A 89 -13.68 -3.65 -11.42
N TYR A 90 -14.74 -3.78 -10.60
CA TYR A 90 -15.88 -4.68 -10.81
C TYR A 90 -17.23 -3.95 -10.82
N GLY A 91 -18.15 -4.42 -11.67
CA GLY A 91 -19.57 -4.02 -11.65
C GLY A 91 -20.48 -5.11 -12.26
N GLY A 92 -21.62 -5.36 -11.61
CA GLY A 92 -22.65 -6.33 -12.05
C GLY A 92 -23.92 -6.24 -11.21
#